data_9E7Q
# 
_entry.id   9E7Q 
# 
_audit_conform.dict_name       mmcif_pdbx.dic 
_audit_conform.dict_version    5.406 
_audit_conform.dict_location   http://mmcif.pdb.org/dictionaries/ascii/mmcif_pdbx.dic 
# 
loop_
_database_2.database_id 
_database_2.database_code 
_database_2.pdbx_database_accession 
_database_2.pdbx_DOI 
PDB   9E7Q         pdb_00009e7q 10.2210/pdb9e7q/pdb 
WWPDB D_1000289749 ?            ?                   
# 
_pdbx_audit_revision_history.ordinal             1 
_pdbx_audit_revision_history.data_content_type   'Structure model' 
_pdbx_audit_revision_history.major_revision      1 
_pdbx_audit_revision_history.minor_revision      0 
_pdbx_audit_revision_history.revision_date       2025-11-12 
_pdbx_audit_revision_history.part_number         ? 
# 
_pdbx_audit_revision_details.ordinal             1 
_pdbx_audit_revision_details.revision_ordinal    1 
_pdbx_audit_revision_details.data_content_type   'Structure model' 
_pdbx_audit_revision_details.provider            repository 
_pdbx_audit_revision_details.type                'Initial release' 
_pdbx_audit_revision_details.description         ? 
_pdbx_audit_revision_details.details             ? 
# 
_pdbx_database_status.status_code                     REL 
_pdbx_database_status.status_code_sf                  REL 
_pdbx_database_status.status_code_mr                  ? 
_pdbx_database_status.entry_id                        9E7Q 
_pdbx_database_status.recvd_initial_deposition_date   2024-11-04 
_pdbx_database_status.SG_entry                        N 
_pdbx_database_status.deposit_site                    RCSB 
_pdbx_database_status.process_site                    RCSB 
_pdbx_database_status.status_code_cs                  ? 
_pdbx_database_status.status_code_nmr_data            ? 
_pdbx_database_status.methods_development_category    ? 
_pdbx_database_status.pdb_format_compatible           Y 
# 
_pdbx_contact_author.id                 2 
_pdbx_contact_author.email              eugene.valkov@nih.gov 
_pdbx_contact_author.name_first         Eugene 
_pdbx_contact_author.name_last          Valkov 
_pdbx_contact_author.name_mi            ? 
_pdbx_contact_author.role               'principal investigator/group leader' 
_pdbx_contact_author.identifier_ORCID   0000-0002-3721-1739 
# 
_audit_author.name               'Valkov, E.' 
_audit_author.pdbx_ordinal       1 
_audit_author.identifier_ORCID   0000-0002-3721-1739 
# 
loop_
_citation.abstract 
_citation.abstract_id_CAS 
_citation.book_id_ISBN 
_citation.book_publisher 
_citation.book_publisher_city 
_citation.book_title 
_citation.coordinate_linkage 
_citation.country 
_citation.database_id_Medline 
_citation.details 
_citation.id 
_citation.journal_abbrev 
_citation.journal_id_ASTM 
_citation.journal_id_CSD 
_citation.journal_id_ISSN 
_citation.journal_full 
_citation.journal_issue 
_citation.journal_volume 
_citation.language 
_citation.page_first 
_citation.page_last 
_citation.title 
_citation.year 
_citation.database_id_CSD 
_citation.pdbx_database_id_DOI 
_citation.pdbx_database_id_PubMed 
_citation.pdbx_database_id_patent 
_citation.unpublished_flag 
? ? ? ? ? ? ? ?  ? ? primary 'To Be Published'                                ?      0353 ?         ? ? ?  ? ?   ?   
'Structure of a coiled-coil peptide from C. elegans EDC4'                                                    ?    ? ? ?        ? ? 
? ? ? ? ? ? ? DK ? ? 1       'Acta Crystallogr., Sect. D: Biol. Crystallogr.' ABCRE6 0766 0907-4449 ? ? 75 ? 861 877 
'Macromolecular structure determination using X-rays, neutrons and electrons: recent developments in Phenix' 2019 ? 
10.1107/S2059798319011471 31588918 ? ? 
# 
loop_
_citation_author.citation_id 
_citation_author.name 
_citation_author.ordinal 
_citation_author.identifier_ORCID 
primary 'Valkov, E.'        1  0000-0002-3721-1739 
1       'Liebschner, D.'    2  0000-0003-3921-3209 
1       'Afonine, P.V.'     3  0000-0002-5052-991X 
1       'Baker, M.L.'       4  ?                   
1       'Bunkoczi, G.'      5  ?                   
1       'Chen, V.B.'        6  0000-0003-2492-979X 
1       'Croll, T.I.'       7  ?                   
1       'Hintze, B.'        8  0000-0002-4871-2096 
1       'Hung, L.W.'        9  0000-0001-6690-8458 
1       'Jain, S.'          10 ?                   
1       'McCoy, A.J.'       11 ?                   
1       'Moriarty, N.W.'    12 0000-0001-8857-9464 
1       'Oeffner, R.D.'     13 0000-0003-3107-2202 
1       'Poon, B.K.'        14 0000-0001-9633-6067 
1       'Prisant, M.G.'     15 ?                   
1       'Read, R.J.'        16 0000-0001-8273-0047 
1       'Richardson, J.S.'  17 0000-0002-3311-2944 
1       'Richardson, D.C.'  18 ?                   
1       'Sammito, M.D.'     19 0000-0002-8346-9247 
1       'Sobolev, O.V.'     20 0000-0002-0623-3214 
1       'Stockwell, D.H.'   21 ?                   
1       'Terwilliger, T.C.' 22 0000-0001-6384-0320 
1       'Urzhumtsev, A.G.'  23 ?                   
1       'Videau, L.L.'      24 ?                   
1       'Williams, C.J.'    25 ?                   
1       'Adams, P.D.'       26 0000-0001-9333-8219 
# 
loop_
_entity.id 
_entity.type 
_entity.src_method 
_entity.pdbx_description 
_entity.formula_weight 
_entity.pdbx_number_of_molecules 
_entity.pdbx_ec 
_entity.pdbx_mutation 
_entity.pdbx_fragment 
_entity.details 
1 polymer     man 'FHA domain-containing protein' 3676.074 2  ? ? ? ? 
2 non-polymer syn 'SULFATE ION'                   96.063   1  ? ? ? ? 
3 water       nat water                           18.015   52 ? ? ? ? 
# 
_entity_poly.entity_id                      1 
_entity_poly.type                           'polypeptide(L)' 
_entity_poly.nstd_linkage                   no 
_entity_poly.nstd_monomer                   no 
_entity_poly.pdbx_seq_one_letter_code       SIDVESVNQKLDDVIAALARIEADRKNSNEQMV 
_entity_poly.pdbx_seq_one_letter_code_can   SIDVESVNQKLDDVIAALARIEADRKNSNEQMV 
_entity_poly.pdbx_strand_id                 A,B 
_entity_poly.pdbx_target_identifier         ? 
# 
loop_
_pdbx_entity_nonpoly.entity_id 
_pdbx_entity_nonpoly.name 
_pdbx_entity_nonpoly.comp_id 
2 'SULFATE ION' SO4 
3 water         HOH 
# 
loop_
_entity_poly_seq.entity_id 
_entity_poly_seq.num 
_entity_poly_seq.mon_id 
_entity_poly_seq.hetero 
1 1  SER n 
1 2  ILE n 
1 3  ASP n 
1 4  VAL n 
1 5  GLU n 
1 6  SER n 
1 7  VAL n 
1 8  ASN n 
1 9  GLN n 
1 10 LYS n 
1 11 LEU n 
1 12 ASP n 
1 13 ASP n 
1 14 VAL n 
1 15 ILE n 
1 16 ALA n 
1 17 ALA n 
1 18 LEU n 
1 19 ALA n 
1 20 ARG n 
1 21 ILE n 
1 22 GLU n 
1 23 ALA n 
1 24 ASP n 
1 25 ARG n 
1 26 LYS n 
1 27 ASN n 
1 28 SER n 
1 29 ASN n 
1 30 GLU n 
1 31 GLN n 
1 32 MET n 
1 33 VAL n 
# 
_entity_src_gen.entity_id                          1 
_entity_src_gen.pdbx_src_id                        1 
_entity_src_gen.pdbx_alt_source_flag               sample 
_entity_src_gen.pdbx_seq_type                      'Biological sequence' 
_entity_src_gen.pdbx_beg_seq_num                   1 
_entity_src_gen.pdbx_end_seq_num                   33 
_entity_src_gen.gene_src_common_name               ? 
_entity_src_gen.gene_src_genus                     ? 
_entity_src_gen.pdbx_gene_src_gene                 'edc-4, CELE_Y44E3A.6, Y44E3A.6' 
_entity_src_gen.gene_src_species                   ? 
_entity_src_gen.gene_src_strain                    ? 
_entity_src_gen.gene_src_tissue                    ? 
_entity_src_gen.gene_src_tissue_fraction           ? 
_entity_src_gen.gene_src_details                   ? 
_entity_src_gen.pdbx_gene_src_fragment             ? 
_entity_src_gen.pdbx_gene_src_scientific_name      'Caenorhabditis elegans' 
_entity_src_gen.pdbx_gene_src_ncbi_taxonomy_id     6239 
_entity_src_gen.pdbx_gene_src_variant              ? 
_entity_src_gen.pdbx_gene_src_cell_line            ? 
_entity_src_gen.pdbx_gene_src_atcc                 ? 
_entity_src_gen.pdbx_gene_src_organ                ? 
_entity_src_gen.pdbx_gene_src_organelle            ? 
_entity_src_gen.pdbx_gene_src_cell                 ? 
_entity_src_gen.pdbx_gene_src_cellular_location    ? 
_entity_src_gen.host_org_common_name               ? 
_entity_src_gen.pdbx_host_org_scientific_name      'Escherichia coli' 
_entity_src_gen.pdbx_host_org_ncbi_taxonomy_id     562 
_entity_src_gen.host_org_genus                     ? 
_entity_src_gen.pdbx_host_org_gene                 ? 
_entity_src_gen.pdbx_host_org_organ                ? 
_entity_src_gen.host_org_species                   ? 
_entity_src_gen.pdbx_host_org_tissue               ? 
_entity_src_gen.pdbx_host_org_tissue_fraction      ? 
_entity_src_gen.pdbx_host_org_strain               ? 
_entity_src_gen.pdbx_host_org_variant              ? 
_entity_src_gen.pdbx_host_org_cell_line            ? 
_entity_src_gen.pdbx_host_org_atcc                 ? 
_entity_src_gen.pdbx_host_org_culture_collection   ? 
_entity_src_gen.pdbx_host_org_cell                 ? 
_entity_src_gen.pdbx_host_org_organelle            ? 
_entity_src_gen.pdbx_host_org_cellular_location    ? 
_entity_src_gen.pdbx_host_org_vector_type          ? 
_entity_src_gen.pdbx_host_org_vector               ? 
_entity_src_gen.host_org_details                   ? 
_entity_src_gen.expression_system_id               ? 
_entity_src_gen.plasmid_name                       ? 
_entity_src_gen.plasmid_details                    ? 
_entity_src_gen.pdbx_description                   ? 
# 
loop_
_chem_comp.id 
_chem_comp.type 
_chem_comp.mon_nstd_flag 
_chem_comp.name 
_chem_comp.pdbx_synonyms 
_chem_comp.formula 
_chem_comp.formula_weight 
ALA 'L-peptide linking' y ALANINE         ? 'C3 H7 N O2'     89.093  
ARG 'L-peptide linking' y ARGININE        ? 'C6 H15 N4 O2 1' 175.209 
ASN 'L-peptide linking' y ASPARAGINE      ? 'C4 H8 N2 O3'    132.118 
ASP 'L-peptide linking' y 'ASPARTIC ACID' ? 'C4 H7 N O4'     133.103 
GLN 'L-peptide linking' y GLUTAMINE       ? 'C5 H10 N2 O3'   146.144 
GLU 'L-peptide linking' y 'GLUTAMIC ACID' ? 'C5 H9 N O4'     147.129 
HOH non-polymer         . WATER           ? 'H2 O'           18.015  
ILE 'L-peptide linking' y ISOLEUCINE      ? 'C6 H13 N O2'    131.173 
LEU 'L-peptide linking' y LEUCINE         ? 'C6 H13 N O2'    131.173 
LYS 'L-peptide linking' y LYSINE          ? 'C6 H15 N2 O2 1' 147.195 
MET 'L-peptide linking' y METHIONINE      ? 'C5 H11 N O2 S'  149.211 
SER 'L-peptide linking' y SERINE          ? 'C3 H7 N O3'     105.093 
SO4 non-polymer         . 'SULFATE ION'   ? 'O4 S -2'        96.063  
VAL 'L-peptide linking' y VALINE          ? 'C5 H11 N O2'    117.146 
# 
loop_
_pdbx_poly_seq_scheme.asym_id 
_pdbx_poly_seq_scheme.entity_id 
_pdbx_poly_seq_scheme.seq_id 
_pdbx_poly_seq_scheme.mon_id 
_pdbx_poly_seq_scheme.ndb_seq_num 
_pdbx_poly_seq_scheme.pdb_seq_num 
_pdbx_poly_seq_scheme.auth_seq_num 
_pdbx_poly_seq_scheme.pdb_mon_id 
_pdbx_poly_seq_scheme.auth_mon_id 
_pdbx_poly_seq_scheme.pdb_strand_id 
_pdbx_poly_seq_scheme.pdb_ins_code 
_pdbx_poly_seq_scheme.hetero 
A 1 1  SER 1  520 ?   ?   ?   A . n 
A 1 2  ILE 2  521 ?   ?   ?   A . n 
A 1 3  ASP 3  522 522 ASP ASP A . n 
A 1 4  VAL 4  523 523 VAL VAL A . n 
A 1 5  GLU 5  524 524 GLU GLU A . n 
A 1 6  SER 6  525 525 SER SER A . n 
A 1 7  VAL 7  526 526 VAL VAL A . n 
A 1 8  ASN 8  527 527 ASN ASN A . n 
A 1 9  GLN 9  528 528 GLN GLN A . n 
A 1 10 LYS 10 529 529 LYS LYS A . n 
A 1 11 LEU 11 530 530 LEU LEU A . n 
A 1 12 ASP 12 531 531 ASP ASP A . n 
A 1 13 ASP 13 532 532 ASP ASP A . n 
A 1 14 VAL 14 533 533 VAL VAL A . n 
A 1 15 ILE 15 534 534 ILE ILE A . n 
A 1 16 ALA 16 535 535 ALA ALA A . n 
A 1 17 ALA 17 536 536 ALA ALA A . n 
A 1 18 LEU 18 537 537 LEU LEU A . n 
A 1 19 ALA 19 538 538 ALA ALA A . n 
A 1 20 ARG 20 539 539 ARG ARG A . n 
A 1 21 ILE 21 540 540 ILE ILE A . n 
A 1 22 GLU 22 541 541 GLU GLU A . n 
A 1 23 ALA 23 542 542 ALA ALA A . n 
A 1 24 ASP 24 543 543 ASP ASP A . n 
A 1 25 ARG 25 544 544 ARG ARG A . n 
A 1 26 LYS 26 545 ?   ?   ?   A . n 
A 1 27 ASN 27 546 ?   ?   ?   A . n 
A 1 28 SER 28 547 ?   ?   ?   A . n 
A 1 29 ASN 29 548 ?   ?   ?   A . n 
A 1 30 GLU 30 549 ?   ?   ?   A . n 
A 1 31 GLN 31 550 ?   ?   ?   A . n 
A 1 32 MET 32 551 ?   ?   ?   A . n 
A 1 33 VAL 33 552 ?   ?   ?   A . n 
B 1 1  SER 1  520 ?   ?   ?   B . n 
B 1 2  ILE 2  521 ?   ?   ?   B . n 
B 1 3  ASP 3  522 ?   ?   ?   B . n 
B 1 4  VAL 4  523 523 VAL VAL B . n 
B 1 5  GLU 5  524 524 GLU GLU B . n 
B 1 6  SER 6  525 525 SER SER B . n 
B 1 7  VAL 7  526 526 VAL VAL B . n 
B 1 8  ASN 8  527 527 ASN ASN B . n 
B 1 9  GLN 9  528 528 GLN GLN B . n 
B 1 10 LYS 10 529 529 LYS LYS B . n 
B 1 11 LEU 11 530 530 LEU LEU B . n 
B 1 12 ASP 12 531 531 ASP ASP B . n 
B 1 13 ASP 13 532 532 ASP ASP B . n 
B 1 14 VAL 14 533 533 VAL VAL B . n 
B 1 15 ILE 15 534 534 ILE ILE B . n 
B 1 16 ALA 16 535 535 ALA ALA B . n 
B 1 17 ALA 17 536 536 ALA ALA B . n 
B 1 18 LEU 18 537 537 LEU LEU B . n 
B 1 19 ALA 19 538 538 ALA ALA B . n 
B 1 20 ARG 20 539 539 ARG ARG B . n 
B 1 21 ILE 21 540 540 ILE ILE B . n 
B 1 22 GLU 22 541 541 GLU GLU B . n 
B 1 23 ALA 23 542 542 ALA ALA B . n 
B 1 24 ASP 24 543 543 ASP ASP B . n 
B 1 25 ARG 25 544 544 ARG ARG B . n 
B 1 26 LYS 26 545 545 LYS LYS B . n 
B 1 27 ASN 27 546 546 ASN ASN B . n 
B 1 28 SER 28 547 547 SER SER B . n 
B 1 29 ASN 29 548 548 ASN ASN B . n 
B 1 30 GLU 30 549 549 GLU GLU B . n 
B 1 31 GLN 31 550 ?   ?   ?   B . n 
B 1 32 MET 32 551 ?   ?   ?   B . n 
B 1 33 VAL 33 552 ?   ?   ?   B . n 
# 
loop_
_pdbx_nonpoly_scheme.asym_id 
_pdbx_nonpoly_scheme.entity_id 
_pdbx_nonpoly_scheme.mon_id 
_pdbx_nonpoly_scheme.ndb_seq_num 
_pdbx_nonpoly_scheme.pdb_seq_num 
_pdbx_nonpoly_scheme.auth_seq_num 
_pdbx_nonpoly_scheme.pdb_mon_id 
_pdbx_nonpoly_scheme.auth_mon_id 
_pdbx_nonpoly_scheme.pdb_strand_id 
_pdbx_nonpoly_scheme.pdb_ins_code 
C 2 SO4 1  601 1   SO4 SO4 B . 
D 3 HOH 1  601 14  HOH HOH A . 
D 3 HOH 2  602 53  HOH HOH A . 
D 3 HOH 3  603 23  HOH HOH A . 
D 3 HOH 4  604 8   HOH HOH A . 
D 3 HOH 5  605 21  HOH HOH A . 
D 3 HOH 6  606 26  HOH HOH A . 
D 3 HOH 7  607 18  HOH HOH A . 
D 3 HOH 8  608 276 HOH HOH A . 
D 3 HOH 9  609 29  HOH HOH A . 
D 3 HOH 10 610 1   HOH HOH A . 
D 3 HOH 11 611 16  HOH HOH A . 
D 3 HOH 12 612 2   HOH HOH A . 
D 3 HOH 13 613 50  HOH HOH A . 
D 3 HOH 14 614 5   HOH HOH A . 
D 3 HOH 15 615 36  HOH HOH A . 
D 3 HOH 16 616 41  HOH HOH A . 
D 3 HOH 17 617 7   HOH HOH A . 
D 3 HOH 18 618 30  HOH HOH A . 
D 3 HOH 19 619 10  HOH HOH A . 
D 3 HOH 20 620 12  HOH HOH A . 
D 3 HOH 21 621 46  HOH HOH A . 
D 3 HOH 22 622 37  HOH HOH A . 
D 3 HOH 23 623 48  HOH HOH A . 
D 3 HOH 24 624 24  HOH HOH A . 
D 3 HOH 25 625 47  HOH HOH A . 
D 3 HOH 26 626 49  HOH HOH A . 
E 3 HOH 1  701 291 HOH HOH B . 
E 3 HOH 2  702 275 HOH HOH B . 
E 3 HOH 3  703 54  HOH HOH B . 
E 3 HOH 4  704 25  HOH HOH B . 
E 3 HOH 5  705 13  HOH HOH B . 
E 3 HOH 6  706 6   HOH HOH B . 
E 3 HOH 7  707 9   HOH HOH B . 
E 3 HOH 8  708 4   HOH HOH B . 
E 3 HOH 9  709 15  HOH HOH B . 
E 3 HOH 10 710 3   HOH HOH B . 
E 3 HOH 11 711 20  HOH HOH B . 
E 3 HOH 12 712 32  HOH HOH B . 
E 3 HOH 13 713 33  HOH HOH B . 
E 3 HOH 14 714 17  HOH HOH B . 
E 3 HOH 15 715 338 HOH HOH B . 
E 3 HOH 16 716 27  HOH HOH B . 
E 3 HOH 17 717 90  HOH HOH B . 
E 3 HOH 18 718 277 HOH HOH B . 
E 3 HOH 19 719 44  HOH HOH B . 
E 3 HOH 20 720 31  HOH HOH B . 
E 3 HOH 21 721 55  HOH HOH B . 
E 3 HOH 22 722 28  HOH HOH B . 
E 3 HOH 23 723 337 HOH HOH B . 
E 3 HOH 24 724 22  HOH HOH B . 
E 3 HOH 25 725 352 HOH HOH B . 
E 3 HOH 26 726 321 HOH HOH B . 
# 
loop_
_pdbx_unobs_or_zero_occ_atoms.id 
_pdbx_unobs_or_zero_occ_atoms.PDB_model_num 
_pdbx_unobs_or_zero_occ_atoms.polymer_flag 
_pdbx_unobs_or_zero_occ_atoms.occupancy_flag 
_pdbx_unobs_or_zero_occ_atoms.auth_asym_id 
_pdbx_unobs_or_zero_occ_atoms.auth_comp_id 
_pdbx_unobs_or_zero_occ_atoms.auth_seq_id 
_pdbx_unobs_or_zero_occ_atoms.PDB_ins_code 
_pdbx_unobs_or_zero_occ_atoms.auth_atom_id 
_pdbx_unobs_or_zero_occ_atoms.label_alt_id 
_pdbx_unobs_or_zero_occ_atoms.label_asym_id 
_pdbx_unobs_or_zero_occ_atoms.label_comp_id 
_pdbx_unobs_or_zero_occ_atoms.label_seq_id 
_pdbx_unobs_or_zero_occ_atoms.label_atom_id 
1 1 N 0 B SO4 601 ? O2 ? C SO4 ? O2 
2 1 N 0 B SO4 601 ? O4 ? C SO4 ? O4 
# 
loop_
_software.citation_id 
_software.classification 
_software.compiler_name 
_software.compiler_version 
_software.contact_author 
_software.contact_author_email 
_software.date 
_software.description 
_software.dependencies 
_software.hardware 
_software.language 
_software.location 
_software.mods 
_software.name 
_software.os 
_software.os_version 
_software.type 
_software.version 
_software.pdbx_ordinal 
? refinement       ? ? ? ? ? ? ? ? ? ? ? PHENIX  ? ? ? 1.21_5207 1 
? 'data reduction' ? ? ? ? ? ? ? ? ? ? ? XDS     ? ? ? .         2 
? 'data scaling'   ? ? ? ? ? ? ? ? ? ? ? Aimless ? ? ? .         3 
? phasing          ? ? ? ? ? ? ? ? ? ? ? PHASER  ? ? ? .         4 
# 
_cell.angle_alpha                  90.000 
_cell.angle_alpha_esd              ? 
_cell.angle_beta                   90.000 
_cell.angle_beta_esd               ? 
_cell.angle_gamma                  90.000 
_cell.angle_gamma_esd              ? 
_cell.entry_id                     9E7Q 
_cell.details                      ? 
_cell.formula_units_Z              ? 
_cell.length_a                     76.564 
_cell.length_a_esd                 ? 
_cell.length_b                     76.564 
_cell.length_b_esd                 ? 
_cell.length_c                     76.564 
_cell.length_c_esd                 ? 
_cell.volume                       448821.697 
_cell.volume_esd                   ? 
_cell.Z_PDB                        48 
_cell.reciprocal_angle_alpha       ? 
_cell.reciprocal_angle_beta        ? 
_cell.reciprocal_angle_gamma       ? 
_cell.reciprocal_angle_alpha_esd   ? 
_cell.reciprocal_angle_beta_esd    ? 
_cell.reciprocal_angle_gamma_esd   ? 
_cell.reciprocal_length_a          ? 
_cell.reciprocal_length_b          ? 
_cell.reciprocal_length_c          ? 
_cell.reciprocal_length_a_esd      ? 
_cell.reciprocal_length_b_esd      ? 
_cell.reciprocal_length_c_esd      ? 
_cell.pdbx_unique_axis             ? 
_cell.pdbx_esd_method              ? 
# 
_symmetry.entry_id                         9E7Q 
_symmetry.cell_setting                     ? 
_symmetry.Int_Tables_number                213 
_symmetry.space_group_name_Hall            'P 4bd 2ab 3' 
_symmetry.space_group_name_H-M             'P 41 3 2' 
_symmetry.pdbx_full_space_group_name_H-M   ? 
# 
_exptl.absorpt_coefficient_mu     ? 
_exptl.absorpt_correction_T_max   ? 
_exptl.absorpt_correction_T_min   ? 
_exptl.absorpt_correction_type    ? 
_exptl.absorpt_process_details    ? 
_exptl.entry_id                   9E7Q 
_exptl.crystals_number            1 
_exptl.details                    ? 
_exptl.method                     'X-RAY DIFFRACTION' 
_exptl.method_details             ? 
# 
_exptl_crystal.colour                       ? 
_exptl_crystal.density_diffrn               ? 
_exptl_crystal.density_Matthews             2.54 
_exptl_crystal.density_method               ? 
_exptl_crystal.density_percent_sol          51.64 
_exptl_crystal.description                  ? 
_exptl_crystal.F_000                        ? 
_exptl_crystal.id                           1 
_exptl_crystal.preparation                  ? 
_exptl_crystal.size_max                     ? 
_exptl_crystal.size_mid                     ? 
_exptl_crystal.size_min                     ? 
_exptl_crystal.size_rad                     ? 
_exptl_crystal.colour_lustre                ? 
_exptl_crystal.colour_modifier              ? 
_exptl_crystal.colour_primary               ? 
_exptl_crystal.density_meas                 ? 
_exptl_crystal.density_meas_esd             ? 
_exptl_crystal.density_meas_gt              ? 
_exptl_crystal.density_meas_lt              ? 
_exptl_crystal.density_meas_temp            ? 
_exptl_crystal.density_meas_temp_esd        ? 
_exptl_crystal.density_meas_temp_gt         ? 
_exptl_crystal.density_meas_temp_lt         ? 
_exptl_crystal.pdbx_crystal_image_url       ? 
_exptl_crystal.pdbx_crystal_image_format    ? 
_exptl_crystal.pdbx_mosaicity               ? 
_exptl_crystal.pdbx_mosaicity_esd           ? 
_exptl_crystal.pdbx_mosaic_method           ? 
_exptl_crystal.pdbx_mosaic_block_size       ? 
_exptl_crystal.pdbx_mosaic_block_size_esd   ? 
# 
_exptl_crystal_grow.apparatus       ? 
_exptl_crystal_grow.atmosphere      ? 
_exptl_crystal_grow.crystal_id      1 
_exptl_crystal_grow.details         ? 
_exptl_crystal_grow.method          'VAPOR DIFFUSION' 
_exptl_crystal_grow.method_ref      ? 
_exptl_crystal_grow.pH              ? 
_exptl_crystal_grow.pressure        ? 
_exptl_crystal_grow.pressure_esd    ? 
_exptl_crystal_grow.seeding         ? 
_exptl_crystal_grow.seeding_ref     ? 
_exptl_crystal_grow.temp_details    ? 
_exptl_crystal_grow.temp_esd        ? 
_exptl_crystal_grow.time            ? 
_exptl_crystal_grow.pdbx_details    '3M ammonium sulfate, 10% glycerol' 
_exptl_crystal_grow.pdbx_pH_range   ? 
_exptl_crystal_grow.temp            293 
# 
_diffrn.ambient_environment              ? 
_diffrn.ambient_temp                     100 
_diffrn.ambient_temp_details             ? 
_diffrn.ambient_temp_esd                 ? 
_diffrn.crystal_id                       1 
_diffrn.crystal_support                  ? 
_diffrn.crystal_treatment                ? 
_diffrn.details                          ? 
_diffrn.id                               1 
_diffrn.ambient_pressure                 ? 
_diffrn.ambient_pressure_esd             ? 
_diffrn.ambient_pressure_gt              ? 
_diffrn.ambient_pressure_lt              ? 
_diffrn.ambient_temp_gt                  ? 
_diffrn.ambient_temp_lt                  ? 
_diffrn.pdbx_serial_crystal_experiment   N 
# 
_diffrn_detector.details                      ? 
_diffrn_detector.detector                     PIXEL 
_diffrn_detector.diffrn_id                    1 
_diffrn_detector.type                         'DECTRIS PILATUS 6M' 
_diffrn_detector.area_resol_mean              ? 
_diffrn_detector.dtime                        ? 
_diffrn_detector.pdbx_frames_total            ? 
_diffrn_detector.pdbx_collection_time_total   ? 
_diffrn_detector.pdbx_collection_date         2015-10-30 
_diffrn_detector.pdbx_frequency               ? 
_diffrn_detector.id                           ? 
_diffrn_detector.number_of_axes               ? 
# 
_diffrn_radiation.collimation                      ? 
_diffrn_radiation.diffrn_id                        1 
_diffrn_radiation.filter_edge                      ? 
_diffrn_radiation.inhomogeneity                    ? 
_diffrn_radiation.monochromator                    ? 
_diffrn_radiation.polarisn_norm                    ? 
_diffrn_radiation.polarisn_ratio                   ? 
_diffrn_radiation.probe                            ? 
_diffrn_radiation.type                             ? 
_diffrn_radiation.xray_symbol                      ? 
_diffrn_radiation.wavelength_id                    1 
_diffrn_radiation.pdbx_monochromatic_or_laue_m_l   M 
_diffrn_radiation.pdbx_wavelength_list             ? 
_diffrn_radiation.pdbx_wavelength                  ? 
_diffrn_radiation.pdbx_diffrn_protocol             'SINGLE WAVELENGTH' 
_diffrn_radiation.pdbx_analyzer                    ? 
_diffrn_radiation.pdbx_scattering_type             x-ray 
# 
_diffrn_radiation_wavelength.id           1 
_diffrn_radiation_wavelength.wavelength   1.0332 
_diffrn_radiation_wavelength.wt           1.0 
# 
_diffrn_source.current                     ? 
_diffrn_source.details                     ? 
_diffrn_source.diffrn_id                   1 
_diffrn_source.power                       ? 
_diffrn_source.size                        ? 
_diffrn_source.source                      SYNCHROTRON 
_diffrn_source.target                      ? 
_diffrn_source.type                        'PETRA III, DESY BEAMLINE P11' 
_diffrn_source.voltage                     ? 
_diffrn_source.take-off_angle              ? 
_diffrn_source.pdbx_wavelength_list        1.0332 
_diffrn_source.pdbx_wavelength             ? 
_diffrn_source.pdbx_synchrotron_beamline   P11 
_diffrn_source.pdbx_synchrotron_site       'PETRA III, DESY' 
# 
_reflns.B_iso_Wilson_estimate                          14.35 
_reflns.entry_id                                       9E7Q 
_reflns.data_reduction_details                         ? 
_reflns.data_reduction_method                          ? 
_reflns.d_resolution_high                              1.42 
_reflns.d_resolution_low                               44.2 
_reflns.details                                        ? 
_reflns.limit_h_max                                    ? 
_reflns.limit_h_min                                    ? 
_reflns.limit_k_max                                    ? 
_reflns.limit_k_min                                    ? 
_reflns.limit_l_max                                    ? 
_reflns.limit_l_min                                    ? 
_reflns.number_all                                     ? 
_reflns.number_obs                                     15056 
_reflns.observed_criterion                             ? 
_reflns.observed_criterion_F_max                       ? 
_reflns.observed_criterion_F_min                       ? 
_reflns.observed_criterion_I_max                       ? 
_reflns.observed_criterion_I_min                       ? 
_reflns.observed_criterion_sigma_F                     ? 
_reflns.observed_criterion_sigma_I                     ? 
_reflns.percent_possible_obs                           100 
_reflns.R_free_details                                 ? 
_reflns.Rmerge_F_all                                   ? 
_reflns.Rmerge_F_obs                                   ? 
_reflns.Friedel_coverage                               ? 
_reflns.number_gt                                      ? 
_reflns.threshold_expression                           ? 
_reflns.pdbx_redundancy                                38.8 
_reflns.pdbx_netI_over_av_sigmaI                       ? 
_reflns.pdbx_netI_over_sigmaI                          24.7 
_reflns.pdbx_res_netI_over_av_sigmaI_2                 ? 
_reflns.pdbx_res_netI_over_sigmaI_2                    ? 
_reflns.pdbx_chi_squared                               ? 
_reflns.pdbx_scaling_rejects                           ? 
_reflns.pdbx_d_res_high_opt                            ? 
_reflns.pdbx_d_res_low_opt                             ? 
_reflns.pdbx_d_res_opt_method                          ? 
_reflns.phase_calculation_details                      ? 
_reflns.pdbx_Rrim_I_all                                ? 
_reflns.pdbx_Rpim_I_all                                ? 
_reflns.pdbx_d_opt                                     ? 
_reflns.pdbx_number_measured_all                       ? 
_reflns.pdbx_diffrn_id                                 1 
_reflns.pdbx_ordinal                                   1 
_reflns.pdbx_CC_half                                   1 
_reflns.pdbx_CC_star                                   ? 
_reflns.pdbx_R_split                                   ? 
_reflns.pdbx_Rmerge_I_obs                              ? 
_reflns.pdbx_Rmerge_I_all                              ? 
_reflns.pdbx_Rsym_value                                ? 
_reflns.pdbx_CC_split_method                           ? 
_reflns.pdbx_aniso_diffraction_limit_axis_1_ortho[1]   ? 
_reflns.pdbx_aniso_diffraction_limit_axis_1_ortho[2]   ? 
_reflns.pdbx_aniso_diffraction_limit_axis_1_ortho[3]   ? 
_reflns.pdbx_aniso_diffraction_limit_axis_2_ortho[1]   ? 
_reflns.pdbx_aniso_diffraction_limit_axis_2_ortho[2]   ? 
_reflns.pdbx_aniso_diffraction_limit_axis_2_ortho[3]   ? 
_reflns.pdbx_aniso_diffraction_limit_axis_3_ortho[1]   ? 
_reflns.pdbx_aniso_diffraction_limit_axis_3_ortho[2]   ? 
_reflns.pdbx_aniso_diffraction_limit_axis_3_ortho[3]   ? 
_reflns.pdbx_aniso_diffraction_limit_1                 ? 
_reflns.pdbx_aniso_diffraction_limit_2                 ? 
_reflns.pdbx_aniso_diffraction_limit_3                 ? 
_reflns.pdbx_aniso_B_tensor_eigenvector_1_ortho[1]     ? 
_reflns.pdbx_aniso_B_tensor_eigenvector_1_ortho[2]     ? 
_reflns.pdbx_aniso_B_tensor_eigenvector_1_ortho[3]     ? 
_reflns.pdbx_aniso_B_tensor_eigenvector_2_ortho[1]     ? 
_reflns.pdbx_aniso_B_tensor_eigenvector_2_ortho[2]     ? 
_reflns.pdbx_aniso_B_tensor_eigenvector_2_ortho[3]     ? 
_reflns.pdbx_aniso_B_tensor_eigenvector_3_ortho[1]     ? 
_reflns.pdbx_aniso_B_tensor_eigenvector_3_ortho[2]     ? 
_reflns.pdbx_aniso_B_tensor_eigenvector_3_ortho[3]     ? 
_reflns.pdbx_aniso_B_tensor_eigenvalue_1               ? 
_reflns.pdbx_aniso_B_tensor_eigenvalue_2               ? 
_reflns.pdbx_aniso_B_tensor_eigenvalue_3               ? 
_reflns.pdbx_orthogonalization_convention              ? 
_reflns.pdbx_percent_possible_ellipsoidal              ? 
_reflns.pdbx_percent_possible_spherical                ? 
_reflns.pdbx_percent_possible_ellipsoidal_anomalous    ? 
_reflns.pdbx_percent_possible_spherical_anomalous      ? 
_reflns.pdbx_redundancy_anomalous                      ? 
_reflns.pdbx_CC_half_anomalous                         ? 
_reflns.pdbx_absDiff_over_sigma_anomalous              ? 
_reflns.pdbx_percent_possible_anomalous                ? 
_reflns.pdbx_observed_signal_threshold                 ? 
_reflns.pdbx_signal_type                               ? 
_reflns.pdbx_signal_details                            ? 
_reflns.pdbx_signal_software_id                        ? 
# 
_reflns_shell.d_res_high                                    1.42 
_reflns_shell.d_res_low                                     1.44 
_reflns_shell.meanI_over_sigI_all                           ? 
_reflns_shell.meanI_over_sigI_obs                           ? 
_reflns_shell.number_measured_all                           ? 
_reflns_shell.number_measured_obs                           ? 
_reflns_shell.number_possible                               ? 
_reflns_shell.number_unique_all                             ? 
_reflns_shell.number_unique_obs                             729 
_reflns_shell.percent_possible_obs                          ? 
_reflns_shell.Rmerge_F_all                                  ? 
_reflns_shell.Rmerge_F_obs                                  ? 
_reflns_shell.meanI_over_sigI_gt                            ? 
_reflns_shell.meanI_over_uI_all                             ? 
_reflns_shell.meanI_over_uI_gt                              ? 
_reflns_shell.number_measured_gt                            ? 
_reflns_shell.number_unique_gt                              ? 
_reflns_shell.percent_possible_gt                           ? 
_reflns_shell.Rmerge_F_gt                                   ? 
_reflns_shell.Rmerge_I_gt                                   ? 
_reflns_shell.pdbx_redundancy                               ? 
_reflns_shell.pdbx_chi_squared                              ? 
_reflns_shell.pdbx_netI_over_sigmaI_all                     ? 
_reflns_shell.pdbx_netI_over_sigmaI_obs                     ? 
_reflns_shell.pdbx_Rrim_I_all                               ? 
_reflns_shell.pdbx_Rpim_I_all                               ? 
_reflns_shell.pdbx_rejects                                  ? 
_reflns_shell.pdbx_ordinal                                  1 
_reflns_shell.pdbx_diffrn_id                                1 
_reflns_shell.pdbx_CC_half                                  0.56 
_reflns_shell.pdbx_CC_star                                  ? 
_reflns_shell.pdbx_R_split                                  ? 
_reflns_shell.percent_possible_all                          ? 
_reflns_shell.Rmerge_I_all                                  ? 
_reflns_shell.Rmerge_I_obs                                  ? 
_reflns_shell.pdbx_Rsym_value                               ? 
_reflns_shell.pdbx_percent_possible_ellipsoidal             ? 
_reflns_shell.pdbx_percent_possible_spherical               ? 
_reflns_shell.pdbx_percent_possible_ellipsoidal_anomalous   ? 
_reflns_shell.pdbx_percent_possible_spherical_anomalous     ? 
_reflns_shell.pdbx_redundancy_anomalous                     ? 
_reflns_shell.pdbx_CC_half_anomalous                        ? 
_reflns_shell.pdbx_absDiff_over_sigma_anomalous             ? 
_reflns_shell.pdbx_percent_possible_anomalous               ? 
# 
_refine.aniso_B[1][1]                            ? 
_refine.aniso_B[1][2]                            ? 
_refine.aniso_B[1][3]                            ? 
_refine.aniso_B[2][2]                            ? 
_refine.aniso_B[2][3]                            ? 
_refine.aniso_B[3][3]                            ? 
_refine.B_iso_max                                ? 
_refine.B_iso_mean                               26.49 
_refine.B_iso_min                                ? 
_refine.correlation_coeff_Fo_to_Fc               ? 
_refine.correlation_coeff_Fo_to_Fc_free          ? 
_refine.details                                  ? 
_refine.diff_density_max                         ? 
_refine.diff_density_max_esd                     ? 
_refine.diff_density_min                         ? 
_refine.diff_density_min_esd                     ? 
_refine.diff_density_rms                         ? 
_refine.diff_density_rms_esd                     ? 
_refine.entry_id                                 9E7Q 
_refine.pdbx_refine_id                           'X-RAY DIFFRACTION' 
_refine.ls_abs_structure_details                 ? 
_refine.ls_abs_structure_Flack                   ? 
_refine.ls_abs_structure_Flack_esd               ? 
_refine.ls_abs_structure_Rogers                  ? 
_refine.ls_abs_structure_Rogers_esd              ? 
_refine.ls_d_res_high                            1.42 
_refine.ls_d_res_low                             44.20 
_refine.ls_extinction_coef                       ? 
_refine.ls_extinction_coef_esd                   ? 
_refine.ls_extinction_expression                 ? 
_refine.ls_extinction_method                     ? 
_refine.ls_goodness_of_fit_all                   ? 
_refine.ls_goodness_of_fit_all_esd               ? 
_refine.ls_goodness_of_fit_obs                   ? 
_refine.ls_goodness_of_fit_obs_esd               ? 
_refine.ls_hydrogen_treatment                    ? 
_refine.ls_matrix_type                           ? 
_refine.ls_number_constraints                    ? 
_refine.ls_number_parameters                     ? 
_refine.ls_number_reflns_all                     ? 
_refine.ls_number_reflns_obs                     27393 
_refine.ls_number_reflns_R_free                  1439 
_refine.ls_number_reflns_R_work                  25954 
_refine.ls_number_restraints                     ? 
_refine.ls_percent_reflns_obs                    99.96 
_refine.ls_percent_reflns_R_free                 5.25 
_refine.ls_R_factor_all                          ? 
_refine.ls_R_factor_obs                          0.1491 
_refine.ls_R_factor_R_free                       0.1698 
_refine.ls_R_factor_R_free_error                 ? 
_refine.ls_R_factor_R_free_error_details         ? 
_refine.ls_R_factor_R_work                       0.1478 
_refine.ls_R_Fsqd_factor_obs                     ? 
_refine.ls_R_I_factor_obs                        ? 
_refine.ls_redundancy_reflns_all                 ? 
_refine.ls_redundancy_reflns_obs                 ? 
_refine.ls_restrained_S_all                      ? 
_refine.ls_restrained_S_obs                      ? 
_refine.ls_shift_over_esd_max                    ? 
_refine.ls_shift_over_esd_mean                   ? 
_refine.ls_structure_factor_coef                 ? 
_refine.ls_weighting_details                     ? 
_refine.ls_weighting_scheme                      ? 
_refine.ls_wR_factor_all                         ? 
_refine.ls_wR_factor_obs                         ? 
_refine.ls_wR_factor_R_free                      ? 
_refine.ls_wR_factor_R_work                      ? 
_refine.occupancy_max                            ? 
_refine.occupancy_min                            ? 
_refine.solvent_model_details                    'FLAT BULK SOLVENT MODEL' 
_refine.solvent_model_param_bsol                 ? 
_refine.solvent_model_param_ksol                 ? 
_refine.pdbx_R_complete                          ? 
_refine.ls_R_factor_gt                           ? 
_refine.ls_goodness_of_fit_gt                    ? 
_refine.ls_goodness_of_fit_ref                   ? 
_refine.ls_shift_over_su_max                     ? 
_refine.ls_shift_over_su_max_lt                  ? 
_refine.ls_shift_over_su_mean                    ? 
_refine.ls_shift_over_su_mean_lt                 ? 
_refine.pdbx_ls_sigma_I                          ? 
_refine.pdbx_ls_sigma_F                          0.47 
_refine.pdbx_ls_sigma_Fsqd                       ? 
_refine.pdbx_data_cutoff_high_absF               ? 
_refine.pdbx_data_cutoff_high_rms_absF           ? 
_refine.pdbx_data_cutoff_low_absF                ? 
_refine.pdbx_isotropic_thermal_model             ? 
_refine.pdbx_ls_cross_valid_method               'FREE R-VALUE' 
_refine.pdbx_method_to_determine_struct          'MOLECULAR REPLACEMENT' 
_refine.pdbx_starting_model                      ? 
_refine.pdbx_stereochemistry_target_values       'GeoStd + Monomer Library + CDL v1.2' 
_refine.pdbx_R_Free_selection_details            ? 
_refine.pdbx_stereochem_target_val_spec_case     ? 
_refine.pdbx_overall_ESU_R                       ? 
_refine.pdbx_overall_ESU_R_Free                  ? 
_refine.pdbx_solvent_vdw_probe_radii             1.1000 
_refine.pdbx_solvent_ion_probe_radii             ? 
_refine.pdbx_solvent_shrinkage_radii             0.9000 
_refine.pdbx_real_space_R                        ? 
_refine.pdbx_density_correlation                 ? 
_refine.pdbx_pd_number_of_powder_patterns        ? 
_refine.pdbx_pd_number_of_points                 ? 
_refine.pdbx_pd_meas_number_of_points            ? 
_refine.pdbx_pd_proc_ls_prof_R_factor            ? 
_refine.pdbx_pd_proc_ls_prof_wR_factor           ? 
_refine.pdbx_pd_Marquardt_correlation_coeff      ? 
_refine.pdbx_pd_Fsqrd_R_factor                   ? 
_refine.pdbx_pd_ls_matrix_band_width             ? 
_refine.pdbx_overall_phase_error                 18.7413 
_refine.pdbx_overall_SU_R_free_Cruickshank_DPI   ? 
_refine.pdbx_overall_SU_R_free_Blow_DPI          ? 
_refine.pdbx_overall_SU_R_Blow_DPI               ? 
_refine.pdbx_TLS_residual_ADP_flag               ? 
_refine.pdbx_diffrn_id                           1 
_refine.overall_SU_B                             ? 
_refine.overall_SU_ML                            0.1078 
_refine.overall_SU_R_Cruickshank_DPI             ? 
_refine.overall_SU_R_free                        ? 
_refine.overall_FOM_free_R_set                   ? 
_refine.overall_FOM_work_R_set                   ? 
_refine.pdbx_average_fsc_overall                 ? 
_refine.pdbx_average_fsc_work                    ? 
_refine.pdbx_average_fsc_free                    ? 
# 
_refine_hist.pdbx_refine_id                   'X-RAY DIFFRACTION' 
_refine_hist.cycle_id                         LAST 
_refine_hist.details                          ? 
_refine_hist.d_res_high                       1.42 
_refine_hist.d_res_low                        44.20 
_refine_hist.number_atoms_solvent             52 
_refine_hist.number_atoms_total               443 
_refine_hist.number_reflns_all                ? 
_refine_hist.number_reflns_obs                ? 
_refine_hist.number_reflns_R_free             ? 
_refine_hist.number_reflns_R_work             ? 
_refine_hist.R_factor_all                     ? 
_refine_hist.R_factor_obs                     ? 
_refine_hist.R_factor_R_free                  ? 
_refine_hist.R_factor_R_work                  ? 
_refine_hist.pdbx_number_residues_total       ? 
_refine_hist.pdbx_B_iso_mean_ligand           ? 
_refine_hist.pdbx_B_iso_mean_solvent          ? 
_refine_hist.pdbx_number_atoms_protein        386 
_refine_hist.pdbx_number_atoms_nucleic_acid   0 
_refine_hist.pdbx_number_atoms_ligand         5 
_refine_hist.pdbx_number_atoms_lipid          ? 
_refine_hist.pdbx_number_atoms_carb           ? 
_refine_hist.pdbx_pseudo_atom_details         ? 
# 
loop_
_refine_ls_restr.pdbx_refine_id 
_refine_ls_restr.criterion 
_refine_ls_restr.dev_ideal 
_refine_ls_restr.dev_ideal_target 
_refine_ls_restr.number 
_refine_ls_restr.rejects 
_refine_ls_restr.type 
_refine_ls_restr.weight 
_refine_ls_restr.pdbx_restraint_function 
'X-RAY DIFFRACTION' ? 0.0094  ? 388 ? f_bond_d           ? ? 
'X-RAY DIFFRACTION' ? 1.0248  ? 522 ? f_angle_d          ? ? 
'X-RAY DIFFRACTION' ? 0.0600  ? 64  ? f_chiral_restr     ? ? 
'X-RAY DIFFRACTION' ? 0.0111  ? 70  ? f_plane_restr      ? ? 
'X-RAY DIFFRACTION' ? 17.7941 ? 148 ? f_dihedral_angle_d ? ? 
# 
loop_
_refine_ls_shell.pdbx_refine_id 
_refine_ls_shell.d_res_high 
_refine_ls_shell.d_res_low 
_refine_ls_shell.number_reflns_all 
_refine_ls_shell.number_reflns_obs 
_refine_ls_shell.number_reflns_R_free 
_refine_ls_shell.number_reflns_R_work 
_refine_ls_shell.percent_reflns_obs 
_refine_ls_shell.percent_reflns_R_free 
_refine_ls_shell.R_factor_all 
_refine_ls_shell.R_factor_obs 
_refine_ls_shell.R_factor_R_free_error 
_refine_ls_shell.R_factor_R_work 
_refine_ls_shell.redundancy_reflns_all 
_refine_ls_shell.redundancy_reflns_obs 
_refine_ls_shell.wR_factor_all 
_refine_ls_shell.wR_factor_obs 
_refine_ls_shell.wR_factor_R_free 
_refine_ls_shell.wR_factor_R_work 
_refine_ls_shell.pdbx_R_complete 
_refine_ls_shell.pdbx_total_number_of_bins_used 
_refine_ls_shell.pdbx_phase_error 
_refine_ls_shell.pdbx_fsc_work 
_refine_ls_shell.pdbx_fsc_free 
_refine_ls_shell.R_factor_R_free 
'X-RAY DIFFRACTION' 1.42 1.47  . . 150 2578 99.60  . . . . 0.2176 . . . . . . . . . . . 0.2805 
'X-RAY DIFFRACTION' 1.47 1.53  . . 129 2610 100.00 . . . . 0.1661 . . . . . . . . . . . 0.1724 
'X-RAY DIFFRACTION' 1.53 1.60  . . 122 2630 100.00 . . . . 0.1491 . . . . . . . . . . . 0.1880 
'X-RAY DIFFRACTION' 1.60 1.68  . . 140 2583 100.00 . . . . 0.1295 . . . . . . . . . . . 0.1493 
'X-RAY DIFFRACTION' 1.68 1.79  . . 155 2588 100.00 . . . . 0.1409 . . . . . . . . . . . 0.1620 
'X-RAY DIFFRACTION' 1.79 1.93  . . 148 2587 100.00 . . . . 0.1197 . . . . . . . . . . . 0.1571 
'X-RAY DIFFRACTION' 1.93 2.12  . . 148 2594 100.00 . . . . 0.1406 . . . . . . . . . . . 0.1309 
'X-RAY DIFFRACTION' 2.12 2.43  . . 138 2593 100.00 . . . . 0.1207 . . . . . . . . . . . 0.1606 
'X-RAY DIFFRACTION' 2.43 3.06  . . 144 2602 100.00 . . . . 0.1426 . . . . . . . . . . . 0.1583 
'X-RAY DIFFRACTION' 3.06 44.20 . . 165 2589 100.00 . . . . 0.1677 . . . . . . . . . . . 0.1876 
# 
_struct.entry_id                     9E7Q 
_struct.title                        'Structure of a coiled-coil peptide from C. elegans EDC4' 
_struct.pdbx_model_details           ? 
_struct.pdbx_formula_weight          ? 
_struct.pdbx_formula_weight_method   ? 
_struct.pdbx_model_type_details      ? 
_struct.pdbx_CASP_flag               N 
# 
_struct_keywords.entry_id        9E7Q 
_struct_keywords.text            'mRNA decapping, mRNA decay, gene expression, granules, GENE REGULATION' 
_struct_keywords.pdbx_keywords   'GENE REGULATION' 
# 
loop_
_struct_asym.id 
_struct_asym.pdbx_blank_PDB_chainid_flag 
_struct_asym.pdbx_modified 
_struct_asym.entity_id 
_struct_asym.details 
A N N 1 ? 
B N N 1 ? 
C N N 2 ? 
D N N 3 ? 
E N N 3 ? 
# 
_struct_ref.id                         1 
_struct_ref.db_name                    UNP 
_struct_ref.db_code                    Q8ITV7_CAEEL 
_struct_ref.pdbx_db_accession          Q8ITV7 
_struct_ref.pdbx_db_isoform            ? 
_struct_ref.entity_id                  1 
_struct_ref.pdbx_seq_one_letter_code   SIDVESVNQKLDDVIAALARIEADRKNSNEQMV 
_struct_ref.pdbx_align_begin           520 
# 
loop_
_struct_ref_seq.align_id 
_struct_ref_seq.ref_id 
_struct_ref_seq.pdbx_PDB_id_code 
_struct_ref_seq.pdbx_strand_id 
_struct_ref_seq.seq_align_beg 
_struct_ref_seq.pdbx_seq_align_beg_ins_code 
_struct_ref_seq.seq_align_end 
_struct_ref_seq.pdbx_seq_align_end_ins_code 
_struct_ref_seq.pdbx_db_accession 
_struct_ref_seq.db_align_beg 
_struct_ref_seq.pdbx_db_align_beg_ins_code 
_struct_ref_seq.db_align_end 
_struct_ref_seq.pdbx_db_align_end_ins_code 
_struct_ref_seq.pdbx_auth_seq_align_beg 
_struct_ref_seq.pdbx_auth_seq_align_end 
1 1 9E7Q A 1 ? 33 ? Q8ITV7 520 ? 552 ? 520 552 
2 1 9E7Q B 1 ? 33 ? Q8ITV7 520 ? 552 ? 520 552 
# 
_pdbx_struct_assembly.id                   1 
_pdbx_struct_assembly.details              author_and_software_defined_assembly 
_pdbx_struct_assembly.method_details       PISA 
_pdbx_struct_assembly.oligomeric_details   tetrameric 
_pdbx_struct_assembly.oligomeric_count     4 
# 
loop_
_pdbx_struct_assembly_prop.biol_id 
_pdbx_struct_assembly_prop.type 
_pdbx_struct_assembly_prop.value 
_pdbx_struct_assembly_prop.details 
1 'ABSA (A^2)' 4980 ? 
1 MORE         -60  ? 
1 'SSA (A^2)'  5620 ? 
# 
loop_
_pdbx_struct_assembly_gen.assembly_id 
_pdbx_struct_assembly_gen.oper_expression 
_pdbx_struct_assembly_gen.asym_id_list 
1 1,3 B,C,E 
1 2,4 A,D   
# 
_pdbx_struct_assembly_auth_evidence.id                     1 
_pdbx_struct_assembly_auth_evidence.assembly_id            1 
_pdbx_struct_assembly_auth_evidence.experimental_support   'gel filtration' 
_pdbx_struct_assembly_auth_evidence.details                'Confirmed by mass photometry' 
# 
loop_
_pdbx_struct_oper_list.id 
_pdbx_struct_oper_list.type 
_pdbx_struct_oper_list.name 
_pdbx_struct_oper_list.symmetry_operation 
_pdbx_struct_oper_list.matrix[1][1] 
_pdbx_struct_oper_list.matrix[1][2] 
_pdbx_struct_oper_list.matrix[1][3] 
_pdbx_struct_oper_list.vector[1] 
_pdbx_struct_oper_list.matrix[2][1] 
_pdbx_struct_oper_list.matrix[2][2] 
_pdbx_struct_oper_list.matrix[2][3] 
_pdbx_struct_oper_list.vector[2] 
_pdbx_struct_oper_list.matrix[3][1] 
_pdbx_struct_oper_list.matrix[3][2] 
_pdbx_struct_oper_list.matrix[3][3] 
_pdbx_struct_oper_list.vector[3] 
1 'identity operation'         1_555  x,y,z              1.0000000000  0.0000000000  0.0000000000  0.0000000000   0.0000000000  1.0000000000  0.0000000000  0.0000000000  0.0000000000 0.0000000000  1.0000000000 0.0000000000  
2 'crystal symmetry operation' 9_555  y,z,x              0.3198316033  0.3563790018  0.8778962083  -1.5150913558  -0.7653695989 -0.4489915649 0.4611029730  14.0395246621 0.5584954097 -0.8193903720 0.1291599616 5.7270406077  
3 'crystal symmetry operation' 13_456 y-1/4,x+1/4,-z+5/4 -0.5569074030 0.3118481249  0.7698083473  -18.3241693835 0.3118481249  -0.7805216028 0.5417903419  2.9869680617  0.7698083473 0.5417903419  0.3374290057 9.3371596153  
4 'crystal symmetry operation' 21_456 z-1/4,y+1/4,-x+5/4 0.0131387664  -0.9692608300 -0.2456843833 -8.6934806857  0.9997138108  0.0176459496  -0.0161529254 -5.3408073394 0.0199917321 -0.2454018416 0.9692152840 17.7097781276 
# 
loop_
_struct_conf.conf_type_id 
_struct_conf.id 
_struct_conf.pdbx_PDB_helix_id 
_struct_conf.beg_label_comp_id 
_struct_conf.beg_label_asym_id 
_struct_conf.beg_label_seq_id 
_struct_conf.pdbx_beg_PDB_ins_code 
_struct_conf.end_label_comp_id 
_struct_conf.end_label_asym_id 
_struct_conf.end_label_seq_id 
_struct_conf.pdbx_end_PDB_ins_code 
_struct_conf.beg_auth_comp_id 
_struct_conf.beg_auth_asym_id 
_struct_conf.beg_auth_seq_id 
_struct_conf.end_auth_comp_id 
_struct_conf.end_auth_asym_id 
_struct_conf.end_auth_seq_id 
_struct_conf.pdbx_PDB_helix_class 
_struct_conf.details 
_struct_conf.pdbx_PDB_helix_length 
HELX_P HELX_P1 AA1 ASP A 3 ? ASP A 24 ? ASP A 522 ASP A 543 1 ? 22 
HELX_P HELX_P2 AA2 SER B 6 ? GLU B 30 ? SER B 525 GLU B 549 1 ? 25 
# 
_struct_conf_type.id          HELX_P 
_struct_conf_type.criteria    ? 
_struct_conf_type.reference   ? 
# 
_pdbx_entry_details.entry_id                   9E7Q 
_pdbx_entry_details.nonpolymer_details         ? 
_pdbx_entry_details.sequence_details           ? 
_pdbx_entry_details.compound_details           ? 
_pdbx_entry_details.source_details             ? 
_pdbx_entry_details.has_ligand_of_interest     N 
_pdbx_entry_details.has_protein_modification   N 
# 
loop_
_pdbx_validate_close_contact.id 
_pdbx_validate_close_contact.PDB_model_num 
_pdbx_validate_close_contact.auth_atom_id_1 
_pdbx_validate_close_contact.auth_asym_id_1 
_pdbx_validate_close_contact.auth_comp_id_1 
_pdbx_validate_close_contact.auth_seq_id_1 
_pdbx_validate_close_contact.PDB_ins_code_1 
_pdbx_validate_close_contact.label_alt_id_1 
_pdbx_validate_close_contact.auth_atom_id_2 
_pdbx_validate_close_contact.auth_asym_id_2 
_pdbx_validate_close_contact.auth_comp_id_2 
_pdbx_validate_close_contact.auth_seq_id_2 
_pdbx_validate_close_contact.PDB_ins_code_2 
_pdbx_validate_close_contact.label_alt_id_2 
_pdbx_validate_close_contact.dist 
1 1 O   A HOH 613 ? ? O A HOH 615 ? ? 1.67 
2 1 O   A HOH 602 ? ? O B HOH 719 ? ? 1.87 
3 1 O   A HOH 606 ? ? O A HOH 622 ? ? 1.90 
4 1 O   B HOH 712 ? ? O B HOH 721 ? ? 1.96 
5 1 O   B HOH 715 ? ? O B HOH 723 ? ? 2.03 
6 1 OD2 A ASP 543 ? ? O A HOH 601 ? ? 2.08 
7 1 O   B HOH 718 ? ? O B HOH 723 ? ? 2.08 
8 1 O   A HOH 616 ? ? O A HOH 621 ? ? 2.11 
9 1 O   B HOH 715 ? ? O B HOH 725 ? ? 2.14 
# 
loop_
_pdbx_struct_special_symmetry.id 
_pdbx_struct_special_symmetry.PDB_model_num 
_pdbx_struct_special_symmetry.auth_asym_id 
_pdbx_struct_special_symmetry.auth_comp_id 
_pdbx_struct_special_symmetry.auth_seq_id 
_pdbx_struct_special_symmetry.PDB_ins_code 
_pdbx_struct_special_symmetry.label_asym_id 
_pdbx_struct_special_symmetry.label_comp_id 
_pdbx_struct_special_symmetry.label_seq_id 
1 1 B SO4 601 ? C SO4 . 
2 1 A HOH 623 ? D HOH . 
3 1 A HOH 625 ? D HOH . 
4 1 A HOH 626 ? D HOH . 
# 
loop_
_space_group_symop.id 
_space_group_symop.operation_xyz 
1  x,y,z                
2  x+1/4,-z+1/4,y+3/4   
3  x+3/4,z+1/4,-y+1/4   
4  z+3/4,y+1/4,-x+1/4   
5  -z+1/4,y+3/4,x+1/4   
6  -y+1/4,x+3/4,z+1/4   
7  y+1/4,-x+1/4,z+3/4   
8  z,x,y                
9  y,z,x                
10 -y+1/2,-z,x+1/2      
11 z+1/2,-x+1/2,-y      
12 -y,z+1/2,-x+1/2      
13 -z+1/2,-x,y+1/2      
14 -z,x+1/2,-y+1/2      
15 y+1/2,-z+1/2,-x      
16 x+1/2,-y+1/2,-z      
17 -x,y+1/2,-z+1/2      
18 -x+1/2,-y,z+1/2      
19 y+3/4,x+1/4,-z+1/4   
20 -y+3/4,-x+3/4,-z+3/4 
21 z+1/4,-y+1/4,x+3/4   
22 -z+3/4,-y+3/4,-x+3/4 
23 -x+1/4,z+3/4,y+1/4   
24 -x+3/4,-z+3/4,-y+3/4 
# 
loop_
_pdbx_unobs_or_zero_occ_residues.id 
_pdbx_unobs_or_zero_occ_residues.PDB_model_num 
_pdbx_unobs_or_zero_occ_residues.polymer_flag 
_pdbx_unobs_or_zero_occ_residues.occupancy_flag 
_pdbx_unobs_or_zero_occ_residues.auth_asym_id 
_pdbx_unobs_or_zero_occ_residues.auth_comp_id 
_pdbx_unobs_or_zero_occ_residues.auth_seq_id 
_pdbx_unobs_or_zero_occ_residues.PDB_ins_code 
_pdbx_unobs_or_zero_occ_residues.label_asym_id 
_pdbx_unobs_or_zero_occ_residues.label_comp_id 
_pdbx_unobs_or_zero_occ_residues.label_seq_id 
1  1 Y 1 A SER 520 ? A SER 1  
2  1 Y 1 A ILE 521 ? A ILE 2  
3  1 Y 1 A LYS 545 ? A LYS 26 
4  1 Y 1 A ASN 546 ? A ASN 27 
5  1 Y 1 A SER 547 ? A SER 28 
6  1 Y 1 A ASN 548 ? A ASN 29 
7  1 Y 1 A GLU 549 ? A GLU 30 
8  1 Y 1 A GLN 550 ? A GLN 31 
9  1 Y 1 A MET 551 ? A MET 32 
10 1 Y 1 A VAL 552 ? A VAL 33 
11 1 Y 1 B SER 520 ? B SER 1  
12 1 Y 1 B ILE 521 ? B ILE 2  
13 1 Y 1 B ASP 522 ? B ASP 3  
14 1 Y 1 B GLN 550 ? B GLN 31 
15 1 Y 1 B MET 551 ? B MET 32 
16 1 Y 1 B VAL 552 ? B VAL 33 
# 
loop_
_chem_comp_atom.comp_id 
_chem_comp_atom.atom_id 
_chem_comp_atom.type_symbol 
_chem_comp_atom.pdbx_aromatic_flag 
_chem_comp_atom.pdbx_stereo_config 
_chem_comp_atom.pdbx_ordinal 
ALA N    N N N 1   
ALA CA   C N S 2   
ALA C    C N N 3   
ALA O    O N N 4   
ALA CB   C N N 5   
ALA OXT  O N N 6   
ALA H    H N N 7   
ALA H2   H N N 8   
ALA HA   H N N 9   
ALA HB1  H N N 10  
ALA HB2  H N N 11  
ALA HB3  H N N 12  
ALA HXT  H N N 13  
ARG N    N N N 14  
ARG CA   C N S 15  
ARG C    C N N 16  
ARG O    O N N 17  
ARG CB   C N N 18  
ARG CG   C N N 19  
ARG CD   C N N 20  
ARG NE   N N N 21  
ARG CZ   C N N 22  
ARG NH1  N N N 23  
ARG NH2  N N N 24  
ARG OXT  O N N 25  
ARG H    H N N 26  
ARG H2   H N N 27  
ARG HA   H N N 28  
ARG HB2  H N N 29  
ARG HB3  H N N 30  
ARG HG2  H N N 31  
ARG HG3  H N N 32  
ARG HD2  H N N 33  
ARG HD3  H N N 34  
ARG HE   H N N 35  
ARG HH11 H N N 36  
ARG HH12 H N N 37  
ARG HH21 H N N 38  
ARG HH22 H N N 39  
ARG HXT  H N N 40  
ASN N    N N N 41  
ASN CA   C N S 42  
ASN C    C N N 43  
ASN O    O N N 44  
ASN CB   C N N 45  
ASN CG   C N N 46  
ASN OD1  O N N 47  
ASN ND2  N N N 48  
ASN OXT  O N N 49  
ASN H    H N N 50  
ASN H2   H N N 51  
ASN HA   H N N 52  
ASN HB2  H N N 53  
ASN HB3  H N N 54  
ASN HD21 H N N 55  
ASN HD22 H N N 56  
ASN HXT  H N N 57  
ASP N    N N N 58  
ASP CA   C N S 59  
ASP C    C N N 60  
ASP O    O N N 61  
ASP CB   C N N 62  
ASP CG   C N N 63  
ASP OD1  O N N 64  
ASP OD2  O N N 65  
ASP OXT  O N N 66  
ASP H    H N N 67  
ASP H2   H N N 68  
ASP HA   H N N 69  
ASP HB2  H N N 70  
ASP HB3  H N N 71  
ASP HD2  H N N 72  
ASP HXT  H N N 73  
GLN N    N N N 74  
GLN CA   C N S 75  
GLN C    C N N 76  
GLN O    O N N 77  
GLN CB   C N N 78  
GLN CG   C N N 79  
GLN CD   C N N 80  
GLN OE1  O N N 81  
GLN NE2  N N N 82  
GLN OXT  O N N 83  
GLN H    H N N 84  
GLN H2   H N N 85  
GLN HA   H N N 86  
GLN HB2  H N N 87  
GLN HB3  H N N 88  
GLN HG2  H N N 89  
GLN HG3  H N N 90  
GLN HE21 H N N 91  
GLN HE22 H N N 92  
GLN HXT  H N N 93  
GLU N    N N N 94  
GLU CA   C N S 95  
GLU C    C N N 96  
GLU O    O N N 97  
GLU CB   C N N 98  
GLU CG   C N N 99  
GLU CD   C N N 100 
GLU OE1  O N N 101 
GLU OE2  O N N 102 
GLU OXT  O N N 103 
GLU H    H N N 104 
GLU H2   H N N 105 
GLU HA   H N N 106 
GLU HB2  H N N 107 
GLU HB3  H N N 108 
GLU HG2  H N N 109 
GLU HG3  H N N 110 
GLU HE2  H N N 111 
GLU HXT  H N N 112 
HOH O    O N N 113 
HOH H1   H N N 114 
HOH H2   H N N 115 
ILE N    N N N 116 
ILE CA   C N S 117 
ILE C    C N N 118 
ILE O    O N N 119 
ILE CB   C N S 120 
ILE CG1  C N N 121 
ILE CG2  C N N 122 
ILE CD1  C N N 123 
ILE OXT  O N N 124 
ILE H    H N N 125 
ILE H2   H N N 126 
ILE HA   H N N 127 
ILE HB   H N N 128 
ILE HG12 H N N 129 
ILE HG13 H N N 130 
ILE HG21 H N N 131 
ILE HG22 H N N 132 
ILE HG23 H N N 133 
ILE HD11 H N N 134 
ILE HD12 H N N 135 
ILE HD13 H N N 136 
ILE HXT  H N N 137 
LEU N    N N N 138 
LEU CA   C N S 139 
LEU C    C N N 140 
LEU O    O N N 141 
LEU CB   C N N 142 
LEU CG   C N N 143 
LEU CD1  C N N 144 
LEU CD2  C N N 145 
LEU OXT  O N N 146 
LEU H    H N N 147 
LEU H2   H N N 148 
LEU HA   H N N 149 
LEU HB2  H N N 150 
LEU HB3  H N N 151 
LEU HG   H N N 152 
LEU HD11 H N N 153 
LEU HD12 H N N 154 
LEU HD13 H N N 155 
LEU HD21 H N N 156 
LEU HD22 H N N 157 
LEU HD23 H N N 158 
LEU HXT  H N N 159 
LYS N    N N N 160 
LYS CA   C N S 161 
LYS C    C N N 162 
LYS O    O N N 163 
LYS CB   C N N 164 
LYS CG   C N N 165 
LYS CD   C N N 166 
LYS CE   C N N 167 
LYS NZ   N N N 168 
LYS OXT  O N N 169 
LYS H    H N N 170 
LYS H2   H N N 171 
LYS HA   H N N 172 
LYS HB2  H N N 173 
LYS HB3  H N N 174 
LYS HG2  H N N 175 
LYS HG3  H N N 176 
LYS HD2  H N N 177 
LYS HD3  H N N 178 
LYS HE2  H N N 179 
LYS HE3  H N N 180 
LYS HZ1  H N N 181 
LYS HZ2  H N N 182 
LYS HZ3  H N N 183 
LYS HXT  H N N 184 
MET N    N N N 185 
MET CA   C N S 186 
MET C    C N N 187 
MET O    O N N 188 
MET CB   C N N 189 
MET CG   C N N 190 
MET SD   S N N 191 
MET CE   C N N 192 
MET OXT  O N N 193 
MET H    H N N 194 
MET H2   H N N 195 
MET HA   H N N 196 
MET HB2  H N N 197 
MET HB3  H N N 198 
MET HG2  H N N 199 
MET HG3  H N N 200 
MET HE1  H N N 201 
MET HE2  H N N 202 
MET HE3  H N N 203 
MET HXT  H N N 204 
SER N    N N N 205 
SER CA   C N S 206 
SER C    C N N 207 
SER O    O N N 208 
SER CB   C N N 209 
SER OG   O N N 210 
SER OXT  O N N 211 
SER H    H N N 212 
SER H2   H N N 213 
SER HA   H N N 214 
SER HB2  H N N 215 
SER HB3  H N N 216 
SER HG   H N N 217 
SER HXT  H N N 218 
SO4 S    S N N 219 
SO4 O1   O N N 220 
SO4 O2   O N N 221 
SO4 O3   O N N 222 
SO4 O4   O N N 223 
VAL N    N N N 224 
VAL CA   C N S 225 
VAL C    C N N 226 
VAL O    O N N 227 
VAL CB   C N N 228 
VAL CG1  C N N 229 
VAL CG2  C N N 230 
VAL OXT  O N N 231 
VAL H    H N N 232 
VAL H2   H N N 233 
VAL HA   H N N 234 
VAL HB   H N N 235 
VAL HG11 H N N 236 
VAL HG12 H N N 237 
VAL HG13 H N N 238 
VAL HG21 H N N 239 
VAL HG22 H N N 240 
VAL HG23 H N N 241 
VAL HXT  H N N 242 
# 
loop_
_chem_comp_bond.comp_id 
_chem_comp_bond.atom_id_1 
_chem_comp_bond.atom_id_2 
_chem_comp_bond.value_order 
_chem_comp_bond.pdbx_aromatic_flag 
_chem_comp_bond.pdbx_stereo_config 
_chem_comp_bond.pdbx_ordinal 
ALA N   CA   sing N N 1   
ALA N   H    sing N N 2   
ALA N   H2   sing N N 3   
ALA CA  C    sing N N 4   
ALA CA  CB   sing N N 5   
ALA CA  HA   sing N N 6   
ALA C   O    doub N N 7   
ALA C   OXT  sing N N 8   
ALA CB  HB1  sing N N 9   
ALA CB  HB2  sing N N 10  
ALA CB  HB3  sing N N 11  
ALA OXT HXT  sing N N 12  
ARG N   CA   sing N N 13  
ARG N   H    sing N N 14  
ARG N   H2   sing N N 15  
ARG CA  C    sing N N 16  
ARG CA  CB   sing N N 17  
ARG CA  HA   sing N N 18  
ARG C   O    doub N N 19  
ARG C   OXT  sing N N 20  
ARG CB  CG   sing N N 21  
ARG CB  HB2  sing N N 22  
ARG CB  HB3  sing N N 23  
ARG CG  CD   sing N N 24  
ARG CG  HG2  sing N N 25  
ARG CG  HG3  sing N N 26  
ARG CD  NE   sing N N 27  
ARG CD  HD2  sing N N 28  
ARG CD  HD3  sing N N 29  
ARG NE  CZ   sing N N 30  
ARG NE  HE   sing N N 31  
ARG CZ  NH1  sing N N 32  
ARG CZ  NH2  doub N N 33  
ARG NH1 HH11 sing N N 34  
ARG NH1 HH12 sing N N 35  
ARG NH2 HH21 sing N N 36  
ARG NH2 HH22 sing N N 37  
ARG OXT HXT  sing N N 38  
ASN N   CA   sing N N 39  
ASN N   H    sing N N 40  
ASN N   H2   sing N N 41  
ASN CA  C    sing N N 42  
ASN CA  CB   sing N N 43  
ASN CA  HA   sing N N 44  
ASN C   O    doub N N 45  
ASN C   OXT  sing N N 46  
ASN CB  CG   sing N N 47  
ASN CB  HB2  sing N N 48  
ASN CB  HB3  sing N N 49  
ASN CG  OD1  doub N N 50  
ASN CG  ND2  sing N N 51  
ASN ND2 HD21 sing N N 52  
ASN ND2 HD22 sing N N 53  
ASN OXT HXT  sing N N 54  
ASP N   CA   sing N N 55  
ASP N   H    sing N N 56  
ASP N   H2   sing N N 57  
ASP CA  C    sing N N 58  
ASP CA  CB   sing N N 59  
ASP CA  HA   sing N N 60  
ASP C   O    doub N N 61  
ASP C   OXT  sing N N 62  
ASP CB  CG   sing N N 63  
ASP CB  HB2  sing N N 64  
ASP CB  HB3  sing N N 65  
ASP CG  OD1  doub N N 66  
ASP CG  OD2  sing N N 67  
ASP OD2 HD2  sing N N 68  
ASP OXT HXT  sing N N 69  
GLN N   CA   sing N N 70  
GLN N   H    sing N N 71  
GLN N   H2   sing N N 72  
GLN CA  C    sing N N 73  
GLN CA  CB   sing N N 74  
GLN CA  HA   sing N N 75  
GLN C   O    doub N N 76  
GLN C   OXT  sing N N 77  
GLN CB  CG   sing N N 78  
GLN CB  HB2  sing N N 79  
GLN CB  HB3  sing N N 80  
GLN CG  CD   sing N N 81  
GLN CG  HG2  sing N N 82  
GLN CG  HG3  sing N N 83  
GLN CD  OE1  doub N N 84  
GLN CD  NE2  sing N N 85  
GLN NE2 HE21 sing N N 86  
GLN NE2 HE22 sing N N 87  
GLN OXT HXT  sing N N 88  
GLU N   CA   sing N N 89  
GLU N   H    sing N N 90  
GLU N   H2   sing N N 91  
GLU CA  C    sing N N 92  
GLU CA  CB   sing N N 93  
GLU CA  HA   sing N N 94  
GLU C   O    doub N N 95  
GLU C   OXT  sing N N 96  
GLU CB  CG   sing N N 97  
GLU CB  HB2  sing N N 98  
GLU CB  HB3  sing N N 99  
GLU CG  CD   sing N N 100 
GLU CG  HG2  sing N N 101 
GLU CG  HG3  sing N N 102 
GLU CD  OE1  doub N N 103 
GLU CD  OE2  sing N N 104 
GLU OE2 HE2  sing N N 105 
GLU OXT HXT  sing N N 106 
HOH O   H1   sing N N 107 
HOH O   H2   sing N N 108 
ILE N   CA   sing N N 109 
ILE N   H    sing N N 110 
ILE N   H2   sing N N 111 
ILE CA  C    sing N N 112 
ILE CA  CB   sing N N 113 
ILE CA  HA   sing N N 114 
ILE C   O    doub N N 115 
ILE C   OXT  sing N N 116 
ILE CB  CG1  sing N N 117 
ILE CB  CG2  sing N N 118 
ILE CB  HB   sing N N 119 
ILE CG1 CD1  sing N N 120 
ILE CG1 HG12 sing N N 121 
ILE CG1 HG13 sing N N 122 
ILE CG2 HG21 sing N N 123 
ILE CG2 HG22 sing N N 124 
ILE CG2 HG23 sing N N 125 
ILE CD1 HD11 sing N N 126 
ILE CD1 HD12 sing N N 127 
ILE CD1 HD13 sing N N 128 
ILE OXT HXT  sing N N 129 
LEU N   CA   sing N N 130 
LEU N   H    sing N N 131 
LEU N   H2   sing N N 132 
LEU CA  C    sing N N 133 
LEU CA  CB   sing N N 134 
LEU CA  HA   sing N N 135 
LEU C   O    doub N N 136 
LEU C   OXT  sing N N 137 
LEU CB  CG   sing N N 138 
LEU CB  HB2  sing N N 139 
LEU CB  HB3  sing N N 140 
LEU CG  CD1  sing N N 141 
LEU CG  CD2  sing N N 142 
LEU CG  HG   sing N N 143 
LEU CD1 HD11 sing N N 144 
LEU CD1 HD12 sing N N 145 
LEU CD1 HD13 sing N N 146 
LEU CD2 HD21 sing N N 147 
LEU CD2 HD22 sing N N 148 
LEU CD2 HD23 sing N N 149 
LEU OXT HXT  sing N N 150 
LYS N   CA   sing N N 151 
LYS N   H    sing N N 152 
LYS N   H2   sing N N 153 
LYS CA  C    sing N N 154 
LYS CA  CB   sing N N 155 
LYS CA  HA   sing N N 156 
LYS C   O    doub N N 157 
LYS C   OXT  sing N N 158 
LYS CB  CG   sing N N 159 
LYS CB  HB2  sing N N 160 
LYS CB  HB3  sing N N 161 
LYS CG  CD   sing N N 162 
LYS CG  HG2  sing N N 163 
LYS CG  HG3  sing N N 164 
LYS CD  CE   sing N N 165 
LYS CD  HD2  sing N N 166 
LYS CD  HD3  sing N N 167 
LYS CE  NZ   sing N N 168 
LYS CE  HE2  sing N N 169 
LYS CE  HE3  sing N N 170 
LYS NZ  HZ1  sing N N 171 
LYS NZ  HZ2  sing N N 172 
LYS NZ  HZ3  sing N N 173 
LYS OXT HXT  sing N N 174 
MET N   CA   sing N N 175 
MET N   H    sing N N 176 
MET N   H2   sing N N 177 
MET CA  C    sing N N 178 
MET CA  CB   sing N N 179 
MET CA  HA   sing N N 180 
MET C   O    doub N N 181 
MET C   OXT  sing N N 182 
MET CB  CG   sing N N 183 
MET CB  HB2  sing N N 184 
MET CB  HB3  sing N N 185 
MET CG  SD   sing N N 186 
MET CG  HG2  sing N N 187 
MET CG  HG3  sing N N 188 
MET SD  CE   sing N N 189 
MET CE  HE1  sing N N 190 
MET CE  HE2  sing N N 191 
MET CE  HE3  sing N N 192 
MET OXT HXT  sing N N 193 
SER N   CA   sing N N 194 
SER N   H    sing N N 195 
SER N   H2   sing N N 196 
SER CA  C    sing N N 197 
SER CA  CB   sing N N 198 
SER CA  HA   sing N N 199 
SER C   O    doub N N 200 
SER C   OXT  sing N N 201 
SER CB  OG   sing N N 202 
SER CB  HB2  sing N N 203 
SER CB  HB3  sing N N 204 
SER OG  HG   sing N N 205 
SER OXT HXT  sing N N 206 
SO4 S   O1   doub N N 207 
SO4 S   O2   doub N N 208 
SO4 S   O3   sing N N 209 
SO4 S   O4   sing N N 210 
VAL N   CA   sing N N 211 
VAL N   H    sing N N 212 
VAL N   H2   sing N N 213 
VAL CA  C    sing N N 214 
VAL CA  CB   sing N N 215 
VAL CA  HA   sing N N 216 
VAL C   O    doub N N 217 
VAL C   OXT  sing N N 218 
VAL CB  CG1  sing N N 219 
VAL CB  CG2  sing N N 220 
VAL CB  HB   sing N N 221 
VAL CG1 HG11 sing N N 222 
VAL CG1 HG12 sing N N 223 
VAL CG1 HG13 sing N N 224 
VAL CG2 HG21 sing N N 225 
VAL CG2 HG22 sing N N 226 
VAL CG2 HG23 sing N N 227 
VAL OXT HXT  sing N N 228 
# 
_pdbx_audit_support.funding_organization   'National Institutes of Health/National Cancer Institute (NIH/NCI)' 
_pdbx_audit_support.country                'United States' 
_pdbx_audit_support.grant_number           ? 
_pdbx_audit_support.ordinal                1 
# 
_pdbx_initial_refinement_model.id               1 
_pdbx_initial_refinement_model.entity_id_list   ? 
_pdbx_initial_refinement_model.type             'in silico model' 
_pdbx_initial_refinement_model.source_name      Other 
_pdbx_initial_refinement_model.accession_code   ? 
_pdbx_initial_refinement_model.details          'polyalanine helix' 
# 
_space_group.name_H-M_alt     'P 41 3 2' 
_space_group.name_Hall        'P 4bd 2ab 3' 
_space_group.IT_number        213 
_space_group.crystal_system   cubic 
_space_group.id               1 
# 
_atom_sites.entry_id                    9E7Q 
_atom_sites.Cartn_transf_matrix[1][1]   ? 
_atom_sites.Cartn_transf_matrix[1][2]   ? 
_atom_sites.Cartn_transf_matrix[1][3]   ? 
_atom_sites.Cartn_transf_matrix[2][1]   ? 
_atom_sites.Cartn_transf_matrix[2][2]   ? 
_atom_sites.Cartn_transf_matrix[2][3]   ? 
_atom_sites.Cartn_transf_matrix[3][1]   ? 
_atom_sites.Cartn_transf_matrix[3][2]   ? 
_atom_sites.Cartn_transf_matrix[3][3]   ? 
_atom_sites.Cartn_transf_vector[1]      ? 
_atom_sites.Cartn_transf_vector[2]      ? 
_atom_sites.Cartn_transf_vector[3]      ? 
_atom_sites.Cartn_transform_axes        ? 
_atom_sites.fract_transf_matrix[1][1]   0.01019119 
_atom_sites.fract_transf_matrix[1][2]   0.00785388 
_atom_sites.fract_transf_matrix[1][3]   0.00224630 
_atom_sites.fract_transf_matrix[2][1]   -0.00149711 
_atom_sites.fract_transf_matrix[2][2]   -0.00173500 
_atom_sites.fract_transf_matrix[2][3]   0.01285839 
_atom_sites.fract_transf_matrix[3][1]   0.00803044 
_atom_sites.fract_transf_matrix[3][2]   -0.01029058 
_atom_sites.fract_transf_matrix[3][3]   -0.00045353 
_atom_sites.fract_transf_vector[1]      0.556824 
_atom_sites.fract_transf_vector[2]      0.664513 
_atom_sites.fract_transf_vector[3]      0.716063 
_atom_sites.solution_primary            ? 
_atom_sites.solution_secondary          ? 
_atom_sites.solution_hydrogens          ? 
_atom_sites.special_details             ? 
# 
loop_
_atom_type.symbol 
_atom_type.scat_dispersion_real 
_atom_type.scat_dispersion_imag 
_atom_type.scat_Cromer_Mann_a1 
_atom_type.scat_Cromer_Mann_a2 
_atom_type.scat_Cromer_Mann_a3 
_atom_type.scat_Cromer_Mann_a4 
_atom_type.scat_Cromer_Mann_b1 
_atom_type.scat_Cromer_Mann_b2 
_atom_type.scat_Cromer_Mann_b3 
_atom_type.scat_Cromer_Mann_b4 
_atom_type.scat_Cromer_Mann_c 
_atom_type.scat_source 
_atom_type.scat_dispersion_source 
C ? ? 3.54356 2.42580 ? ? 25.62398 1.50364  ? ? 0.0 
;2-Gaussian fit: Grosse-Kunstleve RW, Sauter NK, Adams PD: Newsletter of the IUCr Commission on Crystallographic Computing 2004, 3, 22-31.
;
? 
N ? ? 4.01032 2.96436 ? ? 19.97189 1.75589  ? ? 0.0 
;2-Gaussian fit: Grosse-Kunstleve RW, Sauter NK, Adams PD: Newsletter of the IUCr Commission on Crystallographic Computing 2004, 3, 22-31.
;
? 
O ? ? 4.49882 3.47563 ? ? 15.80542 1.70748  ? ? 0.0 
;2-Gaussian fit: Grosse-Kunstleve RW, Sauter NK, Adams PD: Newsletter of the IUCr Commission on Crystallographic Computing 2004, 3, 22-31.
;
? 
S ? ? 9.55732 6.39887 ? ? 1.23737  29.19336 ? ? 0.0 
;2-Gaussian fit: Grosse-Kunstleve RW, Sauter NK, Adams PD: Newsletter of the IUCr Commission on Crystallographic Computing 2004, 3, 22-31.
;
? 
# 
loop_
_atom_site.group_PDB 
_atom_site.id 
_atom_site.type_symbol 
_atom_site.label_atom_id 
_atom_site.label_alt_id 
_atom_site.label_comp_id 
_atom_site.label_asym_id 
_atom_site.label_entity_id 
_atom_site.label_seq_id 
_atom_site.pdbx_PDB_ins_code 
_atom_site.Cartn_x 
_atom_site.Cartn_y 
_atom_site.Cartn_z 
_atom_site.occupancy 
_atom_site.B_iso_or_equiv 
_atom_site.pdbx_formal_charge 
_atom_site.auth_seq_id 
_atom_site.auth_comp_id 
_atom_site.auth_asym_id 
_atom_site.auth_atom_id 
_atom_site.pdbx_PDB_model_num 
ATOM   1   N N   . ASP A 1 3  ? 13.52741  -5.66057  7.26005   1.000 44.56080 ? 522 ASP A N   1 
ATOM   2   C CA  . ASP A 1 3  ? 13.14536  -7.06135  7.12977   1.000 43.65563 ? 522 ASP A CA  1 
ATOM   3   C C   . ASP A 1 3  ? 12.09294  -7.29034  6.04466   1.000 37.64995 ? 522 ASP A C   1 
ATOM   4   O O   . ASP A 1 3  ? 11.71849  -6.37117  5.30516   1.000 35.39499 ? 522 ASP A O   1 
ATOM   5   C CB  . ASP A 1 3  ? 12.61125  -7.58267  8.45620   1.000 48.07865 ? 522 ASP A CB  1 
ATOM   6   C CG  . ASP A 1 3  ? 11.47218  -6.74339  9.00321   1.000 50.03664 ? 522 ASP A CG  1 
ATOM   7   O OD1 . ASP A 1 3  ? 10.89256  -5.92470  8.26367   1.000 46.76073 ? 522 ASP A OD1 1 
ATOM   8   O OD2 . ASP A 1 3  ? 11.15162  -6.90855  10.19996  1.000 54.56169 ? 522 ASP A OD2 1 
ATOM   9   N N   . VAL A 1 4  ? 11.59299  -8.52964  5.98220   1.000 37.02458 ? 523 VAL A N   1 
ATOM   10  C CA  . VAL A 1 4  ? 10.62034  -8.89187  4.95310   1.000 34.09069 ? 523 VAL A CA  1 
ATOM   11  C C   . VAL A 1 4  ? 9.36183   -8.04161  5.07863   1.000 29.08142 ? 523 VAL A C   1 
ATOM   12  O O   . VAL A 1 4  ? 8.78770   -7.61065  4.07076   1.000 29.52924 ? 523 VAL A O   1 
ATOM   13  C CB  . VAL A 1 4  ? 10.32334  -10.40161 5.00215   1.000 36.30353 ? 523 VAL A CB  1 
ATOM   14  C CG1 . VAL A 1 4  ? 9.15209   -10.74793 4.09467   1.000 37.12879 ? 523 VAL A CG1 1 
ATOM   15  C CG2 . VAL A 1 4  ? 11.55742  -11.16527 4.60273   1.000 37.79304 ? 523 VAL A CG2 1 
ATOM   16  N N   . GLU A 1 5  ? 8.92641   -7.76447  6.30851   1.000 30.00365 ? 524 GLU A N   1 
ATOM   17  C CA  . GLU A 1 5  ? 7.75303   -6.91760  6.49877   1.000 28.59520 ? 524 GLU A CA  1 
ATOM   18  C C   . GLU A 1 5  ? 7.96563   -5.52016  5.91699   1.000 25.93767 ? 524 GLU A C   1 
ATOM   19  O O   . GLU A 1 5  ? 7.09574   -4.99159  5.22454   1.000 23.98420 ? 524 GLU A O   1 
ATOM   20  C CB  . GLU A 1 5  ? 7.40628   -6.84759  7.98380   1.000 31.80917 ? 524 GLU A CB  1 
ATOM   21  C CG  . GLU A 1 5  ? 6.22096   -5.92859  8.25842   1.000 38.03620 ? 524 GLU A CG  1 
ATOM   22  C CD  . GLU A 1 5  ? 5.60495   -6.11293  9.62773   1.000 47.83525 ? 524 GLU A CD  1 
ATOM   23  O OE1 . GLU A 1 5  ? 4.61521   -6.88601  9.74580   1.000 50.60930 ? 524 GLU A OE1 1 
ATOM   24  O OE2 . GLU A 1 5  ? 6.10072   -5.47037  10.58369  1.000 51.86768 ? 524 GLU A OE2 1 
ATOM   25  N N   . SER A 1 6  ? 9.12381   -4.91167  6.18439   1.000 25.27175 ? 525 SER A N   1 
ATOM   26  C CA  . SER A 1 6  ? 9.41128   -3.58391  5.65176   1.000 24.52527 ? 525 SER A CA  1 
ATOM   27  C C   . SER A 1 6  ? 9.44351   -3.60391  4.12120   1.000 19.21816 ? 525 SER A C   1 
ATOM   28  O O   . SER A 1 6  ? 8.91183   -2.69781  3.45715   1.000 19.07175 ? 525 SER A O   1 
ATOM   29  C CB  . SER A 1 6  ? 10.75406  -3.09390  6.21391   1.000 32.75634 ? 525 SER A CB  1 
ATOM   30  O OG  . SER A 1 6  ? 11.12808  -1.84638  5.63129   1.000 40.26478 ? 525 SER A OG  1 
ATOM   31  N N   . VAL A 1 7  ? 10.04993  -4.63575  3.53654   1.000 20.24151 ? 526 VAL A N   1 
ATOM   32  C CA  . VAL A 1 7  ? 10.07966  -4.74222  2.08202   1.000 18.47174 ? 526 VAL A CA  1 
ATOM   33  C C   . VAL A 1 7  ? 8.65797   -4.80747  1.52222   1.000 17.97093 ? 526 VAL A C   1 
ATOM   34  O O   . VAL A 1 7  ? 8.31490   -4.11693  0.54775   1.000 15.88238 ? 526 VAL A O   1 
ATOM   35  C CB  . VAL A 1 7  ? 10.93755  -5.94865  1.65626   1.000 18.38571 ? 526 VAL A CB  1 
ATOM   36  C CG1 . VAL A 1 7  ? 10.77541  -6.18086  0.13819   1.000 20.00244 ? 526 VAL A CG1 1 
ATOM   37  C CG2 . VAL A 1 7  ? 12.39394  -5.70015  2.03397   1.000 21.64565 ? 526 VAL A CG2 1 
ATOM   38  N N   . ASN A 1 8  ? 7.80739   -5.63711  2.14151   1.000 17.92891 ? 527 ASN A N   1 
ATOM   39  C CA  . ASN A 1 8  ? 6.42787   -5.77227  1.69985   1.000 17.43884 ? 527 ASN A CA  1 
ATOM   40  C C   . ASN A 1 8  ? 5.69751   -4.44311  1.79396   1.000 16.96170 ? 527 ASN A C   1 
ATOM   41  O O   . ASN A 1 8  ? 4.97276   -4.07194  0.87124   1.000 16.20845 ? 527 ASN A O   1 
ATOM   42  C CB  . ASN A 1 8  ? 5.69492   -6.82991  2.52954   1.000 19.89451 ? 527 ASN A CB  1 
ATOM   43  C CG  . ASN A 1 8  ? 5.67725   -8.17554  1.85762   1.000 24.07241 ? 527 ASN A CG  1 
ATOM   44  O OD1 . ASN A 1 8  ? 5.16500   -8.30785  0.74064   1.000 27.36256 ? 527 ASN A OD1 1 
ATOM   45  N ND2 . ASN A 1 8  ? 6.26314   -9.18920  2.51714   1.000 28.58460 ? 527 ASN A ND2 1 
ATOM   46  N N   . GLN A 1 9  ? 5.90671   -3.70629  2.89047   1.000 17.36124 ? 528 GLN A N   1 
ATOM   47  C CA  . GLN A 1 9  ? 5.18463   -2.45967  3.10068   1.000 16.45429 ? 528 GLN A CA  1 
ATOM   48  C C   . GLN A 1 9  ? 5.62801   -1.41206  2.09494   1.000 14.30500 ? 528 GLN A C   1 
ATOM   49  O O   . GLN A 1 9  ? 4.79520   -0.66772  1.56764   1.000 14.86762 ? 528 GLN A O   1 
ATOM   50  C CB  . GLN A 1 9  ? 5.36798   -1.95216  4.52398   1.000 19.68940 ? 528 GLN A CB  1 
ATOM   51  C CG  . GLN A 1 9  ? 4.72356   -2.85443  5.56852   1.000 25.20302 ? 528 GLN A CG  1 
ATOM   52  C CD  . GLN A 1 9  ? 5.00612   -2.43485  7.00205   1.000 28.63400 ? 528 GLN A CD  1 
ATOM   53  O OE1 . GLN A 1 9  ? 6.00040   -1.75867  7.29334   1.000 32.82884 ? 528 GLN A OE1 1 
ATOM   54  N NE2 . GLN A 1 9  ? 4.14894   -2.85189  7.89772   1.000 30.35096 ? 528 GLN A NE2 1 
ATOM   55  N N   . LYS A 1 10 ? 6.92569   -1.35401  1.78038   1.000 15.01688 ? 529 LYS A N   1 
ATOM   56  C CA  . LYS A 1 10 ? 7.36255   -0.41151  0.75643   1.000 14.23061 ? 529 LYS A CA  1 
ATOM   57  C C   . LYS A 1 10 ? 6.82109   -0.80038  -0.60739  1.000 13.28825 ? 529 LYS A C   1 
ATOM   58  O O   . LYS A 1 10 ? 6.41289   0.07552   -1.38627  1.000 13.03043 ? 529 LYS A O   1 
ATOM   59  C CB  . LYS A 1 10 ? 8.88928   -0.26352  0.75950   1.000 16.78969 ? 529 LYS A CB  1 
ATOM   60  C CG  . LYS A 1 10 ? 9.37812   0.52597   1.96293   1.000 18.93333 ? 529 LYS A CG  1 
ATOM   61  C CD  . LYS A 1 10 ? 10.86763  0.90024   1.92343   1.000 20.81559 ? 529 LYS A CD  1 
ATOM   62  C CE  . LYS A 1 10 ? 11.17651  1.69271   3.20295   1.000 25.84757 ? 529 LYS A CE  1 
ATOM   63  N NZ  . LYS A 1 10 ? 12.42606  2.44754   3.21632   1.000 29.74173 ? 529 LYS A NZ  1 
ATOM   64  N N   . LEU A 1 11 ? 6.81073   -2.10547  -0.92588  1.000 12.83619 ? 530 LEU A N   1 
ATOM   65  C CA  . LEU A 1 11 ? 6.22383   -2.52591  -2.19723  1.000 11.40337 ? 530 LEU A CA  1 
ATOM   66  C C   . LEU A 1 11 ? 4.74504   -2.16159  -2.27677  1.000 12.18593 ? 530 LEU A C   1 
ATOM   67  O O   . LEU A 1 11 ? 4.25552   -1.82206  -3.34958  1.000 12.33888 ? 530 LEU A O   1 
ATOM   68  C CB  . LEU A 1 11 ? 6.42680   -4.02449  -2.43227  1.000 12.67225 ? 530 LEU A CB  1 
ATOM   69  C CG  . LEU A 1 11 ? 7.85542   -4.37764  -2.86500  1.000 13.88601 ? 530 LEU A CG  1 
ATOM   70  C CD1 . LEU A 1 11 ? 8.04937   -5.88023  -2.83862  1.000 15.10600 ? 530 LEU A CD1 1 
ATOM   71  C CD2 . LEU A 1 11 ? 8.18707   -3.83221  -4.23764  1.000 16.07213 ? 530 LEU A CD2 1 
ATOM   72  N N   . ASP A 1 12 ? 4.01265   -2.22930  -1.15843  1.000 12.48929 ? 531 ASP A N   1 
ATOM   73  C CA  . ASP A 1 12 ? 2.61145   -1.80363  -1.17908  1.000 12.21408 ? 531 ASP A CA  1 
ATOM   74  C C   . ASP A 1 12 ? 2.50158   -0.32102  -1.55275  1.000 12.72335 ? 531 ASP A C   1 
ATOM   75  O O   . ASP A 1 12 ? 1.62589   0.05845   -2.34145  1.000 11.80586 ? 531 ASP A O   1 
ATOM   76  C CB  . ASP A 1 12 ? 1.94189   -2.08537  0.16638   1.000 12.03657 ? 531 ASP A CB  1 
ATOM   77  C CG  . ASP A 1 12 ? 1.82675   -3.57525  0.46905   1.000 11.93407 ? 531 ASP A CG  1 
ATOM   78  O OD1 . ASP A 1 12 ? 1.83882   -4.39714  -0.47073  1.000 14.11579 ? 531 ASP A OD1 1 
ATOM   79  O OD2 . ASP A 1 12 ? 1.70136   -3.90765  1.66280   1.000 13.98302 ? 531 ASP A OD2 1 
ATOM   80  N N   . ASP A 1 13 ? 3.38722   0.53734   -1.01087  1.000 11.97729 ? 532 ASP A N   1 
ATOM   81  C CA  . ASP A 1 13 ? 3.37884   1.94136   -1.42006  1.000 11.79337 ? 532 ASP A CA  1 
ATOM   82  C C   . ASP A 1 13 ? 3.67683   2.07819   -2.90100  1.000 10.69022 ? 532 ASP A C   1 
ATOM   83  O O   . ASP A 1 13 ? 3.03645   2.87777   -3.59734  1.000 12.28469 ? 532 ASP A O   1 
ATOM   84  C CB  . ASP A 1 13 ? 4.44545   2.73411   -0.64970  1.000 13.62236 ? 532 ASP A CB  1 
ATOM   85  C CG  . ASP A 1 13 ? 4.01814   3.18354   0.71477   1.000 21.00059 ? 532 ASP A CG  1 
ATOM   86  O OD1 . ASP A 1 13 ? 2.87263   2.92386   1.15182   1.000 20.27423 ? 532 ASP A OD1 1 
ATOM   87  O OD2 . ASP A 1 13 ? 4.87151   3.82797   1.38607   1.000 25.47230 ? 532 ASP A OD2 1 
ATOM   88  N N   . VAL A 1 14 ? 4.65387   1.31395   -3.39205  1.000 11.12427 ? 533 VAL A N   1 
ATOM   89  C CA  . VAL A 1 14 ? 5.02251   1.33262   -4.81939  1.000 11.41194 ? 533 VAL A CA  1 
ATOM   90  C C   . VAL A 1 14 ? 3.81553   0.98171   -5.68437  1.000 10.77699 ? 533 VAL A C   1 
ATOM   91  O O   . VAL A 1 14 ? 3.51500   1.65863   -6.67397  1.000 11.49903 ? 533 VAL A O   1 
ATOM   92  C CB  . VAL A 1 14 ? 6.21475   0.37668   -5.08671  1.000 10.79831 ? 533 VAL A CB  1 
ATOM   93  C CG1 . VAL A 1 14 ? 6.43124   0.13325   -6.56241  1.000 11.43017 ? 533 VAL A CG1 1 
ATOM   94  C CG2 . VAL A 1 14 ? 7.47532   0.95864   -4.46290  1.000 12.30319 ? 533 VAL A CG2 1 
ATOM   95  N N   . ILE A 1 15 ? 3.09932   -0.07297  -5.31140  1.000 11.09650 ? 534 ILE A N   1 
ATOM   96  C CA  . ILE A 1 15 ? 1.94848   -0.54798  -6.09390  1.000 11.97769 ? 534 ILE A CA  1 
ATOM   97  C C   . ILE A 1 15 ? 0.78857   0.44488   -6.07453  1.000 12.24169 ? 534 ILE A C   1 
ATOM   98  O O   . ILE A 1 15 ? 0.10722   0.63518   -7.09478  1.000 11.99556 ? 534 ILE A O   1 
ATOM   99  C CB  . ILE A 1 15 ? 1.58789   -1.98834  -5.67352  1.000 11.01688 ? 534 ILE A CB  1 
ATOM   100 C CG1 . ILE A 1 15 ? 2.71205   -2.90780  -6.18341  1.000 12.31311 ? 534 ILE A CG1 1 
ATOM   101 C CG2 . ILE A 1 15 ? 0.21139   -2.40904  -6.21032  1.000 12.13928 ? 534 ILE A CG2 1 
ATOM   102 C CD1 . ILE A 1 15 ? 2.67764   -4.30906  -5.64332  1.000 14.10162 ? 534 ILE A CD1 1 
ATOM   103 N N   . ALA A 1 16 ? 0.58385   1.14789   -4.95304  1.000 11.16530 ? 535 ALA A N   1 
ATOM   104 C CA  . ALA A 1 16 ? -0.43585  2.19428   -4.91975  1.000 11.64196 ? 535 ALA A CA  1 
ATOM   105 C C   . ALA A 1 16 ? -0.06035  3.35894   -5.84569  1.000 11.26388 ? 535 ALA A C   1 
ATOM   106 O O   . ALA A 1 16 ? -0.92377  3.89982   -6.55912  1.000 11.84590 ? 535 ALA A O   1 
ATOM   107 C CB  . ALA A 1 16 ? -0.66186  2.67359   -3.48044  1.000 12.59717 ? 535 ALA A CB  1 
ATOM   108 N N   . ALA A 1 17 ? 1.21241   3.77613   -5.84348  1.000 11.17529 ? 536 ALA A N   1 
ATOM   109 C CA  . ALA A 1 17 ? 1.61643   4.84370   -6.74211  1.000 10.17068 ? 536 ALA A CA  1 
ATOM   110 C C   . ALA A 1 17 ? 1.44421   4.42076   -8.19631  1.000 11.33969 ? 536 ALA A C   1 
ATOM   111 O O   . ALA A 1 17 ? 0.94751   5.21002   -9.01939  1.000 11.60930 ? 536 ALA A O   1 
ATOM   112 C CB  . ALA A 1 17 ? 3.05107   5.27440   -6.45712  1.000 11.66704 ? 536 ALA A CB  1 
ATOM   113 N N   . LEU A 1 18 ? 1.83528   3.18443   -8.53663  1.000 11.03885 ? 537 LEU A N   1 
ATOM   114 C CA  . LEU A 1 18 ? 1.63633   2.68529   -9.89585  1.000 10.96012 ? 537 LEU A CA  1 
ATOM   115 C C   . LEU A 1 18 ? 0.15857   2.75888   -10.27680 1.000 10.19658 ? 537 LEU A C   1 
ATOM   116 O O   . LEU A 1 18 ? -0.18091  3.09155   -11.41699 1.000 12.18576 ? 537 LEU A O   1 
ATOM   117 C CB  . LEU A 1 18 ? 2.16099   1.25295   -9.99329  1.000 10.65504 ? 537 LEU A CB  1 
ATOM   118 C CG  . LEU A 1 18 ? 3.68747   1.13249   -10.00862 1.000 11.72856 ? 537 LEU A CG  1 
ATOM   119 C CD1 . LEU A 1 18 ? 4.09298   -0.31448  -9.76477  1.000 13.77723 ? 537 LEU A CD1 1 
ATOM   120 C CD2 . LEU A 1 18 ? 4.28165   1.64634   -11.30767 1.000 13.66769 ? 537 LEU A CD2 1 
ATOM   121 N N   . ALA A 1 19 ? -0.73065  2.38754   -9.34323  1.000 11.54938 ? 538 ALA A N   1 
ATOM   122 C CA  . ALA A 1 19 ? -2.15986  2.38695   -9.66375  1.000 11.07266 ? 538 ALA A CA  1 
ATOM   123 C C   . ALA A 1 19 ? -2.65916  3.80738   -9.95866  1.000 11.88055 ? 538 ALA A C   1 
ATOM   124 O O   . ALA A 1 19 ? -3.42858  4.04637   -10.91059 1.000 14.14768 ? 538 ALA A O   1 
ATOM   125 C CB  . ALA A 1 19 ? -2.94646  1.74492   -8.52024  1.000 12.97231 ? 538 ALA A CB  1 
ATOM   126 N N   . ARG A 1 20 ? -2.19751  4.77834   -9.18725  1.000 11.92002 ? 539 ARG A N   1 
ATOM   127 C CA  . ARG A 1 20 ? -2.56409  6.16507   -9.46562  1.000 12.34187 ? 539 ARG A CA  1 
ATOM   128 C C   . ARG A 1 20 ? -2.00868  6.62445   -10.80000 1.000 11.32428 ? 539 ARG A C   1 
ATOM   129 O O   . ARG A 1 20 ? -2.71716  7.28507   -11.56790 1.000 14.25490 ? 539 ARG A O   1 
ATOM   130 C CB  . ARG A 1 20 ? -2.08548  7.06655   -8.33202  1.000 13.33737 ? 539 ARG A CB  1 
ATOM   131 C CG  . ARG A 1 20 ? -2.86752  6.85509   -7.02472  1.000 14.49318 ? 539 ARG A CG  1 
ATOM   132 C CD  . ARG A 1 20 ? -2.64126  7.96840   -6.01386  1.000 15.00394 ? 539 ARG A CD  1 
ATOM   133 N NE  . ARG A 1 20 ? -1.21908  8.08314   -5.67212  1.000 15.17015 ? 539 ARG A NE  1 
ATOM   134 C CZ  . ARG A 1 20 ? -0.58740  7.40049   -4.72362  1.000 14.79566 ? 539 ARG A CZ  1 
ATOM   135 N NH1 . ARG A 1 20 ? -1.23800  6.57638   -3.90385  1.000 13.84745 ? 539 ARG A NH1 1 
ATOM   136 N NH2 . ARG A 1 20 ? 0.73021   7.53378   -4.60027  1.000 16.94222 ? 539 ARG A NH2 1 
ATOM   137 N N   . ILE A 1 21 ? -0.73423  6.30255   -11.08944 1.000 11.51425 ? 540 ILE A N   1 
ATOM   138 C CA  . ILE A 1 21 ? -0.13759  6.70314   -12.35254 1.000 12.74218 ? 540 ILE A CA  1 
ATOM   139 C C   . ILE A 1 21 ? -0.94562  6.12268   -13.51138 1.000 13.34261 ? 540 ILE A C   1 
ATOM   140 O O   . ILE A 1 21 ? -1.28709  6.82374   -14.46793 1.000 14.26342 ? 540 ILE A O   1 
ATOM   141 C CB  . ILE A 1 21 ? 1.33881   6.26492   -12.41867 1.000 12.08963 ? 540 ILE A CB  1 
ATOM   142 C CG1 . ILE A 1 21 ? 2.15134   7.13200   -11.45778 1.000 11.60718 ? 540 ILE A CG1 1 
ATOM   143 C CG2 . ILE A 1 21 ? 1.88530   6.46956   -13.85052 1.000 13.87737 ? 540 ILE A CG2 1 
ATOM   144 C CD1 . ILE A 1 21 ? 3.49808   6.49448   -11.08551 1.000 12.30959 ? 540 ILE A CD1 1 
ATOM   145 N N   . GLU A 1 22 ? -1.24106  4.81127   -13.46277 1.000 13.10106 ? 541 GLU A N   1 
ATOM   146 C CA  . GLU A 1 22 ? -1.96005  4.20006   -14.58722 1.000 14.58012 ? 541 GLU A CA  1 
ATOM   147 C C   . GLU A 1 22 ? -3.37776  4.74318   -14.72162 1.000 17.43072 ? 541 GLU A C   1 
ATOM   148 O O   . GLU A 1 22 ? -3.89235  4.83053   -15.83971 1.000 18.85394 ? 541 GLU A O   1 
ATOM   149 C CB  . GLU A 1 22 ? -1.96756  2.67175   -14.46824 1.000 14.33353 ? 541 GLU A CB  1 
ATOM   150 C CG  . GLU A 1 22 ? -0.59315  2.07243   -14.67436 1.000 14.79719 ? 541 GLU A CG  1 
ATOM   151 C CD  . GLU A 1 22 ? -0.71918  0.59832   -15.00668 1.000 18.61676 ? 541 GLU A CD  1 
ATOM   152 O OE1 . GLU A 1 22 ? -0.82614  -0.20296  -14.05837 1.000 22.28396 ? 541 GLU A OE1 1 
ATOM   153 O OE2 . GLU A 1 22 ? -0.77511  0.25524   -16.21356 1.000 20.23396 ? 541 GLU A OE2 1 
ATOM   154 N N   . ALA A 1 23 ? -4.03140  5.09195   -13.61526 1.000 16.84319 ? 542 ALA A N   1 
ATOM   155 C CA  . ALA A 1 23 ? -5.37511  5.62626   -13.70068 1.000 19.20825 ? 542 ALA A CA  1 
ATOM   156 C C   . ALA A 1 23 ? -5.36173  7.03416   -14.26628 1.000 21.42947 ? 542 ALA A C   1 
ATOM   157 O O   . ALA A 1 23 ? -6.36841  7.47436   -14.82667 1.000 26.08207 ? 542 ALA A O   1 
ATOM   158 C CB  . ALA A 1 23 ? -5.98611  5.60244   -12.30820 1.000 19.77647 ? 542 ALA A CB  1 
ATOM   159 N N   . ASP A 1 24 ? -4.23160  7.73575   -14.17400 1.000 21.92471 ? 543 ASP A N   1 
ATOM   160 C CA  . ASP A 1 24 ? -4.08577  9.09310   -14.68587 1.000 26.96990 ? 543 ASP A CA  1 
ATOM   161 C C   . ASP A 1 24 ? -3.73997  9.12024   -16.16062 1.000 32.20566 ? 543 ASP A C   1 
ATOM   162 O O   . ASP A 1 24 ? -3.48113  10.20156  -16.68707 1.000 36.57272 ? 543 ASP A O   1 
ATOM   163 C CB  . ASP A 1 24 ? -2.96727  9.84330   -13.94894 1.000 25.01617 ? 543 ASP A CB  1 
ATOM   164 C CG  . ASP A 1 24 ? -3.33837  10.24095  -12.54099 1.000 35.03455 ? 543 ASP A CG  1 
ATOM   165 O OD1 . ASP A 1 24 ? -4.55227  10.27436  -12.23252 1.000 40.80027 ? 543 ASP A OD1 1 
ATOM   166 O OD2 . ASP A 1 24 ? -2.40080  10.52551  -11.74259 1.000 36.70087 ? 543 ASP A OD2 1 
ATOM   167 N N   . ARG A 1 25 ? -3.68257  7.96762   -16.82139 1.000 32.51410 ? 544 ARG A N   1 
ATOM   168 C CA  . ARG A 1 25 ? -3.50580  7.93475   -18.26728 1.000 42.30230 ? 544 ARG A CA  1 
ATOM   169 C C   . ARG A 1 25 ? -4.55494  8.82326   -18.94683 1.000 46.16072 ? 544 ARG A C   1 
ATOM   170 O O   . ARG A 1 25 ? -5.72055  8.83417   -18.55270 1.000 50.51644 ? 544 ARG A O   1 
ATOM   171 C CB  . ARG A 1 25 ? -3.61270  6.50487   -18.82072 1.000 50.31219 ? 544 ARG A CB  1 
ATOM   172 C CG  . ARG A 1 25 ? -2.73331  6.21240   -20.06005 1.000 58.34791 ? 544 ARG A CG  1 
ATOM   173 C CD  . ARG A 1 25 ? -2.78375  7.24442   -21.25943 1.000 65.41405 ? 544 ARG A CD  1 
ATOM   174 N NE  . ARG A 1 25 ? -2.31472  8.59973   -20.94398 1.000 70.98472 ? 544 ARG A NE  1 
ATOM   175 C CZ  . ARG A 1 25 ? -1.06050  9.03706   -21.02808 1.000 73.36628 ? 544 ARG A CZ  1 
ATOM   176 N NH1 . ARG A 1 25 ? -0.08527  8.27183   -21.48601 1.000 73.51881 ? 544 ARG A NH1 1 
ATOM   177 N NH2 . ARG A 1 25 ? -0.77854  10.28100  -20.64151 1.000 74.22026 ? 544 ARG A NH2 1 
ATOM   178 N N   . VAL B 1 4  ? 2.19056   -7.32581  21.13595  1.000 72.33384 ? 523 VAL B N   1 
ATOM   179 C CA  . VAL B 1 4  ? 3.61972   -7.30418  20.84692  1.000 70.42574 ? 523 VAL B CA  1 
ATOM   180 C C   . VAL B 1 4  ? 3.99947   -6.07759  20.00522  1.000 68.47329 ? 523 VAL B C   1 
ATOM   181 O O   . VAL B 1 4  ? 5.11389   -5.55883  20.11809  1.000 70.61681 ? 523 VAL B O   1 
ATOM   182 C CB  . VAL B 1 4  ? 4.07045   -8.62068  20.17542  1.000 70.30446 ? 523 VAL B CB  1 
ATOM   183 C CG1 . VAL B 1 4  ? 5.36992   -9.11847  20.79603  1.000 71.07596 ? 523 VAL B CG1 1 
ATOM   184 C CG2 . VAL B 1 4  ? 2.96690   -9.67429  20.26843  1.000 69.97618 ? 523 VAL B CG2 1 
ATOM   185 N N   . GLU B 1 5  ? 3.06074   -5.60509  19.18090  1.000 63.38338 ? 524 GLU B N   1 
ATOM   186 C CA  . GLU B 1 5  ? 3.33327   -4.52768  18.23450  1.000 58.45312 ? 524 GLU B CA  1 
ATOM   187 C C   . GLU B 1 5  ? 3.23291   -3.14499  18.87862  1.000 51.48310 ? 524 GLU B C   1 
ATOM   188 O O   . GLU B 1 5  ? 2.30306   -2.85163  19.63960  1.000 51.08596 ? 524 GLU B O   1 
ATOM   189 C CB  . GLU B 1 5  ? 2.33887   -4.58304  17.08020  1.000 59.39816 ? 524 GLU B CB  1 
ATOM   190 C CG  . GLU B 1 5  ? 2.72044   -5.50456  15.97725  1.000 61.91608 ? 524 GLU B CG  1 
ATOM   191 C CD  . GLU B 1 5  ? 1.97592   -5.16100  14.71651  1.000 65.65000 ? 524 GLU B CD  1 
ATOM   192 O OE1 . GLU B 1 5  ? 0.72284   -5.21566  14.73120  1.000 66.87395 ? 524 GLU B OE1 1 
ATOM   193 O OE2 . GLU B 1 5  ? 2.64714   -4.79985  13.72606  1.000 66.43385 ? 524 GLU B OE2 1 
ATOM   194 N N   . SER B 1 6  ? 4.17214   -2.27138  18.52564  1.000 41.75783 ? 525 SER B N   1 
ATOM   195 C CA  . SER B 1 6  ? 4.09310   -0.90681  19.01059  1.000 31.94353 ? 525 SER B CA  1 
ATOM   196 C C   . SER B 1 6  ? 3.01978   -0.12753  18.23860  1.000 25.35588 ? 525 SER B C   1 
ATOM   197 O O   . SER B 1 6  ? 2.48672   -0.56195  17.19487  1.000 23.05790 ? 525 SER B O   1 
ATOM   198 C CB  . SER B 1 6  ? 5.44909   -0.21016  18.85846  1.000 28.94387 ? 525 SER B CB  1 
ATOM   199 O OG  . SER B 1 6  ? 5.72935   -0.09240  17.46806  1.000 27.87316 ? 525 SER B OG  1 
ATOM   200 N N   . VAL B 1 7  ? 2.70061   1.04832   18.77174  1.000 23.22345 ? 526 VAL B N   1 
ATOM   201 C CA  . VAL B 1 7  ? 1.84547   1.98859   18.04329  1.000 19.39941 ? 526 VAL B CA  1 
ATOM   202 C C   . VAL B 1 7  ? 2.43604   2.28020   16.66599  1.000 18.10505 ? 526 VAL B C   1 
ATOM   203 O O   . VAL B 1 7  ? 1.72430   2.30411   15.65016  1.000 17.08966 ? 526 VAL B O   1 
ATOM   204 C CB  . VAL B 1 7  ? 1.63513   3.27391   18.87418  1.000 20.59841 ? 526 VAL B CB  1 
ATOM   205 C CG1 . VAL B 1 7  ? 0.99614   4.36290   18.02642  1.000 20.44847 ? 526 VAL B CG1 1 
ATOM   206 C CG2 . VAL B 1 7  ? 0.81572   2.97203   20.12904  1.000 23.02230 ? 526 VAL B CG2 1 
ATOM   207 N N   . ASN B 1 8  ? 3.75158   2.45855   16.60246  1.000 20.13950 ? 527 ASN B N   1 
ATOM   208 C CA  . ASN B 1 8  ? 4.38070   2.80930   15.33911  1.000 20.87300 ? 527 ASN B CA  1 
ATOM   209 C C   . ASN B 1 8  ? 4.26360   1.67352   14.33302  1.000 18.33838 ? 527 ASN B C   1 
ATOM   210 O O   . ASN B 1 8  ? 3.95348   1.90307   13.14937  1.000 17.29742 ? 527 ASN B O   1 
ATOM   211 C CB  . ASN B 1 8  ? 5.83553   3.16919   15.58566  1.000 25.68480 ? 527 ASN B CB  1 
ATOM   212 C CG  . ASN B 1 8  ? 6.50194   3.60859   14.33574  1.000 31.25687 ? 527 ASN B CG  1 
ATOM   213 O OD1 . ASN B 1 8  ? 7.46907   2.98658   13.83597  1.000 38.82607 ? 527 ASN B OD1 1 
ATOM   214 N ND2 . ASN B 1 8  ? 5.96904   4.68047   13.77411  1.000 31.76081 ? 527 ASN B ND2 1 
ATOM   215 N N   . GLN B 1 9  ? 4.46420   0.43629   14.79473  1.000 19.17402 ? 528 GLN B N   1 
ATOM   216 C CA  . GLN B 1 9  ? 4.33548   -0.71326  13.91470  1.000 18.21435 ? 528 GLN B CA  1 
ATOM   217 C C   . GLN B 1 9  ? 2.90729   -0.88578  13.44516  1.000 15.52193 ? 528 GLN B C   1 
ATOM   218 O O   . GLN B 1 9  ? 2.68528   -1.17538  12.27340  1.000 16.76321 ? 528 GLN B O   1 
ATOM   219 C CB  . GLN B 1 9  ? 4.83098   -1.97680  14.60795  1.000 24.01560 ? 528 GLN B CB  1 
ATOM   220 C CG  . GLN B 1 9  ? 6.34609   -2.01437  14.67940  1.000 32.32539 ? 528 GLN B CG  1 
ATOM   221 C CD  . GLN B 1 9  ? 6.86078   -3.18912  15.45379  1.000 40.26348 ? 528 GLN B CD  1 
ATOM   222 O OE1 . GLN B 1 9  ? 6.30437   -3.55480  16.50073  1.000 41.88514 ? 528 GLN B OE1 1 
ATOM   223 N NE2 . GLN B 1 9  ? 7.93904   -3.80162  14.95147  1.000 44.90923 ? 528 GLN B NE2 1 
ATOM   224 N N   . LYS B 1 10 ? 1.92816   -0.67575  14.33336  1.000 16.06454 ? 529 LYS B N   1 
ATOM   225 C CA  . LYS B 1 10 ? 0.53239   -0.75979  13.90889  1.000 13.75731 ? 529 LYS B CA  1 
ATOM   226 C C   . LYS B 1 10 ? 0.20865   0.30245   12.86040  1.000 11.97750 ? 529 LYS B C   1 
ATOM   227 O O   . LYS B 1 10 ? -0.48738  0.01246   11.88866  1.000 12.95889 ? 529 LYS B O   1 
ATOM   228 C CB  . LYS B 1 10 ? -0.40392  -0.65756  15.10910  1.000 14.48540 ? 529 LYS B CB  1 
ATOM   229 C CG  . LYS B 1 10 ? -0.38336  -1.86662  16.01060  1.000 15.77456 ? 529 LYS B CG  1 
ATOM   230 C CD  . LYS B 1 10 ? -1.30204  -1.71416  17.22237  1.000 15.58336 ? 529 LYS B CD  1 
ATOM   231 C CE  . LYS B 1 10 ? -1.07497  -2.85196  18.19091  1.000 19.51229 ? 529 LYS B CE  1 
ATOM   232 N NZ  . LYS B 1 10 ? -1.89909  -2.71721  19.42249  1.000 20.72292 ? 529 LYS B NZ  1 
ATOM   233 N N   . LEU B 1 11 ? 0.70134   1.53534   13.04288  1.000 13.14481 ? 530 LEU B N   1 
ATOM   234 C CA  . LEU B 1 11 ? 0.44132   2.56439   12.04655  1.000 13.02616 ? 530 LEU B CA  1 
ATOM   235 C C   . LEU B 1 11 ? 1.04496   2.18289   10.69416  1.000 12.55110 ? 530 LEU B C   1 
ATOM   236 O O   . LEU B 1 11 ? 0.43253   2.41594   9.65172   1.000 13.21227 ? 530 LEU B O   1 
ATOM   237 C CB  . LEU B 1 11 ? 1.00268   3.90100   12.51671  1.000 14.84335 ? 530 LEU B CB  1 
ATOM   238 C CG  . LEU B 1 11 ? 0.20341   4.52037   13.65658  1.000 16.05985 ? 530 LEU B CG  1 
ATOM   239 C CD1 . LEU B 1 11 ? 1.07710   5.56127   14.38717  1.000 20.14938 ? 530 LEU B CD1 1 
ATOM   240 C CD2 . LEU B 1 11 ? -1.08187  5.10976   13.13902  1.000 18.93413 ? 530 LEU B CD2 1 
ATOM   241 N N   . ASP B 1 12 ? 2.25573   1.61053   10.68000  1.000 12.61532 ? 531 ASP B N   1 
ATOM   242 C CA  . ASP B 1 12 ? 2.83447   1.18342   9.41079   1.000 14.47892 ? 531 ASP B CA  1 
ATOM   243 C C   . ASP B 1 12 ? 2.00423   0.07483   8.78693   1.000 13.97285 ? 531 ASP B C   1 
ATOM   244 O O   . ASP B 1 12 ? 1.83542   0.03382   7.55762   1.000 14.24716 ? 531 ASP B O   1 
ATOM   245 C CB  . ASP B 1 12 ? 4.25809   0.71045   9.61884   1.000 17.22131 ? 531 ASP B CB  1 
ATOM   246 C CG  . ASP B 1 12 ? 5.23811   1.86246   9.86974   1.000 21.24504 ? 531 ASP B CG  1 
ATOM   247 O OD1 . ASP B 1 12 ? 4.88964   3.02034   9.56260   1.000 21.46322 ? 531 ASP B OD1 1 
ATOM   248 O OD2 . ASP B 1 12 ? 6.36476   1.62335   10.36689  1.000 25.62958 ? 531 ASP B OD2 1 
ATOM   249 N N   . ASP B 1 13 ? 1.45690   -0.83162  9.61124   1.000 13.41232 ? 532 ASP B N   1 
ATOM   250 C CA  . ASP B 1 13 ? 0.55635   -1.86024  9.09074   1.000 13.05749 ? 532 ASP B CA  1 
ATOM   251 C C   . ASP B 1 13 ? -0.67787  -1.22980  8.46595   1.000 11.91308 ? 532 ASP B C   1 
ATOM   252 O O   . ASP B 1 13 ? -1.15697  -1.69885  7.42231   1.000 13.09925 ? 532 ASP B O   1 
ATOM   253 C CB  . ASP B 1 13 ? 0.10698   -2.80988  10.20872  1.000 15.01820 ? 532 ASP B CB  1 
ATOM   254 C CG  . ASP B 1 13 ? 1.21418   -3.70369  10.71969  1.000 21.79666 ? 532 ASP B CG  1 
ATOM   255 O OD1 . ASP B 1 13 ? 2.28814   -3.80247  10.08298  1.000 24.23935 ? 532 ASP B OD1 1 
ATOM   256 O OD2 . ASP B 1 13 ? 0.98468   -4.31668  11.78204  1.000 26.00965 ? 532 ASP B OD2 1 
ATOM   257 N N   . VAL B 1 14 ? -1.24398  -0.20966  9.12228   1.000 11.93382 ? 533 VAL B N   1 
ATOM   258 C CA  . VAL B 1 14 ? -2.44552  0.45411   8.60136   1.000 11.42377 ? 533 VAL B CA  1 
ATOM   259 C C   . VAL B 1 14 ? -2.14028  1.12805   7.26788   1.000 11.02809 ? 533 VAL B C   1 
ATOM   260 O O   . VAL B 1 14 ? -2.90609  1.01760   6.29421   1.000 11.74028 ? 533 VAL B O   1 
ATOM   261 C CB  . VAL B 1 14 ? -2.96788  1.47377   9.63882   1.000 11.35215 ? 533 VAL B CB  1 
ATOM   262 C CG1 . VAL B 1 14 ? -4.05723  2.37324   9.03399   1.000 11.84297 ? 533 VAL B CG1 1 
ATOM   263 C CG2 . VAL B 1 14 ? -3.49456  0.76885   10.90840  1.000 13.33370 ? 533 VAL B CG2 1 
ATOM   264 N N   . ILE B 1 15 ? -1.00001  1.82140   7.19521   1.000 11.09833 ? 534 ILE B N   1 
ATOM   265 C CA  . ILE B 1 15 ? -0.60976  2.51979   5.97219   1.000 12.04466 ? 534 ILE B CA  1 
ATOM   266 C C   . ILE B 1 15 ? -0.45117  1.52314   4.82876   1.000 11.01373 ? 534 ILE B C   1 
ATOM   267 O O   . ILE B 1 15 ? -0.92837  1.76197   3.72566   1.000 11.52901 ? 534 ILE B O   1 
ATOM   268 C CB  . ILE B 1 15 ? 0.65777   3.36767   6.20255   1.000 12.23632 ? 534 ILE B CB  1 
ATOM   269 C CG1 . ILE B 1 15 ? 0.33733   4.62343   7.05782   1.000 13.55560 ? 534 ILE B CG1 1 
ATOM   270 C CG2 . ILE B 1 15 ? 1.30192   3.79800   4.88106   1.000 12.02422 ? 534 ILE B CG2 1 
ATOM   271 C CD1 . ILE B 1 15 ? 1.56205   5.30710   7.65368   1.000 13.79452 ? 534 ILE B CD1 1 
ATOM   272 N N   . ALA B 1 16 ? 0.16338   0.36095   5.09412   1.000 10.79220 ? 535 ALA B N   1 
ATOM   273 C CA  . ALA B 1 16 ? 0.38421   -0.61522  4.02842   1.000 11.63002 ? 535 ALA B CA  1 
ATOM   274 C C   . ALA B 1 16 ? -0.93755  -1.22943  3.58941   1.000 11.72165 ? 535 ALA B C   1 
ATOM   275 O O   . ALA B 1 16 ? -1.16040  -1.42890  2.38527   1.000 11.85662 ? 535 ALA B O   1 
ATOM   276 C CB  . ALA B 1 16 ? 1.38930   -1.69616  4.45752   1.000 13.46049 ? 535 ALA B CB  1 
ATOM   277 N N   . ALA B 1 17 ? -1.82107  -1.57354  4.55032   1.000 10.98227 ? 536 ALA B N   1 
ATOM   278 C CA  . ALA B 1 17 ? -3.11435  -2.13512  4.17536   1.000 12.46930 ? 536 ALA B CA  1 
ATOM   279 C C   . ALA B 1 17 ? -3.89535  -1.15337  3.31589   1.000 11.71933 ? 536 ALA B C   1 
ATOM   280 O O   . ALA B 1 17 ? -4.53814  -1.55263  2.34082   1.000 11.52992 ? 536 ALA B O   1 
ATOM   281 C CB  . ALA B 1 17 ? -3.91438  -2.48825  5.42393   1.000 13.58071 ? 536 ALA B CB  1 
ATOM   282 N N   . LEU B 1 18 ? -3.87172  0.13412   3.67841   1.000 10.79778 ? 537 LEU B N   1 
ATOM   283 C CA  . LEU B 1 18 ? -4.56602  1.12555   2.87375   1.000 10.73215 ? 537 LEU B CA  1 
ATOM   284 C C   . LEU B 1 18 ? -3.94945  1.25203   1.48168   1.000 10.10178 ? 537 LEU B C   1 
ATOM   285 O O   . LEU B 1 18 ? -4.67257  1.50796   0.51786   1.000 11.13501 ? 537 LEU B O   1 
ATOM   286 C CB  . LEU B 1 18 ? -4.60053  2.47262   3.59169   1.000 10.95223 ? 537 LEU B CB  1 
ATOM   287 C CG  . LEU B 1 18 ? -5.54143  2.45036   4.79959   1.000 10.72314 ? 537 LEU B CG  1 
ATOM   288 C CD1 . LEU B 1 18 ? -5.35617  3.70458   5.66948   1.000 11.96556 ? 537 LEU B CD1 1 
ATOM   289 C CD2 . LEU B 1 18 ? -6.99704  2.25688   4.34342   1.000 11.59158 ? 537 LEU B CD2 1 
ATOM   290 N N   . ALA B 1 19 ? -2.61889  1.15797   1.36958   1.000 9.78978  ? 538 ALA B N   1 
ATOM   291 C CA  . ALA B 1 19 ? -1.98316  1.15668   0.04803   1.000 10.85681 ? 538 ALA B CA  1 
ATOM   292 C C   . ALA B 1 19 ? -2.48440  -0.01496  -0.79160  1.000 10.89810 ? 538 ALA B C   1 
ATOM   293 O O   . ALA B 1 19 ? -2.72556  0.14543   -2.00039  1.000 11.94448 ? 538 ALA B O   1 
ATOM   294 C CB  . ALA B 1 19 ? -0.46083  1.12905   0.17208   1.000 12.82612 ? 538 ALA B CB  1 
ATOM   295 N N   . ARG B 1 20 ? -2.66799  -1.19892  -0.17199  1.000 11.11936 ? 539 ARG B N   1 
ATOM   296 C CA  . ARG B 1 20 ? -3.19216  -2.34432  -0.93222  1.000 10.87909 ? 539 ARG B CA  1 
ATOM   297 C C   . ARG B 1 20 ? -4.63123  -2.09832  -1.35975  1.000 10.86039 ? 539 ARG B C   1 
ATOM   298 O O   . ARG B 1 20 ? -4.99894  -2.38942  -2.50395  1.000 13.70735 ? 539 ARG B O   1 
ATOM   299 C CB  . ARG B 1 20 ? -3.09005  -3.62249  -0.09049  1.000 11.63311 ? 539 ARG B CB  1 
ATOM   300 C CG  . ARG B 1 20 ? -1.62406  -3.97680  0.20785   1.000 12.47278 ? 539 ARG B CG  1 
ATOM   301 C CD  . ARG B 1 20 ? -1.45225  -5.38086  0.83798   1.000 13.21811 ? 539 ARG B CD  1 
ATOM   302 N NE  . ARG B 1 20 ? -2.15449  -5.46558  2.12216   1.000 13.34060 ? 539 ARG B NE  1 
ATOM   303 C CZ  . ARG B 1 20 ? -1.59352  -5.24677  3.31414   1.000 12.06639 ? 539 ARG B CZ  1 
ATOM   304 N NH1 . ARG B 1 20 ? -0.33465  -4.85998  3.42440   1.000 13.58216 ? 539 ARG B NH1 1 
ATOM   305 N NH2 . ARG B 1 20 ? -2.29514  -5.49260  4.42372   1.000 13.85253 ? 539 ARG B NH2 1 
ATOM   306 N N   . ILE B 1 21 ? -5.46091  -1.57152  -0.45027  1.000 10.97820 ? 540 ILE B N   1 
ATOM   307 C CA  . ILE B 1 21 ? -6.85421  -1.31107  -0.76767  1.000 11.78999 ? 540 ILE B CA  1 
ATOM   308 C C   . ILE B 1 21 ? -6.94786  -0.25069  -1.85950  1.000 12.21830 ? 540 ILE B C   1 
ATOM   309 O O   . ILE B 1 21 ? -7.75457  -0.36432  -2.79923  1.000 13.20182 ? 540 ILE B O   1 
ATOM   310 C CB  . ILE B 1 21 ? -7.62091  -0.91413  0.51115   1.000 11.77481 ? 540 ILE B CB  1 
ATOM   311 C CG1 . ILE B 1 21 ? -7.75395  -2.11899  1.46048   1.000 12.73668 ? 540 ILE B CG1 1 
ATOM   312 C CG2 . ILE B 1 21 ? -9.04061  -0.39103  0.16619   1.000 13.17935 ? 540 ILE B CG2 1 
ATOM   313 C CD1 . ILE B 1 21 ? -8.01483  -1.77569  2.89889   1.000 12.96462 ? 540 ILE B CD1 1 
ATOM   314 N N   . GLU B 1 22 ? -6.15255  0.81888   -1.73772  1.000 11.33341 ? 541 GLU B N   1 
ATOM   315 C CA  . GLU B 1 22 ? -6.18085  1.88888   -2.72593  1.000 11.81775 ? 541 GLU B CA  1 
ATOM   316 C C   . GLU B 1 22 ? -5.81566  1.36627   -4.11267  1.000 12.17473 ? 541 GLU B C   1 
ATOM   317 O O   . GLU B 1 22 ? -6.48523  1.68731   -5.11292  1.000 13.05327 ? 541 GLU B O   1 
ATOM   318 C CB  . GLU B 1 22 ? -5.23082  3.01554   -2.30076  1.000 12.23101 ? 541 GLU B CB  1 
ATOM   319 C CG  . GLU B 1 22 ? -5.29382  4.18806   -3.28345  1.000 13.65658 ? 541 GLU B CG  1 
ATOM   320 C CD  . GLU B 1 22 ? -4.43694  5.36153   -2.93979  1.000 13.64311 ? 541 GLU B CD  1 
ATOM   321 O OE1 . GLU B 1 22 ? -3.87659  5.44491   -1.82715  1.000 16.24741 ? 541 GLU B OE1 1 
ATOM   322 O OE2 . GLU B 1 22 ? -4.31210  6.24545   -3.80026  1.000 15.44714 ? 541 GLU B OE2 1 
ATOM   323 N N   . ALA B 1 23 ? -4.76480  0.53991   -4.19739  1.000 12.34331 ? 542 ALA B N   1 
ATOM   324 C CA  . ALA B 1 23 ? -4.37491  -0.01665  -5.49073  1.000 12.73118 ? 542 ALA B CA  1 
ATOM   325 C C   . ALA B 1 23 ? -5.44509  -0.94127  -6.03493  1.000 13.06331 ? 542 ALA B C   1 
ATOM   326 O O   . ALA B 1 23 ? -5.77089  -0.89286  -7.23176  1.000 15.66515 ? 542 ALA B O   1 
ATOM   327 C CB  . ALA B 1 23 ? -3.03207  -0.74658  -5.36138  1.000 13.23592 ? 542 ALA B CB  1 
ATOM   328 N N   . ASP B 1 24 ? -6.04245  -1.74714  -5.16240  1.000 14.33925 ? 543 ASP B N   1 
ATOM   329 C CA  . ASP B 1 24 ? -7.05485  -2.69069  -5.61463  1.000 16.74892 ? 543 ASP B CA  1 
ATOM   330 C C   . ASP B 1 24 ? -8.26172  -1.94437  -6.16548  1.000 18.90927 ? 543 ASP B C   1 
ATOM   331 O O   . ASP B 1 24 ? -8.78926  -2.28034  -7.23695  1.000 23.49991 ? 543 ASP B O   1 
ATOM   332 C CB  . ASP B 1 24 ? -7.45159  -3.58095  -4.43388  1.000 18.75270 ? 543 ASP B CB  1 
ATOM   333 C CG  . ASP B 1 24 ? -8.43167  -4.62463  -4.80989  1.000 28.24015 ? 543 ASP B CG  1 
ATOM   334 O OD1 . ASP B 1 24 ? -8.24868  -5.24723  -5.89710  1.000 31.78111 ? 543 ASP B OD1 1 
ATOM   335 O OD2 . ASP B 1 24 ? -9.37100  -4.82038  -4.01579  1.000 30.67484 ? 543 ASP B OD2 1 
ATOM   336 N N   . ARG B 1 25 ? -8.70249  -0.90790  -5.46755  1.000 18.64732 ? 544 ARG B N   1 
ATOM   337 C CA  . ARG B 1 25 ? -9.87560  -0.19388  -5.92986  1.000 20.09081 ? 544 ARG B CA  1 
ATOM   338 C C   . ARG B 1 25 ? -9.58422  0.56215   -7.22704  1.000 22.12000 ? 544 ARG B C   1 
ATOM   339 O O   . ARG B 1 25 ? -10.39588 0.54855   -8.15273  1.000 25.16302 ? 544 ARG B O   1 
ATOM   340 C CB  . ARG B 1 25 ? -10.37825 0.73639   -4.81467  1.000 22.46120 ? 544 ARG B CB  1 
ATOM   341 C CG  . ARG B 1 25 ? -11.51527 1.63051   -5.27064  1.000 24.47789 ? 544 ARG B CG  1 
ATOM   342 C CD  . ARG B 1 25 ? -12.17471 2.30370   -4.07069  1.000 24.13750 ? 544 ARG B CD  1 
ATOM   343 N NE  . ARG B 1 25 ? -12.96050 1.35725   -3.26958  1.000 23.61233 ? 544 ARG B NE  1 
ATOM   344 C CZ  . ARG B 1 25 ? -13.83383 1.72841   -2.33813  1.000 21.83217 ? 544 ARG B CZ  1 
ATOM   345 N NH1 . ARG B 1 25 ? -14.00971 3.00810   -2.03035  1.000 21.43928 ? 544 ARG B NH1 1 
ATOM   346 N NH2 . ARG B 1 25 ? -14.57394 0.80338   -1.72227  1.000 24.86442 ? 544 ARG B NH2 1 
ATOM   347 N N   . LYS B 1 26 ? -8.41910  1.20793   -7.31673  1.000 21.04310 ? 545 LYS B N   1 
ATOM   348 C CA  . LYS B 1 26 ? -8.06589  1.97982   -8.49866  1.000 23.38305 ? 545 LYS B CA  1 
ATOM   349 C C   . LYS B 1 26 ? -7.91624  1.05519   -9.70014  1.000 27.45703 ? 545 LYS B C   1 
ATOM   350 O O   . LYS B 1 26 ? -8.44707  1.32443   -10.78687 1.000 31.78612 ? 545 LYS B O   1 
ATOM   351 C CB  . LYS B 1 26 ? -6.75453  2.71718   -8.20085  1.000 24.87508 ? 545 LYS B CB  1 
ATOM   352 C CG  . LYS B 1 26 ? -6.42565  3.89384   -9.05097  1.000 30.20152 ? 545 LYS B CG  1 
ATOM   353 C CD  . LYS B 1 26 ? -7.47750  4.94793   -8.87331  1.000 34.82116 ? 545 LYS B CD  1 
ATOM   354 C CE  . LYS B 1 26 ? -6.88944  6.33181   -8.67429  1.000 40.43691 ? 545 LYS B CE  1 
ATOM   355 N NZ  . LYS B 1 26 ? -7.88812  7.38546   -9.08184  1.000 43.74430 ? 545 LYS B NZ  1 
ATOM   356 N N   . ASN B 1 27 ? -7.20989  -0.06003  -9.50870  1.000 26.98362 ? 546 ASN B N   1 
ATOM   357 C CA  . ASN B 1 27 ? -6.97668  -0.99321  -10.60378 1.000 29.60759 ? 546 ASN B CA  1 
ATOM   358 C C   . ASN B 1 27 ? -8.26472  -1.67636  -11.03134 1.000 34.55302 ? 546 ASN B C   1 
ATOM   359 O O   . ASN B 1 27 ? -8.43336  -1.97716  -12.21826 1.000 36.24240 ? 546 ASN B O   1 
ATOM   360 C CB  . ASN B 1 27 ? -5.92481  -2.03687  -10.20241 1.000 26.52720 ? 546 ASN B CB  1 
ATOM   361 C CG  . ASN B 1 27 ? -4.51052  -1.47049  -10.17299 1.000 25.78935 ? 546 ASN B CG  1 
ATOM   362 O OD1 . ASN B 1 27 ? -4.16882  -0.57985  -10.97144 1.000 24.27217 ? 546 ASN B OD1 1 
ATOM   363 N ND2 . ASN B 1 27 ? -3.67148  -1.99012  -9.26276  1.000 23.78529 ? 546 ASN B ND2 1 
ATOM   364 N N   . SER B 1 28 ? -9.18660  -1.91422  -10.09303 1.000 41.13123 ? 547 SER B N   1 
ATOM   365 C CA  . SER B 1 28 ? -10.44473 -2.57864  -10.43401 1.000 48.95379 ? 547 SER B CA  1 
ATOM   366 C C   . SER B 1 28 ? -11.35915 -1.66025  -11.23711 1.000 55.00063 ? 547 SER B C   1 
ATOM   367 O O   . SER B 1 28 ? -12.00241 -2.09794  -12.20264 1.000 53.87736 ? 547 SER B O   1 
ATOM   368 C CB  . SER B 1 28 ? -11.16304 -3.05701  -9.16764  1.000 52.93152 ? 547 SER B CB  1 
ATOM   369 O OG  . SER B 1 28 ? -10.37090 -3.97279  -8.42032  1.000 56.98986 ? 547 SER B OG  1 
ATOM   370 N N   . ASN B 1 29 ? -11.42794 -0.38344  -10.86010 1.000 60.71748 ? 548 ASN B N   1 
ATOM   371 C CA  . ASN B 1 29 ? -12.33240 0.54443   -11.52555 1.000 68.42656 ? 548 ASN B CA  1 
ATOM   372 C C   . ASN B 1 29 ? -12.02484 0.72528   -13.01273 1.000 73.99717 ? 548 ASN B C   1 
ATOM   373 O O   . ASN B 1 29 ? -12.89224 1.21925   -13.74594 1.000 75.21892 ? 548 ASN B O   1 
ATOM   374 C CB  . ASN B 1 29 ? -12.37172 1.86836   -10.75703 1.000 70.90021 ? 548 ASN B CB  1 
ATOM   375 C CG  . ASN B 1 29 ? -12.95143 1.70841   -9.34866  1.000 73.25685 ? 548 ASN B CG  1 
ATOM   376 O OD1 . ASN B 1 29 ? -13.24472 0.59289   -8.89968  1.000 74.24960 ? 548 ASN B OD1 1 
ATOM   377 N ND2 . ASN B 1 29 ? -13.10862 2.82448   -8.64543  1.000 73.52717 ? 548 ASN B ND2 1 
ATOM   378 N N   . GLU B 1 30 ? -10.83999 0.31188   -13.47662 1.000 77.03498 ? 549 GLU B N   1 
ATOM   379 C CA  . GLU B 1 30 ? -10.48382 0.34716   -14.90422 1.000 78.15686 ? 549 GLU B CA  1 
ATOM   380 C C   . GLU B 1 30 ? -11.31288 -0.64605  -15.72229 1.000 78.65641 ? 549 GLU B C   1 
ATOM   381 O O   . GLU B 1 30 ? -11.17593 -1.86404  -15.57370 1.000 79.13005 ? 549 GLU B O   1 
ATOM   382 C CB  . GLU B 1 30 ? -8.98756  0.06627   -15.10857 1.000 78.22932 ? 549 GLU B CB  1 
ATOM   383 C CG  . GLU B 1 30 ? -8.06150  0.84812   -14.17910 1.000 78.74550 ? 549 GLU B CG  1 
ATOM   384 C CD  . GLU B 1 30 ? -8.28309  2.34959   -14.24941 1.000 79.95483 ? 549 GLU B CD  1 
ATOM   385 O OE1 . GLU B 1 30 ? -7.99796  2.94729   -15.31141 1.000 80.34511 ? 549 GLU B OE1 1 
ATOM   386 O OE2 . GLU B 1 30 ? -8.75438  2.93036   -13.24413 1.000 80.51477 ? 549 GLU B OE2 1 
HETATM 387 S S   . SO4 C 2 .  ? -14.01307 -1.96565  -4.15389  0.404 38.84073 ? 601 SO4 B S   1 
HETATM 388 O O1  . SO4 C 2 .  ? -14.72386 -1.05587  -5.10657  0.698 41.92813 ? 601 SO4 B O1  1 
HETATM 389 O O2  . SO4 C 2 .  ? -13.76487 -3.27938  -4.82569  0.000 38.91364 ? 601 SO4 B O2  1 
HETATM 390 O O3  . SO4 C 2 .  ? -12.70620 -1.35044  -3.75288  0.514 37.92841 ? 601 SO4 B O3  1 
HETATM 391 O O4  . SO4 C 2 .  ? -14.86135 -2.17569  -2.93604  0.000 38.91364 ? 601 SO4 B O4  1 
HETATM 392 O O   . HOH D 3 .  ? -0.36754  10.68894  -12.12946 1.000 33.25429 ? 601 HOH A O   1 
HETATM 393 O O   . HOH D 3 .  ? 2.68407   -4.43110  6.98132   1.000 46.00023 ? 602 HOH A O   1 
HETATM 394 O O   . HOH D 3 .  ? 1.26220   4.81570   1.30493   1.000 39.44622 ? 603 HOH A O   1 
HETATM 395 O O   . HOH D 3 .  ? -1.40938  -0.24770  -11.56544 1.000 22.34709 ? 604 HOH A O   1 
HETATM 396 O O   . HOH D 3 .  ? -5.07213  8.53420   -10.39591 1.000 31.23556 ? 605 HOH A O   1 
HETATM 397 O O   . HOH D 3 .  ? 7.18512   3.21479   2.42754   1.000 36.22139 ? 606 HOH A O   1 
HETATM 398 O O   . HOH D 3 .  ? 2.58900   -5.97532  3.11605   1.000 32.88235 ? 607 HOH A O   1 
HETATM 399 O O   . HOH D 3 .  ? -2.17884  10.93096  -9.07679  1.000 23.66539 ? 608 HOH A O   1 
HETATM 400 O O   . HOH D 3 .  ? -0.85041  2.05274   -18.25055 1.000 31.39641 ? 609 HOH A O   1 
HETATM 401 O O   . HOH D 3 .  ? 3.07009   1.02600   3.09541   1.000 15.93895 ? 610 HOH A O   1 
HETATM 402 O O   . HOH D 3 .  ? 4.59948   5.22063   3.72204   1.000 23.29067 ? 611 HOH A O   1 
HETATM 403 O O   . HOH D 3 .  ? -0.53273  -1.52046  -2.95973  1.000 14.44823 ? 612 HOH A O   1 
HETATM 404 O O   . HOH D 3 .  ? 2.36600   7.04391   -2.44183  1.000 41.02107 ? 613 HOH A O   1 
HETATM 405 O O   . HOH D 3 .  ? 0.41987   -4.22896  -2.86473  1.000 18.86904 ? 614 HOH A O   1 
HETATM 406 O O   . HOH D 3 .  ? 2.17171   5.40974   -2.72300  1.000 23.14754 ? 615 HOH A O   1 
HETATM 407 O O   . HOH D 3 .  ? 9.02545   -0.02585  6.31786   1.000 54.37904 ? 616 HOH A O   1 
HETATM 408 O O   . HOH D 3 .  ? -0.68183  -1.18401  -9.22085  1.000 20.86958 ? 617 HOH A O   1 
HETATM 409 O O   . HOH D 3 .  ? 8.25182   -1.79874  9.14589   1.000 47.98769 ? 618 HOH A O   1 
HETATM 410 O O   . HOH D 3 .  ? 0.18683   5.85889   -1.41814  1.000 25.09328 ? 619 HOH A O   1 
HETATM 411 O O   . HOH D 3 .  ? 5.48140   6.44280   0.07538   1.000 27.28183 ? 620 HOH A O   1 
HETATM 412 O O   . HOH D 3 .  ? 7.28888   1.18132   6.33472   1.000 56.04589 ? 621 HOH A O   1 
HETATM 413 O O   . HOH D 3 .  ? 6.75801   2.12249   3.91928   1.000 51.60283 ? 622 HOH A O   1 
HETATM 414 O O   . HOH D 3 .  ? 1.43278   8.70968   -0.69977  0.296 27.65184 ? 623 HOH A O   1 
HETATM 415 O O   . HOH D 3 .  ? 4.66695   6.52731   -2.38462  1.000 29.87102 ? 624 HOH A O   1 
HETATM 416 O O   . HOH D 3 .  ? 3.79501   8.12046   1.36961   0.5   39.98924 ? 625 HOH A O   1 
HETATM 417 O O   . HOH D 3 .  ? 6.57479   7.42708   3.80478   0.206 22.88828 ? 626 HOH A O   1 
HETATM 418 O O   . HOH E 3 .  ? 1.90735   -1.43829  21.31113  1.000 60.32844 ? 701 HOH B O   1 
HETATM 419 O O   . HOH E 3 .  ? -6.60494  -5.78484  -7.58389  1.000 51.14616 ? 702 HOH B O   1 
HETATM 420 O O   . HOH E 3 .  ? 4.89372   6.38927   15.18074  1.000 43.95679 ? 703 HOH B O   1 
HETATM 421 O O   . HOH E 3 .  ? 7.01400   -0.75199  11.34760  1.000 38.28514 ? 704 HOH B O   1 
HETATM 422 O O   . HOH E 3 .  ? -0.88420  -4.37834  6.80157   1.000 23.70284 ? 705 HOH B O   1 
HETATM 423 O O   . HOH E 3 .  ? -1.91956  4.43148   -0.13652  1.000 21.91406 ? 706 HOH B O   1 
HETATM 424 O O   . HOH E 3 .  ? -16.05745 3.26303   -0.14807  1.000 23.52589 ? 707 HOH B O   1 
HETATM 425 O O   . HOH E 3 .  ? -1.41213  4.24359   2.46974   1.000 19.30699 ? 708 HOH B O   1 
HETATM 426 O O   . HOH E 3 .  ? -3.81371  -4.30576  -4.21954  1.000 28.74568 ? 709 HOH B O   1 
HETATM 427 O O   . HOH E 3 .  ? 3.73669   1.17865   5.79691   1.000 16.68802 ? 710 HOH B O   1 
HETATM 428 O O   . HOH E 3 .  ? -4.92180  1.90594   -12.14171 1.000 24.96638 ? 711 HOH B O   1 
HETATM 429 O O   . HOH E 3 .  ? -0.77921  -4.90096  21.00283  1.000 35.93567 ? 712 HOH B O   1 
HETATM 430 O O   . HOH E 3 .  ? -1.34858  -6.15676  11.66893  1.000 39.43192 ? 713 HOH B O   1 
HETATM 431 O O   . HOH E 3 .  ? 4.92472   -2.63349  10.81012  1.000 27.98511 ? 714 HOH B O   1 
HETATM 432 O O   . HOH E 3 .  ? 3.89829   1.72302   21.42538  1.000 42.10615 ? 715 HOH B O   1 
HETATM 433 O O   . HOH E 3 .  ? -4.02126  -4.08519  -7.11029  1.000 33.01410 ? 716 HOH B O   1 
HETATM 434 O O   . HOH E 3 .  ? 0.04687   -6.15502  19.26642  1.000 50.36710 ? 717 HOH B O   1 
HETATM 435 O O   . HOH E 3 .  ? 5.30671   3.08159   19.19275  1.000 38.63531 ? 718 HOH B O   1 
HETATM 436 O O   . HOH E 3 .  ? 1.27455   -5.27646  6.09902   1.000 40.48777 ? 719 HOH B O   1 
HETATM 437 O O   . HOH E 3 .  ? 4.91687   3.58328   6.38789   1.000 32.90405 ? 720 HOH B O   1 
HETATM 438 O O   . HOH E 3 .  ? -1.27205  -4.03283  22.68993  1.000 53.78139 ? 721 HOH B O   1 
HETATM 439 O O   . HOH E 3 .  ? -6.45778  9.25679   -6.28573  1.000 41.95585 ? 722 HOH B O   1 
HETATM 440 O O   . HOH E 3 .  ? 5.83956   1.95587   20.86106  1.000 60.80123 ? 723 HOH B O   1 
HETATM 441 O O   . HOH E 3 .  ? -0.20465  -3.79193  -9.72597  1.000 28.28879 ? 724 HOH B O   1 
HETATM 442 O O   . HOH E 3 .  ? 5.09031   1.61258   23.19621  1.000 64.63175 ? 725 HOH B O   1 
HETATM 443 O O   . HOH E 3 .  ? 5.20727   4.26398   22.23605  1.000 61.80400 ? 726 HOH B O   1 
# 
loop_
_atom_site_anisotrop.id 
_atom_site_anisotrop.type_symbol 
_atom_site_anisotrop.pdbx_label_atom_id 
_atom_site_anisotrop.pdbx_label_alt_id 
_atom_site_anisotrop.pdbx_label_comp_id 
_atom_site_anisotrop.pdbx_label_asym_id 
_atom_site_anisotrop.pdbx_label_seq_id 
_atom_site_anisotrop.pdbx_PDB_ins_code 
_atom_site_anisotrop.U[1][1] 
_atom_site_anisotrop.U[2][2] 
_atom_site_anisotrop.U[3][3] 
_atom_site_anisotrop.U[1][2] 
_atom_site_anisotrop.U[1][3] 
_atom_site_anisotrop.U[2][3] 
_atom_site_anisotrop.pdbx_auth_seq_id 
_atom_site_anisotrop.pdbx_auth_comp_id 
_atom_site_anisotrop.pdbx_auth_asym_id 
_atom_site_anisotrop.pdbx_auth_atom_id 
1   N N   . ASP A 3  ? 0.50786 0.75312 0.43212 0.14605  -0.12937 0.20399  522 ASP A N   
2   C CA  . ASP A 3  ? 0.46656 0.75975 0.43241 0.16619  -0.11514 0.18356  522 ASP A CA  
3   C C   . ASP A 3  ? 0.37242 0.66026 0.39784 0.18171  -0.03520 0.18581  522 ASP A C   
4   O O   . ASP A 3  ? 0.32661 0.63543 0.38281 0.18724  0.05391  0.22388  522 ASP A O   
5   C CB  . ASP A 3  ? 0.54209 0.85831 0.42637 0.16869  -0.07518 0.11855  522 ASP A CB  
6   C CG  . ASP A 3  ? 0.63078 0.88557 0.38482 0.18816  -0.09037 0.08325  522 ASP A CG  
7   O OD1 . ASP A 3  ? 0.57238 0.86284 0.34147 0.23764  -0.10864 0.07219  522 ASP A OD1 
8   O OD2 . ASP A 3  ? 0.75694 0.89275 0.42339 0.15320  -0.10599 0.06843  522 ASP A OD2 
9   N N   . VAL A 4  ? 0.36945 0.64032 0.39700 0.19702  0.04829  0.14919  523 VAL A N   
10  C CA  . VAL A 4  ? 0.38286 0.53990 0.37253 0.20794  0.07100  0.13280  523 VAL A CA  
11  C C   . VAL A 4  ? 0.32274 0.49931 0.28291 0.20115  0.10341  0.15457  523 VAL A C   
12  O O   . VAL A 4  ? 0.37066 0.46492 0.28639 0.16993  0.05023  0.17101  523 VAL A O   
13  C CB  . VAL A 4  ? 0.42790 0.52281 0.42865 0.22167  0.06379  0.14719  523 VAL A CB  
14  C CG1 . VAL A 4  ? 0.43127 0.52858 0.45088 0.21944  0.06585  0.15115  523 VAL A CG1 
15  C CG2 . VAL A 4  ? 0.46805 0.52948 0.43843 0.23433  0.08749  0.11939  523 VAL A CG2 
16  N N   . GLU A 5  ? 0.34914 0.50813 0.28274 0.20411  0.12029  0.11467  524 GLU A N   
17  C CA  . GLU A 5  ? 0.34383 0.50087 0.24179 0.18223  0.09387  0.14565  524 GLU A CA  
18  C C   . GLU A 5  ? 0.31156 0.45440 0.21955 0.14580  0.02399  0.11811  524 GLU A C   
19  O O   . GLU A 5  ? 0.29140 0.40717 0.21272 0.13790  0.03569  0.08097  524 GLU A O   
20  C CB  . GLU A 5  ? 0.34149 0.59371 0.27340 0.17559  0.11259  0.14893  524 GLU A CB  
21  C CG  . GLU A 5  ? 0.40556 0.69666 0.34298 0.14342  0.14749  0.13669  524 GLU A CG  
22  C CD  . GLU A 5  ? 0.58588 0.77132 0.46033 0.04952  0.09587  0.14278  524 GLU A CD  
23  O OE1 . GLU A 5  ? 0.63818 0.80014 0.48460 -0.00850 0.12339  0.15756  524 GLU A OE1 
24  O OE2 . GLU A 5  ? 0.66976 0.81062 0.49036 0.02307  0.04648  0.12384  524 GLU A OE2 
25  N N   . SER A 6  ? 0.29974 0.45746 0.20300 0.11824  0.00210  0.07432  525 SER A N   
26  C CA  . SER A 6  ? 0.32371 0.41415 0.19399 0.03815  -0.03895 0.04211  525 SER A CA  
27  C C   . SER A 6  ? 0.24418 0.32498 0.16104 0.07897  0.00574  0.02536  525 SER A C   
28  O O   . SER A 6  ? 0.24458 0.27302 0.20704 0.07516  -0.02730 -0.00855 525 SER A O   
29  C CB  . SER A 6  ? 0.50968 0.44609 0.28883 -0.01258 -0.08403 0.03332  525 SER A CB  
30  O OG  . SER A 6  ? 0.53264 0.58479 0.41245 -0.00828 -0.04475 -0.00877 525 SER A OG  
31  N N   . VAL A 7  ? 0.21665 0.34288 0.20956 0.06843  0.04430  0.03826  526 VAL A N   
32  C CA  . VAL A 7  ? 0.19079 0.29294 0.21811 0.08536  0.02491  0.06057  526 VAL A CA  
33  C C   . VAL A 7  ? 0.21054 0.27585 0.19642 0.07486  0.02689  0.05589  526 VAL A C   
34  O O   . VAL A 7  ? 0.20223 0.23155 0.16968 0.06033  0.03362  0.03498  526 VAL A O   
35  C CB  . VAL A 7  ? 0.19017 0.27829 0.23011 0.09730  0.00517  0.06942  526 VAL A CB  
36  C CG1 . VAL A 7  ? 0.25747 0.28694 0.21558 0.05702  0.00866  0.05240  526 VAL A CG1 
37  C CG2 . VAL A 7  ? 0.21474 0.33082 0.27688 0.09881  0.01976  0.03263  526 VAL A CG2 
38  N N   . ASN A 8  ? 0.20620 0.28105 0.19395 0.05953  0.02322  0.04860  527 ASN A N   
39  C CA  . ASN A 8  ? 0.20631 0.24865 0.20763 0.08077  0.03368  0.06177  527 ASN A CA  
40  C C   . ASN A 8  ? 0.18972 0.26595 0.18880 0.06873  0.05296  0.06462  527 ASN A C   
41  O O   . ASN A 8  ? 0.16707 0.27434 0.17444 0.04667  0.03246  0.07954  527 ASN A O   
42  C CB  . ASN A 8  ? 0.26027 0.24702 0.24861 0.06505  0.07299  0.11700  527 ASN A CB  
43  C CG  . ASN A 8  ? 0.30631 0.33670 0.27163 0.10075  0.07763  0.10738  527 ASN A CG  
44  O OD1 . ASN A 8  ? 0.37306 0.35586 0.31073 0.08781  0.07376  0.05725  527 ASN A OD1 
45  N ND2 . ASN A 8  ? 0.42288 0.33014 0.33307 0.14497  0.09829  0.09335  527 ASN A ND2 
46  N N   . GLN A 9  ? 0.19059 0.27663 0.19243 0.06636  0.05769  0.03343  528 GLN A N   
47  C CA  . GLN A 9  ? 0.16817 0.32341 0.13362 0.07638  0.02188  0.03058  528 GLN A CA  
48  C C   . GLN A 9  ? 0.15586 0.27648 0.11120 0.06145  0.01566  0.02342  528 GLN A C   
49  O O   . GLN A 9  ? 0.18288 0.23327 0.14875 0.05469  -0.01283 0.01700  528 GLN A O   
50  C CB  . GLN A 9  ? 0.28784 0.32790 0.13237 0.13405  0.02620  0.05719  528 GLN A CB  
51  C CG  . GLN A 9  ? 0.36428 0.39888 0.19443 0.18671  0.02546  0.08499  528 GLN A CG  
52  C CD  . GLN A 9  ? 0.43342 0.43839 0.21615 0.22434  0.04672  0.01755  528 GLN A CD  
53  O OE1 . GLN A 9  ? 0.55081 0.49896 0.19758 0.23840  -0.03149 -0.04032 528 GLN A OE1 
54  N NE2 . GLN A 9  ? 0.49274 0.39332 0.26713 0.23400  0.11187  0.05644  528 GLN A NE2 
55  N N   . LYS A 10 ? 0.16317 0.28526 0.12215 0.04041  0.02459  -0.01758 529 LYS A N   
56  C CA  . LYS A 10 ? 0.16130 0.24237 0.13703 0.02313  -0.01510 -0.02390 529 LYS A CA  
57  C C   . LYS A 10 ? 0.16550 0.18527 0.15413 0.03211  0.03865  -0.02922 529 LYS A C   
58  O O   . LYS A 10 ? 0.14893 0.17929 0.16688 0.02073  0.01974  -0.01048 529 LYS A O   
59  C CB  . LYS A 10 ? 0.16478 0.29220 0.18095 0.00402  -0.03473 -0.07239 529 LYS A CB  
60  C CG  . LYS A 10 ? 0.16696 0.33323 0.21918 0.01173  -0.03290 -0.09271 529 LYS A CG  
61  C CD  . LYS A 10 ? 0.19514 0.36489 0.23086 -0.04688 -0.06299 -0.08620 529 LYS A CD  
62  C CE  . LYS A 10 ? 0.24941 0.48786 0.24482 -0.08037 -0.07671 -0.06045 529 LYS A CE  
63  N NZ  . LYS A 10 ? 0.36640 0.46263 0.30102 -0.08188 -0.05867 -0.03154 529 LYS A NZ  
64  N N   . LEU A 11 ? 0.14281 0.19209 0.15281 0.01915  0.02776  -0.02332 530 LEU A N   
65  C CA  . LEU A 11 ? 0.14161 0.14927 0.14240 0.02170  0.01440  -0.01087 530 LEU A CA  
66  C C   . LEU A 11 ? 0.13508 0.16522 0.16271 0.03155  0.03196  -0.00359 530 LEU A C   
67  O O   . LEU A 11 ? 0.14624 0.16676 0.15583 0.00341  0.02257  -0.00856 530 LEU A O   
68  C CB  . LEU A 11 ? 0.15021 0.13519 0.19608 0.02842  0.04776  0.00797  530 LEU A CB  
69  C CG  . LEU A 11 ? 0.17855 0.18260 0.16646 0.02706  0.03926  -0.00224 530 LEU A CG  
70  C CD1 . LEU A 11 ? 0.17385 0.16627 0.23384 0.03872  0.01900  -0.02086 530 LEU A CD1 
71  C CD2 . LEU A 11 ? 0.20727 0.24855 0.15485 0.02396  0.05199  0.02301  530 LEU A CD2 
72  N N   . ASP A 12 ? 0.13107 0.18099 0.16248 0.01927  0.02548  -0.01698 531 ASP A N   
73  C CA  . ASP A 12 ? 0.12717 0.19517 0.14175 0.01472  0.02701  0.00683  531 ASP A CA  
74  C C   . ASP A 12 ? 0.14335 0.18970 0.15038 0.01590  0.00427  0.01193  531 ASP A C   
75  O O   . ASP A 12 ? 0.14465 0.16301 0.14091 0.00948  0.02232  0.00211  531 ASP A O   
76  C CB  . ASP A 12 ? 0.14358 0.14894 0.16481 0.00144  0.04263  0.03000  531 ASP A CB  
77  C CG  . ASP A 12 ? 0.15627 0.17115 0.12602 0.00945  0.02937  -0.00758 531 ASP A CG  
78  O OD1 . ASP A 12 ? 0.19707 0.17671 0.16255 0.01663  0.02777  -0.01507 531 ASP A OD1 
79  O OD2 . ASP A 12 ? 0.17260 0.21173 0.14695 -0.00180 0.03581  0.01607  531 ASP A OD2 
80  N N   . ASP A 13 ? 0.15016 0.17537 0.12955 0.01364  0.01649  0.00429  532 ASP A N   
81  C CA  . ASP A 13 ? 0.16618 0.15924 0.12267 -0.00233 0.01010  -0.00479 532 ASP A CA  
82  C C   . ASP A 13 ? 0.12044 0.19041 0.09532 0.00974  0.00954  -0.00380 532 ASP A C   
83  O O   . ASP A 13 ? 0.15110 0.19184 0.12382 -0.00358 -0.00266 -0.00691 532 ASP A O   
84  C CB  . ASP A 13 ? 0.16470 0.20503 0.14786 -0.00997 0.01965  -0.06610 532 ASP A CB  
85  C CG  . ASP A 13 ? 0.27395 0.26437 0.25960 -0.03376 0.03310  -0.02378 532 ASP A CG  
86  O OD1 . ASP A 13 ? 0.30932 0.26793 0.19308 -0.03507 0.03774  -0.03486 532 ASP A OD1 
87  O OD2 . ASP A 13 ? 0.31091 0.38638 0.27054 -0.06197 0.06536  -0.11079 532 ASP A OD2 
88  N N   . VAL A 14 ? 0.13917 0.15129 0.13221 0.00378  0.05503  -0.02026 533 VAL A N   
89  C CA  . VAL A 14 ? 0.13725 0.18916 0.10719 -0.00387 0.02815  -0.02534 533 VAL A CA  
90  C C   . VAL A 14 ? 0.15217 0.17203 0.08528 -0.02291 -0.00067 -0.00187 533 VAL A C   
91  O O   . VAL A 14 ? 0.13246 0.18828 0.11617 -0.00485 0.00816  -0.01344 533 VAL A O   
92  C CB  . VAL A 14 ? 0.12584 0.17376 0.11069 0.01449  0.04171  -0.03386 533 VAL A CB  
93  C CG1 . VAL A 14 ? 0.16009 0.17987 0.09433 0.01056  0.03340  -0.02511 533 VAL A CG1 
94  C CG2 . VAL A 14 ? 0.10943 0.20682 0.15120 -0.00332 -0.01188 -0.03301 533 VAL A CG2 
95  N N   . ILE A 15 ? 0.14837 0.14098 0.13227 -0.01468 0.01424  -0.01487 534 ILE A N   
96  C CA  . ILE A 15 ? 0.15912 0.14417 0.15181 0.00344  -0.00527 0.00024  534 ILE A CA  
97  C C   . ILE A 15 ? 0.13692 0.17250 0.15570 0.01889  0.00025  -0.01638 534 ILE A C   
98  O O   . ILE A 15 ? 0.13428 0.14456 0.17693 0.01086  0.00922  -0.01287 534 ILE A O   
99  C CB  . ILE A 15 ? 0.12525 0.13799 0.15535 -0.00206 0.02931  -0.00591 534 ILE A CB  
100 C CG1 . ILE A 15 ? 0.15016 0.16027 0.15741 0.00156  0.03574  -0.00123 534 ILE A CG1 
101 C CG2 . ILE A 15 ? 0.12309 0.19391 0.14423 -0.00235 0.01891  -0.00308 534 ILE A CG2 
102 C CD1 . ILE A 15 ? 0.18786 0.15166 0.19628 0.02510  0.04040  0.02810  534 ILE A CD1 
103 N N   . ALA A 16 ? 0.14629 0.11513 0.16280 -0.00392 0.02813  -0.00039 535 ALA A N   
104 C CA  . ALA A 16 ? 0.16220 0.15197 0.12817 0.04483  0.03418  0.01401  535 ALA A CA  
105 C C   . ALA A 16 ? 0.14736 0.15763 0.12299 0.01705  0.00012  0.00939  535 ALA A C   
106 O O   . ALA A 16 ? 0.16844 0.15580 0.12585 0.02373  0.02333  -0.01037 535 ALA A O   
107 C CB  . ALA A 16 ? 0.17614 0.17625 0.12625 0.03427  0.05488  -0.01363 535 ALA A CB  
108 N N   . ALA A 17 ? 0.16440 0.12892 0.13130 -0.01061 0.01931  0.00203  536 ALA A N   
109 C CA  . ALA A 17 ? 0.15267 0.13703 0.09675 -0.00265 -0.00987 -0.01882 536 ALA A CA  
110 C C   . ALA A 17 ? 0.15410 0.16105 0.11571 0.01056  0.01967  -0.02067 536 ALA A C   
111 O O   . ALA A 17 ? 0.16400 0.13839 0.13872 0.00797  0.01281  -0.01197 536 ALA A O   
112 C CB  . ALA A 17 ? 0.12506 0.15341 0.16482 -0.03231 0.02160  -0.03915 536 ALA A CB  
113 N N   . LEU A 18 ? 0.14021 0.14360 0.13561 -0.01292 0.03040  -0.02747 537 LEU A N   
114 C CA  . LEU A 18 ? 0.15280 0.12477 0.13887 0.02475  0.00904  -0.04125 537 LEU A CA  
115 C C   . LEU A 18 ? 0.12635 0.15940 0.10167 0.03295  0.00348  -0.01135 537 LEU A C   
116 O O   . LEU A 18 ? 0.17495 0.15769 0.13035 0.00943  -0.00249 -0.00008 537 LEU A O   
117 C CB  . LEU A 18 ? 0.14396 0.12255 0.13833 0.01874  0.00602  -0.02820 537 LEU A CB  
118 C CG  . LEU A 18 ? 0.13910 0.18726 0.11927 0.00429  0.00648  -0.04504 537 LEU A CG  
119 C CD1 . LEU A 18 ? 0.20013 0.14014 0.18321 0.04846  0.01309  -0.02520 537 LEU A CD1 
120 C CD2 . LEU A 18 ? 0.17193 0.18595 0.16143 -0.02866 0.03806  -0.01542 537 LEU A CD2 
121 N N   . ALA A 19 ? 0.13577 0.14147 0.16159 0.00623  0.02368  -0.02130 538 ALA A N   
122 C CA  . ALA A 19 ? 0.12909 0.11489 0.17673 0.00833  0.00691  0.00572  538 ALA A CA  
123 C C   . ALA A 19 ? 0.15990 0.14780 0.14370 0.00369  -0.00551 0.00425  538 ALA A C   
124 O O   . ALA A 19 ? 0.17400 0.19647 0.16708 0.00439  -0.00392 0.01446  538 ALA A O   
125 C CB  . ALA A 19 ? 0.14597 0.14635 0.20058 -0.03876 0.02593  0.01215  538 ALA A CB  
126 N N   . ARG A 20 ? 0.16274 0.13409 0.15608 -0.00846 0.00990  -0.01319 539 ARG A N   
127 C CA  . ARG A 20 ? 0.18273 0.14403 0.14217 0.01331  0.01588  -0.01267 539 ARG A CA  
128 C C   . ARG A 20 ? 0.14421 0.14831 0.13775 0.03359  -0.00971 -0.00567 539 ARG A C   
129 O O   . ARG A 20 ? 0.19857 0.17256 0.17049 0.02155  -0.03403 0.00526  539 ARG A O   
130 C CB  . ARG A 20 ? 0.21508 0.15607 0.13560 0.02269  0.03543  -0.02868 539 ARG A CB  
131 C CG  . ARG A 20 ? 0.22571 0.19508 0.12988 -0.00104 0.04436  -0.03026 539 ARG A CG  
132 C CD  . ARG A 20 ? 0.23565 0.17627 0.15815 0.00219  0.03972  -0.04934 539 ARG A CD  
133 N NE  . ARG A 20 ? 0.23723 0.16961 0.16956 -0.01260 0.04503  -0.04819 539 ARG A NE  
134 C CZ  . ARG A 20 ? 0.20540 0.17779 0.17898 0.00751  0.04265  -0.02043 539 ARG A CZ  
135 N NH1 . ARG A 20 ? 0.21060 0.14137 0.17416 -0.01874 0.05033  -0.00852 539 ARG A NH1 
136 N NH2 . ARG A 20 ? 0.23771 0.20747 0.19855 -0.01336 0.07498  -0.06238 539 ARG A NH2 
137 N N   . ILE A 21 ? 0.15028 0.14686 0.14034 -0.00252 0.02441  -0.01196 540 ILE A N   
138 C CA  . ILE A 21 ? 0.16274 0.18550 0.13590 -0.01079 -0.01237 0.01642  540 ILE A CA  
139 C C   . ILE A 21 ? 0.18994 0.18488 0.13212 0.03751  -0.04608 0.02032  540 ILE A C   
140 O O   . ILE A 21 ? 0.21199 0.20052 0.12943 0.03565  -0.02491 -0.00884 540 ILE A O   
141 C CB  . ILE A 21 ? 0.15288 0.17693 0.12954 -0.00154 0.01726  -0.00772 540 ILE A CB  
142 C CG1 . ILE A 21 ? 0.14686 0.16392 0.13024 0.00242  -0.00891 -0.01686 540 ILE A CG1 
143 C CG2 . ILE A 21 ? 0.18387 0.21003 0.13337 0.01433  0.01939  -0.01215 540 ILE A CG2 
144 C CD1 . ILE A 21 ? 0.16032 0.15884 0.14853 0.01706  0.01068  -0.01048 540 ILE A CD1 
145 N N   . GLU A 22 ? 0.18934 0.15609 0.15236 0.03317  0.00299  -0.03184 541 GLU A N   
146 C CA  . GLU A 22 ? 0.20409 0.17548 0.17441 0.01351  -0.05665 -0.01902 541 GLU A CA  
147 C C   . GLU A 22 ? 0.20271 0.25071 0.20887 0.00711  -0.06400 -0.05310 541 GLU A C   
148 O O   . GLU A 22 ? 0.23526 0.27489 0.20620 0.05601  -0.08421 -0.04080 541 GLU A O   
149 C CB  . GLU A 22 ? 0.15245 0.22585 0.16632 0.01419  -0.00331 -0.03730 541 GLU A CB  
150 C CG  . GLU A 22 ? 0.16106 0.21954 0.18163 0.02039  0.01430  -0.03932 541 GLU A CG  
151 C CD  . GLU A 22 ? 0.29360 0.18103 0.23273 0.01297  0.06785  -0.01526 541 GLU A CD  
152 O OE1 . GLU A 22 ? 0.41766 0.19004 0.23898 0.00528  0.07435  -0.02596 541 GLU A OE1 
153 O OE2 . GLU A 22 ? 0.34945 0.21601 0.20336 0.04264  0.02341  -0.02643 541 GLU A OE2 
154 N N   . ALA A 23 ? 0.15371 0.22187 0.26438 0.01247  -0.04177 -0.01890 542 ALA A N   
155 C CA  . ALA A 23 ? 0.16010 0.28563 0.28409 0.02210  -0.02862 0.01357  542 ALA A CA  
156 C C   . ALA A 23 ? 0.26034 0.26214 0.29173 0.05797  -0.09452 -0.00441 542 ALA A C   
157 O O   . ALA A 23 ? 0.25507 0.36964 0.36629 0.06974  -0.11238 0.02192  542 ALA A O   
158 C CB  . ALA A 23 ? 0.13412 0.37621 0.24108 0.03849  0.03089  0.02335  542 ALA A CB  
159 N N   . ASP A 24 ? 0.28937 0.23475 0.30892 0.05430  -0.06568 -0.00027 543 ASP A N   
160 C CA  . ASP A 24 ? 0.41544 0.23685 0.37244 0.07456  -0.03315 0.01477  543 ASP A CA  
161 C C   . ASP A 24 ? 0.51551 0.31880 0.38935 0.08469  -0.04180 0.07921  543 ASP A C   
162 O O   . ASP A 24 ? 0.62548 0.34545 0.41867 0.05064  -0.01342 0.06460  543 ASP A O   
163 C CB  . ASP A 24 ? 0.40085 0.18099 0.36866 0.01129  0.03118  -0.06523 543 ASP A CB  
164 C CG  . ASP A 24 ? 0.42392 0.37270 0.53453 0.00071  0.09336  -0.09512 543 ASP A CG  
165 O OD1 . ASP A 24 ? 0.41651 0.49278 0.64093 0.04310  0.12384  -0.10791 543 ASP A OD1 
166 O OD2 . ASP A 24 ? 0.53311 0.34548 0.51587 -0.03982 0.13567  -0.13796 543 ASP A OD2 
167 N N   . ARG A 25 ? 0.48901 0.40502 0.34136 0.10377  -0.04712 0.06948  544 ARG A N   
168 C CA  . ARG A 25 ? 0.58754 0.52679 0.49295 0.10481  -0.08735 0.14074  544 ARG A CA  
169 C C   . ARG A 25 ? 0.57805 0.62223 0.55361 0.12339  -0.13916 0.12170  544 ARG A C   
170 O O   . ARG A 25 ? 0.64225 0.68813 0.58902 0.10644  -0.15020 0.08944  544 ARG A O   
171 C CB  . ARG A 25 ? 0.67403 0.58794 0.64967 0.07868  -0.04156 0.14568  544 ARG A CB  
172 C CG  . ARG A 25 ? 0.75233 0.62147 0.84315 0.04381  -0.00491 0.16485  544 ARG A CG  
173 C CD  . ARG A 25 ? 0.84650 0.63560 1.00334 -0.00207 0.02362  0.18461  544 ARG A CD  
174 N NE  . ARG A 25 ? 0.92944 0.64073 1.12692 -0.04443 0.05182  0.20644  544 ARG A NE  
175 C CZ  . ARG A 25 ? 0.94045 0.64379 1.20334 -0.05574 0.06173  0.20894  544 ARG A CZ  
176 N NH1 . ARG A 25 ? 0.94212 0.62980 1.22146 -0.04686 0.06194  0.20996  544 ARG A NH1 
177 N NH2 . ARG A 25 ? 0.93706 0.65743 1.22555 -0.06719 0.04430  0.20143  544 ARG A NH2 
178 N N   . VAL B 4  ? 0.89527 0.73428 1.11881 0.04994  0.10922  0.16082  523 VAL B N   
179 C CA  . VAL B 4  ? 0.85873 0.71120 1.10593 0.05810  0.09075  0.16946  523 VAL B CA  
180 C C   . VAL B 4  ? 0.81385 0.72020 1.06761 0.05865  0.04439  0.17082  523 VAL B C   
181 O O   . VAL B 4  ? 0.80568 0.77244 1.10499 0.08647  0.03056  0.16596  523 VAL B O   
182 C CB  . VAL B 4  ? 0.87534 0.67849 1.11741 0.06230  0.09702  0.17893  523 VAL B CB  
183 C CG1 . VAL B 4  ? 0.89167 0.69597 1.11292 0.05486  0.09123  0.17609  523 VAL B CG1 
184 C CG2 . VAL B 4  ? 0.86523 0.66911 1.12444 0.06186  0.10602  0.18318  523 VAL B CG2 
185 N N   . GLU B 5  ? 0.79053 0.65951 0.95824 0.02952  0.00777  0.17174  524 GLU B N   
186 C CA  . GLU B 5  ? 0.73697 0.65574 0.82824 0.01257  -0.03139 0.15084  524 GLU B CA  
187 C C   . GLU B 5  ? 0.62020 0.63314 0.70278 -0.00344 -0.04234 0.19379  524 GLU B C   
188 O O   . GLU B 5  ? 0.56489 0.68521 0.69093 0.03079  -0.02836 0.19091  524 GLU B O   
189 C CB  . GLU B 5  ? 0.77118 0.68540 0.80029 0.00261  -0.07328 0.11217  524 GLU B CB  
190 C CG  . GLU B 5  ? 0.81854 0.71867 0.81532 -0.01774 -0.07592 0.12891  524 GLU B CG  
191 C CD  . GLU B 5  ? 0.88297 0.74507 0.86636 -0.04358 -0.05106 0.11566  524 GLU B CD  
192 O OE1 . GLU B 5  ? 0.92840 0.72873 0.88377 -0.05437 -0.01143 0.09373  524 GLU B OE1 
193 O OE2 . GLU B 5  ? 0.89224 0.76031 0.87165 -0.05137 -0.07349 0.12504  524 GLU B OE2 
194 N N   . SER B 6  ? 0.50336 0.55551 0.52774 -0.00669 -0.07449 0.18369  525 SER B N   
195 C CA  . SER B 6  ? 0.43436 0.42686 0.35248 0.02517  -0.08674 0.11097  525 SER B CA  
196 C C   . SER B 6  ? 0.38179 0.35027 0.23135 0.02234  -0.11251 0.04046  525 SER B C   
197 O O   . SER B 6  ? 0.35718 0.30585 0.21306 -0.00021 -0.09201 0.01205  525 SER B O   
198 C CB  . SER B 6  ? 0.36058 0.47480 0.26435 0.02360  -0.14130 0.05788  525 SER B CB  
199 O OG  . SER B 6  ? 0.24596 0.54092 0.27217 0.01340  -0.09054 0.08168  525 SER B OG  
200 N N   . VAL B 7  ? 0.30214 0.34624 0.23400 0.01024  -0.05710 0.02058  526 VAL B N   
201 C CA  . VAL B 7  ? 0.26751 0.33926 0.13031 -0.02012 -0.00541 -0.03701 526 VAL B CA  
202 C C   . VAL B 7  ? 0.21095 0.33777 0.13919 -0.05381 0.00559  -0.02766 526 VAL B C   
203 O O   . VAL B 7  ? 0.23686 0.25200 0.16047 -0.05436 -0.02990 0.01089  526 VAL B O   
204 C CB  . VAL B 7  ? 0.28964 0.36912 0.12389 -0.04213 -0.01334 -0.05134 526 VAL B CB  
205 C CG1 . VAL B 7  ? 0.27576 0.30651 0.19468 -0.05952 -0.00336 0.01870  526 VAL B CG1 
206 C CG2 . VAL B 7  ? 0.33885 0.38355 0.15234 -0.04724 0.06089  -0.00142 526 VAL B CG2 
207 N N   . ASN B 8  ? 0.20835 0.35369 0.20318 -0.04355 -0.00994 -0.02000 527 ASN B N   
208 C CA  . ASN B 8  ? 0.20802 0.35610 0.22895 -0.08233 0.00240  -0.04605 527 ASN B CA  
209 C C   . ASN B 8  ? 0.18395 0.33077 0.18205 -0.03599 -0.02571 0.00531  527 ASN B C   
210 O O   . ASN B 8  ? 0.16677 0.32064 0.16982 -0.03965 -0.01553 0.00508  527 ASN B O   
211 C CB  . ASN B 8  ? 0.19193 0.47559 0.30839 -0.11297 0.02074  -0.03134 527 ASN B CB  
212 C CG  . ASN B 8  ? 0.19105 0.53958 0.45699 -0.07164 0.04289  -0.01268 527 ASN B CG  
213 O OD1 . ASN B 8  ? 0.27263 0.62116 0.58142 -0.05382 0.04034  0.00716  527 ASN B OD1 
214 N ND2 . ASN B 8  ? 0.22374 0.49535 0.48766 -0.08737 -0.01448 0.00699  527 ASN B ND2 
215 N N   . GLN B 9  ? 0.17122 0.34010 0.21720 0.01326  -0.03383 0.00904  528 GLN B N   
216 C CA  . GLN B 9  ? 0.18384 0.30226 0.20596 0.03790  -0.01862 0.01286  528 GLN B CA  
217 C C   . GLN B 9  ? 0.16809 0.24095 0.18072 0.03213  -0.02141 0.03091  528 GLN B C   
218 O O   . GLN B 9  ? 0.20597 0.24617 0.18478 0.00767  -0.03045 0.03276  528 GLN B O   
219 C CB  . GLN B 9  ? 0.22166 0.39584 0.29499 0.10046  -0.05918 0.02807  528 GLN B CB  
220 C CG  . GLN B 9  ? 0.30607 0.52052 0.40163 0.12508  -0.08107 0.08480  528 GLN B CG  
221 C CD  . GLN B 9  ? 0.37168 0.63915 0.51900 0.12716  0.00613  0.09887  528 GLN B CD  
222 O OE1 . GLN B 9  ? 0.44527 0.63296 0.51321 0.10011  0.04473  0.12251  528 GLN B OE1 
223 N NE2 . GLN B 9  ? 0.40726 0.70660 0.59249 0.13903  0.01325  0.07589  528 GLN B NE2 
224 N N   . LYS B 10 ? 0.16625 0.25639 0.18774 0.02655  -0.00223 0.02318  529 LYS B N   
225 C CA  . LYS B 10 ? 0.18898 0.21618 0.11755 -0.00268 0.01335  0.07013  529 LYS B CA  
226 C C   . LYS B 10 ? 0.15713 0.16254 0.13542 -0.03338 0.00574  0.02824  529 LYS B C   
227 O O   . LYS B 10 ? 0.14922 0.18774 0.15542 -0.01406 -0.00325 0.00192  529 LYS B O   
228 C CB  . LYS B 10 ? 0.21680 0.20762 0.12596 -0.01233 0.04211  0.06240  529 LYS B CB  
229 C CG  . LYS B 10 ? 0.20665 0.23173 0.16097 0.01930  0.07026  0.06726  529 LYS B CG  
230 C CD  . LYS B 10 ? 0.20160 0.22971 0.16079 0.02440  -0.00932 0.09014  529 LYS B CD  
231 C CE  . LYS B 10 ? 0.20133 0.29891 0.24114 0.04636  -0.00821 0.08130  529 LYS B CE  
232 N NZ  . LYS B 10 ? 0.20971 0.35167 0.22598 -0.01287 0.03108  0.04683  529 LYS B NZ  
233 N N   . LEU B 11 ? 0.15222 0.17280 0.17442 -0.01608 -0.00626 0.02446  530 LEU B N   
234 C CA  . LEU B 11 ? 0.16834 0.15525 0.17135 -0.01026 0.01354  0.01627  530 LEU B CA  
235 C C   . LEU B 11 ? 0.11993 0.19350 0.16346 -0.01422 0.01054  0.02244  530 LEU B C   
236 O O   . LEU B 11 ? 0.17817 0.17775 0.14609 -0.01823 0.00582  0.01660  530 LEU B O   
237 C CB  . LEU B 11 ? 0.22334 0.16112 0.17952 -0.01991 0.03491  0.00340  530 LEU B CB  
238 C CG  . LEU B 11 ? 0.25529 0.17121 0.18372 -0.04468 0.05745  0.01132  530 LEU B CG  
239 C CD1 . LEU B 11 ? 0.36278 0.20161 0.20119 -0.07618 0.03209  -0.02840 530 LEU B CD1 
240 C CD2 . LEU B 11 ? 0.26692 0.21277 0.23972 0.01064  0.06449  0.03600  530 LEU B CD2 
241 N N   . ASP B 12 ? 0.12566 0.20280 0.15087 -0.02478 0.01968  0.00250  531 ASP B N   
242 C CA  . ASP B 12 ? 0.15687 0.22542 0.16785 -0.01821 0.01741  0.01582  531 ASP B CA  
243 C C   . ASP B 12 ? 0.14028 0.21643 0.17420 -0.00671 -0.00783 0.04219  531 ASP B C   
244 O O   . ASP B 12 ? 0.14895 0.21116 0.18121 0.00599  -0.01413 0.02610  531 ASP B O   
245 C CB  . ASP B 12 ? 0.13506 0.28483 0.23444 0.00844  0.02744  -0.02649 531 ASP B CB  
246 C CG  . ASP B 12 ? 0.14798 0.36922 0.29001 -0.00307 0.02839  -0.05325 531 ASP B CG  
247 O OD1 . ASP B 12 ? 0.18680 0.30302 0.32568 -0.02904 0.03896  -0.03230 531 ASP B OD1 
248 O OD2 . ASP B 12 ? 0.16906 0.45078 0.35396 0.00269  -0.02099 -0.06595 531 ASP B OD2 
249 N N   . ASP B 13 ? 0.14237 0.19632 0.17092 0.00618  -0.01108 0.02932  532 ASP B N   
250 C CA  . ASP B 13 ? 0.15656 0.18894 0.15062 -0.00602 -0.01829 0.03085  532 ASP B CA  
251 C C   . ASP B 13 ? 0.15249 0.17582 0.12433 -0.00811 -0.00057 -0.00629 532 ASP B C   
252 O O   . ASP B 13 ? 0.18054 0.16799 0.14918 -0.02003 0.00120  0.01866  532 ASP B O   
253 C CB  . ASP B 13 ? 0.24079 0.16604 0.16379 0.01084  -0.00701 0.05523  532 ASP B CB  
254 C CG  . ASP B 13 ? 0.33347 0.26381 0.23090 0.01155  -0.00388 0.08646  532 ASP B CG  
255 O OD1 . ASP B 13 ? 0.35616 0.27144 0.29338 0.05663  0.00579  0.07942  532 ASP B OD1 
256 O OD2 . ASP B 13 ? 0.33180 0.35955 0.29691 -0.00493 -0.01432 0.17031  532 ASP B OD2 
257 N N   . VAL B 14 ? 0.15331 0.15160 0.14852 -0.00635 0.02154  0.00071  533 VAL B N   
258 C CA  . VAL B 14 ? 0.11579 0.18479 0.13348 0.00213  0.00959  0.02708  533 VAL B CA  
259 C C   . VAL B 14 ? 0.10320 0.17862 0.13718 0.01183  0.01686  0.01772  533 VAL B C   
260 O O   . VAL B 14 ? 0.14109 0.15671 0.14827 0.00965  0.01517  0.01496  533 VAL B O   
261 C CB  . VAL B 14 ? 0.12882 0.16163 0.14088 -0.00160 0.04171  0.01947  533 VAL B CB  
262 C CG1 . VAL B 14 ? 0.12636 0.15289 0.17072 0.01277  0.00500  0.00979  533 VAL B CG1 
263 C CG2 . VAL B 14 ? 0.18032 0.16252 0.16378 -0.04340 0.02954  0.03121  533 VAL B CG2 
264 N N   . ILE B 15 ? 0.11789 0.15195 0.15185 -0.01048 0.03129  0.02021  534 ILE B N   
265 C CA  . ILE B 15 ? 0.17506 0.12922 0.15336 -0.03175 0.01431  -0.00126 534 ILE B CA  
266 C C   . ILE B 15 ? 0.14832 0.12208 0.14808 0.00219  0.01989  0.00802  534 ILE B C   
267 O O   . ILE B 15 ? 0.13719 0.18004 0.12083 0.00139  0.01089  0.00536  534 ILE B O   
268 C CB  . ILE B 15 ? 0.14113 0.16284 0.16094 -0.04412 0.02453  0.00874  534 ILE B CB  
269 C CG1 . ILE B 15 ? 0.17460 0.17208 0.16836 -0.03688 0.00983  -0.01567 534 ILE B CG1 
270 C CG2 . ILE B 15 ? 0.13811 0.17695 0.14181 -0.03313 0.02632  0.03642  534 ILE B CG2 
271 C CD1 . ILE B 15 ? 0.14675 0.19827 0.17911 -0.04013 -0.00091 -0.00428 534 ILE B CD1 
272 N N   . ALA B 16 ? 0.12218 0.12129 0.16658 0.00148  0.04967  0.00882  535 ALA B N   
273 C CA  . ALA B 16 ? 0.12542 0.14967 0.16679 0.01460  0.02493  -0.02886 535 ALA B CA  
274 C C   . ALA B 16 ? 0.13291 0.18041 0.13205 0.00858  0.00867  0.02135  535 ALA B C   
275 O O   . ALA B 16 ? 0.15344 0.17125 0.12579 0.00347  0.01130  -0.01326 535 ALA B O   
276 C CB  . ALA B 16 ? 0.15524 0.17260 0.18359 0.04571  0.00727  -0.01633 535 ALA B CB  
277 N N   . ALA B 17 ? 0.13431 0.11835 0.16462 -0.01400 0.01015  0.02264  536 ALA B N   
278 C CA  . ALA B 17 ? 0.13163 0.16440 0.17774 -0.01554 0.00921  0.02848  536 ALA B CA  
279 C C   . ALA B 17 ? 0.15554 0.13356 0.15619 -0.01343 0.01172  -0.02742 536 ALA B C   
280 O O   . ALA B 17 ? 0.13885 0.15497 0.14425 -0.01214 0.01629  -0.00315 536 ALA B O   
281 C CB  . ALA B 17 ? 0.15835 0.18900 0.16867 -0.02592 0.05304  0.05276  536 ALA B CB  
282 N N   . LEU B 18 ? 0.11330 0.14568 0.15129 0.00433  0.02721  0.01958  537 LEU B N   
283 C CA  . LEU B 18 ? 0.14871 0.13246 0.12660 0.02460  0.00474  -0.00511 537 LEU B CA  
284 C C   . LEU B 18 ? 0.09046 0.16758 0.12580 -0.00970 0.01290  -0.01891 537 LEU B C   
285 O O   . LEU B 18 ? 0.13740 0.15674 0.12895 -0.00135 0.01372  -0.00263 537 LEU B O   
286 C CB  . LEU B 18 ? 0.16378 0.12574 0.12662 -0.00798 0.05003  -0.00520 537 LEU B CB  
287 C CG  . LEU B 18 ? 0.11125 0.15687 0.13931 -0.01354 0.03177  0.00437  537 LEU B CG  
288 C CD1 . LEU B 18 ? 0.17388 0.12277 0.15799 -0.01476 0.00208  -0.02674 537 LEU B CD1 
289 C CD2 . LEU B 18 ? 0.13624 0.14633 0.15786 -0.01091 0.01824  0.00377  537 LEU B CD2 
290 N N   . ALA B 19 ? 0.11633 0.12991 0.12572 -0.02131 0.03584  -0.01073 538 ALA B N   
291 C CA  . ALA B 19 ? 0.11647 0.16387 0.13217 -0.01117 0.04445  -0.00672 538 ALA B CA  
292 C C   . ALA B 19 ? 0.15315 0.13417 0.12677 -0.01134 0.03212  0.01639  538 ALA B C   
293 O O   . ALA B 19 ? 0.14940 0.17529 0.12915 -0.00103 0.01269  0.00764  538 ALA B O   
294 C CB  . ALA B 19 ? 0.12798 0.21130 0.14805 -0.00484 0.05231  0.00164  538 ALA B CB  
295 N N   . ARG B 20 ? 0.13809 0.13554 0.14886 -0.00992 0.03748  -0.02837 539 ARG B N   
296 C CA  . ARG B 20 ? 0.15321 0.11163 0.14852 -0.00404 -0.00186 -0.00511 539 ARG B CA  
297 C C   . ARG B 20 ? 0.12296 0.14699 0.14269 0.01163  0.02277  -0.01381 539 ARG B C   
298 O O   . ARG B 20 ? 0.18268 0.18575 0.15239 -0.03642 0.00829  -0.02134 539 ARG B O   
299 C CB  . ARG B 20 ? 0.14445 0.12012 0.17743 0.01386  0.02037  0.01044  539 ARG B CB  
300 C CG  . ARG B 20 ? 0.13440 0.15796 0.18155 0.03242  0.02715  0.01633  539 ARG B CG  
301 C CD  . ARG B 20 ? 0.17362 0.14456 0.18404 0.02008  0.04933  0.01999  539 ARG B CD  
302 N NE  . ARG B 20 ? 0.16564 0.17324 0.16799 -0.00166 0.02774  0.01825  539 ARG B NE  
303 C CZ  . ARG B 20 ? 0.13851 0.15851 0.16144 0.00334  0.03178  0.02034  539 ARG B CZ  
304 N NH1 . ARG B 20 ? 0.14049 0.16556 0.21003 0.00035  0.01251  0.02939  539 ARG B NH1 
305 N NH2 . ARG B 20 ? 0.16214 0.13501 0.22918 0.02587  0.08478  0.01797  539 ARG B NH2 
306 N N   . ILE B 21 ? 0.12857 0.13375 0.15480 -0.00003 0.03367  0.00054  540 ILE B N   
307 C CA  . ILE B 21 ? 0.14164 0.12791 0.17842 -0.00400 0.01631  -0.01197 540 ILE B CA  
308 C C   . ILE B 21 ? 0.15838 0.12080 0.18506 -0.01889 0.00244  -0.00021 540 ILE B C   
309 O O   . ILE B 21 ? 0.15173 0.16094 0.18894 -0.01309 -0.00208 -0.00464 540 ILE B O   
310 C CB  . ILE B 21 ? 0.12385 0.16487 0.15867 0.01088  0.01950  0.02042  540 ILE B CB  
311 C CG1 . ILE B 21 ? 0.15764 0.16761 0.15869 -0.01294 0.01045  0.01215  540 ILE B CG1 
312 C CG2 . ILE B 21 ? 0.11512 0.18573 0.19990 -0.00648 0.01563  0.00824  540 ILE B CG2 
313 C CD1 . ILE B 21 ? 0.15304 0.18299 0.15657 -0.00858 0.03177  -0.02879 540 ILE B CD1 
314 N N   . GLU B 22 ? 0.15499 0.10661 0.16901 -0.01412 0.00698  -0.00084 541 GLU B N   
315 C CA  . GLU B 22 ? 0.15961 0.14859 0.14082 -0.01961 0.02061  -0.00401 541 GLU B CA  
316 C C   . GLU B 22 ? 0.16540 0.15638 0.14081 0.01168  0.02149  -0.01166 541 GLU B C   
317 O O   . GLU B 22 ? 0.16333 0.18084 0.15180 -0.02836 0.00464  0.00830  541 GLU B O   
318 C CB  . GLU B 22 ? 0.17902 0.12859 0.15711 -0.02931 0.02235  0.00157  541 GLU B CB  
319 C CG  . GLU B 22 ? 0.21223 0.11781 0.18884 -0.03150 0.01116  0.02071  541 GLU B CG  
320 C CD  . GLU B 22 ? 0.20234 0.13778 0.17824 -0.01516 0.00943  -0.00269 541 GLU B CD  
321 O OE1 . GLU B 22 ? 0.24561 0.15746 0.21427 -0.04979 -0.00526 0.01429  541 GLU B OE1 
322 O OE2 . GLU B 22 ? 0.20229 0.16566 0.21897 -0.02580 0.01966  0.01283  541 GLU B OE2 
323 N N   . ALA B 23 ? 0.15166 0.16416 0.15317 -0.01742 0.02022  -0.00290 542 ALA B N   
324 C CA  . ALA B 23 ? 0.15122 0.19833 0.13418 -0.02562 -0.00981 -0.02290 542 ALA B CA  
325 C C   . ALA B 23 ? 0.16854 0.19707 0.13073 -0.02578 0.01030  0.00805  542 ALA B C   
326 O O   . ALA B 23 ? 0.19772 0.26535 0.13213 -0.00219 -0.01532 -0.01100 542 ALA B O   
327 C CB  . ALA B 23 ? 0.14745 0.17576 0.17970 0.00796  0.02468  0.00942  542 ALA B CB  
328 N N   . ASP B 24 ? 0.17179 0.17989 0.19314 -0.03694 0.02483  0.00561  543 ASP B N   
329 C CA  . ASP B 24 ? 0.20679 0.20911 0.22048 -0.05001 0.03755  -0.03103 543 ASP B CA  
330 C C   . ASP B 24 ? 0.17429 0.30422 0.23995 -0.04249 0.00187  -0.03850 543 ASP B C   
331 O O   . ASP B 24 ? 0.25179 0.37208 0.26902 -0.02453 -0.06381 -0.05681 543 ASP B O   
332 C CB  . ASP B 24 ? 0.20225 0.26110 0.24917 -0.10848 0.02352  -0.03833 543 ASP B CB  
333 C CG  . ASP B 24 ? 0.34894 0.38830 0.33575 -0.14197 0.06576  -0.07251 543 ASP B CG  
334 O OD1 . ASP B 24 ? 0.43663 0.40168 0.36923 -0.17905 0.08575  -0.10059 543 ASP B OD1 
335 O OD2 . ASP B 24 ? 0.40528 0.37981 0.38042 -0.17298 0.04492  -0.06079 543 ASP B OD2 
336 N N   . ARG B 25 ? 0.16403 0.30066 0.24382 -0.03243 -0.02190 -0.01895 544 ARG B N   
337 C CA  . ARG B 25 ? 0.21707 0.30467 0.24162 -0.00141 -0.04523 -0.02961 544 ARG B CA  
338 C C   . ARG B 25 ? 0.19102 0.38507 0.26437 0.02044  -0.07037 0.02163  544 ARG B C   
339 O O   . ARG B 25 ? 0.21103 0.44346 0.30159 0.00948  -0.06761 0.01534  544 ARG B O   
340 C CB  . ARG B 25 ? 0.27477 0.31498 0.26367 0.07177  -0.07185 -0.06321 544 ARG B CB  
341 C CG  . ARG B 25 ? 0.27610 0.35801 0.29593 0.05670  -0.00137 0.01044  544 ARG B CG  
342 C CD  . ARG B 25 ? 0.25537 0.37576 0.28599 0.02099  0.05708  0.00452  544 ARG B CD  
343 N NE  . ARG B 25 ? 0.25914 0.35679 0.28123 -0.02470 0.04993  -0.02147 544 ARG B NE  
344 C CZ  . ARG B 25 ? 0.21683 0.33461 0.27808 -0.03537 0.03673  0.02111  544 ARG B CZ  
345 N NH1 . ARG B 25 ? 0.21820 0.32499 0.27141 -0.04132 -0.01553 0.02066  544 ARG B NH1 
346 N NH2 . ARG B 25 ? 0.30816 0.31263 0.32394 -0.01957 0.02468  0.06678  544 ARG B NH2 
347 N N   . LYS B 26 ? 0.22044 0.33118 0.24792 0.02309  -0.01791 0.01110  545 LYS B N   
348 C CA  . LYS B 26 ? 0.24917 0.38289 0.25638 0.03845  -0.03684 0.03027  545 LYS B CA  
349 C C   . LYS B 26 ? 0.31887 0.47715 0.24722 0.03484  -0.05661 0.01437  545 LYS B C   
350 O O   . LYS B 26 ? 0.36200 0.58986 0.25586 0.04376  -0.03858 -0.00286 545 LYS B O   
351 C CB  . LYS B 26 ? 0.22451 0.38945 0.33118 -0.00446 -0.00068 0.08043  545 LYS B CB  
352 C CG  . LYS B 26 ? 0.24062 0.48362 0.42329 0.06896  -0.01593 0.06204  545 LYS B CG  
353 C CD  . LYS B 26 ? 0.31474 0.50325 0.50506 0.06060  0.02440  0.05589  545 LYS B CD  
354 C CE  . LYS B 26 ? 0.39978 0.55032 0.58632 0.03200  0.08474  0.01836  545 LYS B CE  
355 N NZ  . LYS B 26 ? 0.46430 0.55532 0.64247 0.03554  0.10736  -0.02506 545 LYS B NZ  
356 N N   . ASN B 27 ? 0.32767 0.45321 0.24438 0.02528  -0.02951 -0.01308 546 ASN B N   
357 C CA  . ASN B 27 ? 0.37975 0.45469 0.29051 -0.02877 -0.04100 -0.08740 546 ASN B CA  
358 C C   . ASN B 27 ? 0.43425 0.55346 0.32515 -0.07851 -0.08495 -0.17643 546 ASN B C   
359 O O   . ASN B 27 ? 0.43046 0.60825 0.33834 -0.10239 -0.02614 -0.15133 546 ASN B O   
360 C CB  . ASN B 27 ? 0.32478 0.38567 0.29745 -0.03851 -0.01008 -0.12027 546 ASN B CB  
361 C CG  . ASN B 27 ? 0.34941 0.36441 0.26606 -0.04496 0.01144  -0.06959 546 ASN B CG  
362 O OD1 . ASN B 27 ? 0.26064 0.37442 0.28717 -0.01399 0.00278  -0.02754 546 ASN B OD1 
363 N ND2 . ASN B 27 ? 0.34935 0.29854 0.25585 -0.04186 -0.00937 -0.06739 546 ASN B ND2 
364 N N   . SER B 28 ? 0.51099 0.62844 0.42337 -0.09485 -0.13203 -0.14227 547 SER B N   
365 C CA  . SER B 28 ? 0.61957 0.67656 0.56389 -0.11151 -0.18738 -0.14433 547 SER B CA  
366 C C   . SER B 28 ? 0.69501 0.72979 0.66497 -0.09096 -0.20482 -0.17172 547 SER B C   
367 O O   . SER B 28 ? 0.67039 0.69706 0.67964 -0.13004 -0.23823 -0.20534 547 SER B O   
368 C CB  . SER B 28 ? 0.67154 0.69866 0.64096 -0.12309 -0.18935 -0.11898 547 SER B CB  
369 O OG  . SER B 28 ? 0.74862 0.71093 0.70580 -0.13399 -0.15504 -0.10267 547 SER B OG  
370 N N   . ASN B 29 ? 0.79759 0.80068 0.70873 -0.03593 -0.19648 -0.19664 548 ASN B N   
371 C CA  . ASN B 29 ? 0.90906 0.88331 0.80752 0.00618  -0.17145 -0.17087 548 ASN B CA  
372 C C   . ASN B 29 ? 0.98528 0.95261 0.87365 0.01995  -0.12292 -0.08773 548 ASN B C   
373 O O   . ASN B 29 ? 0.98335 0.98424 0.89038 0.03407  -0.10565 -0.04951 548 ASN B O   
374 C CB  . ASN B 29 ? 0.94670 0.89666 0.85053 0.02400  -0.20738 -0.20463 548 ASN B CB  
375 C CG  . ASN B 29 ? 0.97802 0.91681 0.88860 0.03780  -0.24414 -0.24196 548 ASN B CG  
376 O OD1 . ASN B 29 ? 0.96519 0.94077 0.91518 0.03143  -0.25891 -0.24144 548 ASN B OD1 
377 N ND2 . ASN B 29 ? 1.01076 0.90943 0.87351 0.05166  -0.25580 -0.27996 548 ASN B ND2 
378 N N   . GLU B 30 ? 1.05761 0.96778 0.90158 0.01162  -0.12621 -0.06528 549 GLU B N   
379 C CA  . GLU B 30 ? 1.11421 0.95156 0.90383 -0.00946 -0.12613 -0.08567 549 GLU B CA  
380 C C   . GLU B 30 ? 1.15899 0.91646 0.91313 -0.01490 -0.11537 -0.10582 549 GLU B C   
381 O O   . GLU B 30 ? 1.17577 0.90507 0.92575 -0.01950 -0.10940 -0.09494 549 GLU B O   
382 C CB  . GLU B 30 ? 1.12246 0.95800 0.89190 -0.03185 -0.14570 -0.07879 549 GLU B CB  
383 C CG  . GLU B 30 ? 1.15209 0.96567 0.87421 -0.05797 -0.18084 -0.07511 549 GLU B CG  
384 C CD  . GLU B 30 ? 1.17108 0.99553 0.87131 -0.08678 -0.20429 -0.07470 549 GLU B CD  
385 O OE1 . GLU B 30 ? 1.16960 1.01859 0.86456 -0.09916 -0.21019 -0.07077 549 GLU B OE1 
386 O OE2 . GLU B 30 ? 1.17616 1.00181 0.88121 -0.09713 -0.21759 -0.07817 549 GLU B OE2 
387 S S   . SO4 C .  ? 0.75405 0.34970 0.37203 0.04998  -0.26190 0.02231  601 SO4 B S   
388 O O1  . SO4 C .  ? 0.75779 0.39950 0.43579 0.05280  -0.26868 0.06742  601 SO4 B O1  
389 O O2  . SO4 C .  ? 0.75605 0.34888 0.37362 0.05219  -0.26495 0.02092  601 SO4 B O2  
390 O O3  . SO4 C .  ? 0.71452 0.34002 0.38656 0.04835  -0.22587 0.03383  601 SO4 B O3  
391 O O4  . SO4 C .  ? 0.75605 0.34888 0.37362 0.05219  -0.26495 0.02092  601 SO4 B O4  
# 
